data_2JRZ
#
_entry.id   2JRZ
#
_entity_poly.entity_id   1
_entity_poly.type   'polypeptide(L)'
_entity_poly.pdbx_seq_one_letter_code
;SMNELEAQTRVKLNYLDQIAKFWEIQGSSLKIPNVERRILDLYSLSKIVVEEGGYEAICKDRRWARVAQRLNYPPGKNIG
SLLRSHYERIVYPYEMYQSGANLVCNTRPFDNEEKDK
;
_entity_poly.pdbx_strand_id   A
#
# COMPACT_ATOMS: atom_id res chain seq x y z
N SER A 1 2.46 -11.62 15.95
CA SER A 1 1.58 -12.60 15.29
C SER A 1 1.54 -12.36 13.77
N MET A 2 2.65 -12.60 13.10
CA MET A 2 2.76 -12.35 11.68
C MET A 2 2.03 -13.42 10.88
N ASN A 3 1.79 -14.57 11.52
CA ASN A 3 1.08 -15.68 10.91
C ASN A 3 -0.27 -15.22 10.34
N GLU A 4 -0.87 -14.23 11.01
CA GLU A 4 -2.12 -13.63 10.55
C GLU A 4 -2.05 -13.32 9.06
N LEU A 5 -0.90 -12.78 8.65
CA LEU A 5 -0.66 -12.44 7.26
C LEU A 5 -0.10 -13.66 6.52
N GLU A 6 0.72 -14.46 7.21
CA GLU A 6 1.40 -15.61 6.60
C GLU A 6 0.46 -16.82 6.40
N ALA A 7 -0.79 -16.67 6.82
CA ALA A 7 -1.80 -17.73 6.77
C ALA A 7 -1.78 -18.54 5.45
N GLN A 8 -1.87 -17.85 4.31
CA GLN A 8 -2.01 -18.52 3.01
C GLN A 8 -0.68 -19.16 2.56
N THR A 9 -0.78 -20.33 1.92
CA THR A 9 0.38 -21.19 1.67
C THR A 9 1.05 -20.95 0.31
N ARG A 10 2.39 -20.78 0.37
CA ARG A 10 3.27 -20.61 -0.80
C ARG A 10 2.80 -19.51 -1.78
N VAL A 11 1.76 -18.78 -1.42
CA VAL A 11 1.33 -17.61 -2.16
C VAL A 11 1.59 -16.37 -1.33
N LYS A 12 1.46 -16.52 -0.01
CA LYS A 12 1.66 -15.41 0.90
C LYS A 12 3.14 -15.30 1.26
N LEU A 13 3.72 -16.42 1.68
CA LEU A 13 5.12 -16.45 2.13
C LEU A 13 6.07 -15.92 1.06
N ASN A 14 5.84 -16.32 -0.19
CA ASN A 14 6.71 -15.90 -1.30
C ASN A 14 6.65 -14.38 -1.47
N TYR A 15 5.43 -13.86 -1.57
CA TYR A 15 5.19 -12.42 -1.72
C TYR A 15 5.76 -11.67 -0.53
N LEU A 16 5.53 -12.20 0.67
CA LEU A 16 5.98 -11.56 1.91
C LEU A 16 7.50 -11.49 1.96
N ASP A 17 8.15 -12.61 1.69
CA ASP A 17 9.61 -12.68 1.71
C ASP A 17 10.20 -11.69 0.71
N GLN A 18 9.58 -11.63 -0.46
CA GLN A 18 9.99 -10.69 -1.51
C GLN A 18 9.78 -9.24 -1.05
N ILE A 19 8.55 -8.95 -0.63
CA ILE A 19 8.15 -7.60 -0.22
C ILE A 19 8.90 -7.18 1.03
N ALA A 20 9.50 -8.14 1.70
CA ALA A 20 10.37 -7.87 2.82
C ALA A 20 11.77 -7.52 2.33
N LYS A 21 12.36 -8.40 1.54
CA LYS A 21 13.75 -8.26 1.12
C LYS A 21 14.01 -6.97 0.35
N PHE A 22 13.20 -6.70 -0.68
CA PHE A 22 13.40 -5.49 -1.51
C PHE A 22 13.43 -4.24 -0.61
N TRP A 23 12.50 -4.19 0.33
CA TRP A 23 12.33 -3.02 1.18
C TRP A 23 13.40 -2.96 2.27
N GLU A 24 13.70 -4.10 2.90
CA GLU A 24 14.66 -4.13 3.99
C GLU A 24 16.07 -3.84 3.47
N ILE A 25 16.37 -4.28 2.26
CA ILE A 25 17.69 -4.07 1.68
C ILE A 25 17.77 -2.67 1.05
N GLN A 26 16.63 -2.01 0.93
CA GLN A 26 16.57 -0.63 0.46
C GLN A 26 17.13 0.31 1.55
N GLY A 27 17.40 -0.26 2.72
CA GLY A 27 17.94 0.51 3.83
C GLY A 27 16.87 0.85 4.85
N SER A 28 15.89 -0.04 4.98
CA SER A 28 14.76 0.18 5.87
C SER A 28 14.26 -1.15 6.42
N SER A 29 13.12 -1.14 7.10
CA SER A 29 12.52 -2.37 7.61
C SER A 29 11.04 -2.42 7.21
N LEU A 30 10.55 -3.62 6.90
CA LEU A 30 9.15 -3.78 6.48
C LEU A 30 8.22 -3.66 7.68
N LYS A 31 7.77 -2.44 7.95
CA LYS A 31 6.85 -2.17 9.04
C LYS A 31 5.44 -1.93 8.51
N ILE A 32 4.64 -2.99 8.48
CA ILE A 32 3.23 -2.90 8.13
C ILE A 32 2.38 -3.21 9.37
N PRO A 33 2.09 -2.18 10.18
CA PRO A 33 1.40 -2.34 11.47
C PRO A 33 -0.05 -2.83 11.33
N ASN A 34 -0.78 -2.81 12.45
CA ASN A 34 -2.13 -3.33 12.52
C ASN A 34 -3.11 -2.23 12.88
N VAL A 35 -4.35 -2.45 12.48
CA VAL A 35 -5.46 -1.61 12.89
C VAL A 35 -6.72 -2.46 12.98
N GLU A 36 -7.51 -2.26 14.03
CA GLU A 36 -8.76 -3.00 14.21
C GLU A 36 -8.50 -4.51 14.33
N ARG A 37 -7.28 -4.86 14.70
CA ARG A 37 -6.84 -6.26 14.85
C ARG A 37 -6.58 -6.89 13.48
N ARG A 38 -6.50 -6.06 12.45
CA ARG A 38 -6.19 -6.51 11.10
C ARG A 38 -4.85 -5.91 10.65
N ILE A 39 -3.89 -6.75 10.30
CA ILE A 39 -2.61 -6.30 9.78
C ILE A 39 -2.78 -5.68 8.39
N LEU A 40 -1.92 -4.72 8.06
CA LEU A 40 -1.96 -4.10 6.74
C LEU A 40 -1.54 -5.10 5.66
N ASP A 41 -2.52 -5.82 5.11
CA ASP A 41 -2.27 -6.80 4.05
C ASP A 41 -1.96 -6.08 2.74
N LEU A 42 -0.67 -5.98 2.43
CA LEU A 42 -0.19 -5.23 1.27
C LEU A 42 -0.71 -5.87 -0.04
N TYR A 43 -0.96 -7.17 0.02
CA TYR A 43 -1.44 -7.91 -1.15
C TYR A 43 -2.71 -7.28 -1.70
N SER A 44 -3.75 -7.28 -0.87
CA SER A 44 -5.05 -6.74 -1.25
C SER A 44 -4.93 -5.26 -1.61
N LEU A 45 -4.15 -4.54 -0.81
CA LEU A 45 -3.94 -3.11 -1.04
C LEU A 45 -3.39 -2.87 -2.44
N SER A 46 -2.31 -3.57 -2.77
CA SER A 46 -1.65 -3.39 -4.06
C SER A 46 -2.58 -3.73 -5.22
N LYS A 47 -3.25 -4.88 -5.14
CA LYS A 47 -4.12 -5.31 -6.26
C LYS A 47 -5.31 -4.37 -6.41
N ILE A 48 -5.79 -3.82 -5.30
CA ILE A 48 -6.93 -2.89 -5.34
C ILE A 48 -6.52 -1.58 -5.98
N VAL A 49 -5.43 -0.99 -5.48
CA VAL A 49 -4.93 0.29 -6.00
C VAL A 49 -4.61 0.18 -7.49
N VAL A 50 -4.00 -0.93 -7.88
CA VAL A 50 -3.68 -1.18 -9.28
C VAL A 50 -4.96 -1.33 -10.11
N GLU A 51 -5.93 -2.07 -9.55
CA GLU A 51 -7.21 -2.28 -10.23
C GLU A 51 -7.95 -0.95 -10.40
N GLU A 52 -7.75 -0.04 -9.45
CA GLU A 52 -8.32 1.31 -9.52
C GLU A 52 -7.74 2.07 -10.73
N GLY A 53 -6.50 1.76 -11.07
CA GLY A 53 -5.89 2.31 -12.28
C GLY A 53 -4.96 3.48 -12.02
N GLY A 54 -4.85 3.90 -10.76
CA GLY A 54 -3.96 5.01 -10.44
C GLY A 54 -3.98 5.38 -8.98
N TYR A 55 -2.90 5.06 -8.28
CA TYR A 55 -2.69 5.48 -6.89
C TYR A 55 -2.92 6.98 -6.76
N GLU A 56 -2.25 7.73 -7.62
CA GLU A 56 -2.34 9.18 -7.66
C GLU A 56 -3.80 9.63 -7.78
N ALA A 57 -4.55 8.93 -8.63
CA ALA A 57 -5.94 9.28 -8.88
C ALA A 57 -6.76 9.13 -7.60
N ILE A 58 -6.60 7.98 -6.93
CA ILE A 58 -7.32 7.72 -5.69
C ILE A 58 -6.99 8.79 -4.65
N CYS A 59 -5.74 9.25 -4.69
CA CYS A 59 -5.25 10.26 -3.75
C CYS A 59 -5.94 11.60 -3.96
N LYS A 60 -5.88 12.12 -5.18
CA LYS A 60 -6.45 13.44 -5.48
C LYS A 60 -7.96 13.38 -5.60
N ASP A 61 -8.49 12.17 -5.78
CA ASP A 61 -9.94 11.96 -5.84
C ASP A 61 -10.46 11.54 -4.46
N ARG A 62 -9.51 11.28 -3.54
CA ARG A 62 -9.82 11.02 -2.13
C ARG A 62 -10.71 9.78 -1.96
N ARG A 63 -10.53 8.81 -2.85
CA ARG A 63 -11.36 7.61 -2.85
C ARG A 63 -10.86 6.55 -1.87
N TRP A 64 -9.84 6.91 -1.09
CA TRP A 64 -9.31 6.01 -0.06
C TRP A 64 -10.39 5.63 0.95
N ALA A 65 -11.47 6.43 0.97
CA ALA A 65 -12.62 6.12 1.81
C ALA A 65 -13.25 4.79 1.41
N ARG A 66 -13.72 4.71 0.17
CA ARG A 66 -14.35 3.49 -0.33
C ARG A 66 -13.34 2.35 -0.37
N VAL A 67 -12.08 2.68 -0.63
CA VAL A 67 -11.00 1.69 -0.63
C VAL A 67 -10.88 1.04 0.75
N ALA A 68 -10.78 1.88 1.78
CA ALA A 68 -10.68 1.39 3.16
C ALA A 68 -11.89 0.52 3.49
N GLN A 69 -13.06 0.96 3.05
CA GLN A 69 -14.30 0.20 3.25
C GLN A 69 -14.31 -1.06 2.39
N ARG A 70 -13.55 -1.03 1.29
CA ARG A 70 -13.43 -2.17 0.40
C ARG A 70 -12.56 -3.25 1.06
N LEU A 71 -11.60 -2.81 1.88
CA LEU A 71 -10.81 -3.72 2.71
C LEU A 71 -11.61 -4.13 3.96
N ASN A 72 -12.85 -3.66 4.02
CA ASN A 72 -13.82 -4.06 5.05
C ASN A 72 -13.47 -3.47 6.41
N TYR A 73 -12.82 -2.31 6.40
CA TYR A 73 -12.54 -1.57 7.63
C TYR A 73 -13.83 -0.93 8.16
N PRO A 74 -13.90 -0.70 9.49
CA PRO A 74 -15.07 -0.06 10.13
C PRO A 74 -15.41 1.31 9.51
N PRO A 75 -16.69 1.73 9.63
CA PRO A 75 -17.15 3.02 9.09
C PRO A 75 -16.39 4.22 9.68
N GLY A 76 -16.51 5.37 9.04
CA GLY A 76 -15.83 6.57 9.49
C GLY A 76 -14.62 6.89 8.63
N LYS A 77 -14.22 5.90 7.82
CA LYS A 77 -13.12 6.03 6.84
C LYS A 77 -11.85 6.65 7.45
N ASN A 78 -11.75 6.65 8.77
CA ASN A 78 -10.63 7.28 9.47
C ASN A 78 -9.34 6.48 9.26
N ILE A 79 -9.49 5.23 8.84
CA ILE A 79 -8.34 4.35 8.62
C ILE A 79 -7.57 4.78 7.35
N GLY A 80 -8.21 5.64 6.55
CA GLY A 80 -7.61 6.11 5.32
C GLY A 80 -6.29 6.85 5.54
N SER A 81 -6.27 7.70 6.56
CA SER A 81 -5.06 8.46 6.91
C SER A 81 -3.93 7.51 7.32
N LEU A 82 -4.30 6.50 8.10
CA LEU A 82 -3.37 5.42 8.49
C LEU A 82 -2.76 4.79 7.24
N LEU A 83 -3.65 4.43 6.31
CA LEU A 83 -3.25 3.79 5.06
C LEU A 83 -2.28 4.68 4.29
N ARG A 84 -2.65 5.94 4.11
CA ARG A 84 -1.79 6.93 3.46
C ARG A 84 -0.42 6.98 4.12
N SER A 85 -0.40 7.19 5.42
CA SER A 85 0.84 7.35 6.17
C SER A 85 1.76 6.14 5.99
N HIS A 86 1.17 4.95 5.97
CA HIS A 86 1.96 3.73 5.79
C HIS A 86 2.38 3.57 4.34
N TYR A 87 1.50 3.96 3.42
CA TYR A 87 1.80 3.84 2.00
C TYR A 87 2.98 4.74 1.65
N GLU A 88 2.86 6.01 2.03
CA GLU A 88 3.85 7.02 1.68
C GLU A 88 5.23 6.72 2.25
N ARG A 89 5.27 5.86 3.27
CA ARG A 89 6.54 5.54 3.94
C ARG A 89 7.05 4.15 3.57
N ILE A 90 6.15 3.24 3.22
CA ILE A 90 6.52 1.84 2.96
C ILE A 90 6.23 1.43 1.52
N VAL A 91 4.99 1.63 1.08
CA VAL A 91 4.52 1.06 -0.18
C VAL A 91 4.80 1.98 -1.38
N TYR A 92 4.99 3.27 -1.12
CA TYR A 92 5.18 4.24 -2.19
C TYR A 92 6.47 3.96 -2.97
N PRO A 93 7.60 3.61 -2.30
CA PRO A 93 8.81 3.13 -2.99
C PRO A 93 8.48 1.97 -3.94
N TYR A 94 7.49 1.15 -3.56
CA TYR A 94 7.08 0.02 -4.38
C TYR A 94 6.26 0.48 -5.58
N GLU A 95 5.58 1.62 -5.46
CA GLU A 95 4.91 2.22 -6.61
C GLU A 95 5.96 2.58 -7.65
N MET A 96 6.98 3.30 -7.21
CA MET A 96 8.07 3.72 -8.09
C MET A 96 8.77 2.49 -8.67
N TYR A 97 8.93 1.45 -7.86
CA TYR A 97 9.54 0.20 -8.27
C TYR A 97 8.69 -0.49 -9.36
N GLN A 98 7.44 -0.80 -9.01
CA GLN A 98 6.54 -1.54 -9.88
C GLN A 98 6.19 -0.69 -11.11
N SER A 99 5.63 0.49 -10.86
CA SER A 99 5.22 1.39 -11.94
C SER A 99 6.45 1.80 -12.75
N GLY A 100 7.54 2.12 -12.06
CA GLY A 100 8.76 2.52 -12.74
C GLY A 100 9.34 1.42 -13.60
N ALA A 101 9.10 0.17 -13.21
CA ALA A 101 9.54 -0.99 -14.00
C ALA A 101 8.69 -1.15 -15.26
N ASN A 102 7.38 -1.13 -15.09
CA ASN A 102 6.45 -1.39 -16.20
C ASN A 102 6.13 -0.11 -16.96
N LEU A 103 5.53 0.87 -16.27
CA LEU A 103 5.15 2.15 -16.87
C LEU A 103 4.73 3.11 -15.75
N VAL A 104 5.45 4.23 -15.63
CA VAL A 104 5.26 5.14 -14.50
C VAL A 104 4.17 6.16 -14.80
N CYS A 105 3.02 5.99 -14.14
CA CYS A 105 1.85 6.81 -14.40
C CYS A 105 1.79 8.02 -13.46
N ASN A 106 2.35 7.88 -12.26
CA ASN A 106 2.32 8.96 -11.25
C ASN A 106 3.54 9.86 -11.39
N THR A 107 4.17 9.84 -12.56
CA THR A 107 5.47 10.48 -12.76
C THR A 107 5.44 12.00 -12.53
N ARG A 108 4.29 12.65 -12.74
CA ARG A 108 4.23 14.11 -12.57
C ARG A 108 3.78 14.54 -11.16
N PRO A 109 2.54 14.20 -10.73
CA PRO A 109 2.00 14.70 -9.47
C PRO A 109 2.65 14.04 -8.25
N PHE A 110 3.65 13.21 -8.50
CA PHE A 110 4.48 12.62 -7.45
C PHE A 110 4.93 13.72 -6.48
N ASP A 111 5.27 14.88 -7.06
CA ASP A 111 5.62 16.08 -6.31
C ASP A 111 4.46 16.52 -5.42
N ASN A 112 3.25 16.44 -5.97
CA ASN A 112 2.04 16.84 -5.25
C ASN A 112 1.59 15.76 -4.25
N GLU A 113 2.24 14.60 -4.31
CA GLU A 113 2.08 13.58 -3.27
C GLU A 113 2.99 13.91 -2.09
N GLU A 114 4.24 14.20 -2.40
CA GLU A 114 5.20 14.64 -1.39
C GLU A 114 4.72 15.96 -0.76
N LYS A 115 4.10 16.78 -1.60
CA LYS A 115 3.62 18.09 -1.21
C LYS A 115 2.14 18.23 -1.59
N ASP A 116 1.24 17.87 -0.67
CA ASP A 116 -0.20 17.95 -0.92
C ASP A 116 -0.68 19.38 -0.75
N LYS A 117 -0.19 20.25 -1.62
CA LYS A 117 -0.56 21.66 -1.65
C LYS A 117 -0.11 22.29 -2.96
N SER A 1 1.04 -9.74 13.54
CA SER A 1 1.00 -8.93 12.31
C SER A 1 1.36 -9.79 11.09
N MET A 2 2.62 -10.22 11.04
CA MET A 2 3.15 -10.96 9.89
C MET A 2 2.31 -12.21 9.61
N ASN A 3 1.96 -12.94 10.68
CA ASN A 3 1.24 -14.21 10.56
C ASN A 3 -0.12 -14.01 9.91
N GLU A 4 -0.81 -12.93 10.28
CA GLU A 4 -2.15 -12.66 9.76
C GLU A 4 -2.15 -12.56 8.23
N LEU A 5 -0.99 -12.26 7.65
CA LEU A 5 -0.85 -12.23 6.21
C LEU A 5 -0.26 -13.55 5.70
N GLU A 6 0.61 -14.15 6.52
CA GLU A 6 1.28 -15.41 6.17
C GLU A 6 0.33 -16.60 6.28
N ALA A 7 -0.85 -16.35 6.84
CA ALA A 7 -1.87 -17.37 7.08
C ALA A 7 -2.01 -18.36 5.91
N GLN A 8 -2.01 -17.87 4.68
CA GLN A 8 -2.17 -18.72 3.51
C GLN A 8 -0.79 -19.17 2.99
N THR A 9 -0.70 -20.42 2.55
CA THR A 9 0.60 -21.06 2.27
C THR A 9 1.02 -20.94 0.81
N ARG A 10 2.33 -20.78 0.61
CA ARG A 10 2.98 -20.78 -0.71
C ARG A 10 2.43 -19.73 -1.68
N VAL A 11 1.52 -18.89 -1.20
CA VAL A 11 1.08 -17.73 -1.96
C VAL A 11 1.54 -16.45 -1.27
N LYS A 12 1.34 -16.41 0.04
CA LYS A 12 1.64 -15.21 0.81
C LYS A 12 3.12 -15.13 1.15
N LEU A 13 3.72 -16.31 1.35
CA LEU A 13 5.13 -16.40 1.72
C LEU A 13 6.02 -15.77 0.65
N ASN A 14 5.68 -15.98 -0.63
CA ASN A 14 6.44 -15.38 -1.73
C ASN A 14 6.32 -13.87 -1.66
N TYR A 15 5.08 -13.39 -1.51
CA TYR A 15 4.82 -11.97 -1.39
C TYR A 15 5.61 -11.38 -0.23
N LEU A 16 5.58 -12.07 0.91
CA LEU A 16 6.31 -11.64 2.10
C LEU A 16 7.80 -11.55 1.82
N ASP A 17 8.31 -12.59 1.15
CA ASP A 17 9.72 -12.66 0.81
C ASP A 17 10.17 -11.41 0.06
N GLN A 18 9.48 -11.09 -1.03
CA GLN A 18 9.87 -9.94 -1.86
C GLN A 18 9.53 -8.60 -1.19
N ILE A 19 8.35 -8.52 -0.56
CA ILE A 19 7.87 -7.25 0.02
C ILE A 19 8.71 -6.86 1.24
N ALA A 20 9.28 -7.87 1.89
CA ALA A 20 10.13 -7.64 3.03
C ALA A 20 11.55 -7.38 2.59
N LYS A 21 12.10 -8.30 1.78
CA LYS A 21 13.51 -8.26 1.40
C LYS A 21 13.87 -6.96 0.67
N PHE A 22 13.09 -6.59 -0.35
CA PHE A 22 13.38 -5.39 -1.12
C PHE A 22 13.46 -4.17 -0.22
N TRP A 23 12.40 -3.94 0.52
CA TRP A 23 12.26 -2.76 1.36
C TRP A 23 13.21 -2.82 2.57
N GLU A 24 13.53 -4.04 3.02
CA GLU A 24 14.43 -4.22 4.16
C GLU A 24 15.85 -3.82 3.77
N ILE A 25 16.15 -3.91 2.48
CA ILE A 25 17.46 -3.56 1.94
C ILE A 25 17.47 -2.11 1.46
N GLN A 26 16.28 -1.51 1.34
CA GLN A 26 16.14 -0.13 0.89
C GLN A 26 16.43 0.84 2.05
N GLY A 27 17.45 0.54 2.84
CA GLY A 27 17.83 1.38 3.98
C GLY A 27 16.69 1.60 4.94
N SER A 28 15.75 0.66 4.97
CA SER A 28 14.54 0.81 5.75
C SER A 28 14.09 -0.57 6.27
N SER A 29 12.93 -0.61 6.92
CA SER A 29 12.36 -1.85 7.41
C SER A 29 10.85 -1.90 7.12
N LEU A 30 10.34 -3.09 6.83
CA LEU A 30 8.93 -3.25 6.50
C LEU A 30 8.05 -3.09 7.75
N LYS A 31 7.21 -2.07 7.73
CA LYS A 31 6.30 -1.81 8.84
C LYS A 31 4.85 -1.83 8.36
N ILE A 32 4.21 -2.98 8.52
CA ILE A 32 2.79 -3.13 8.21
C ILE A 32 2.03 -3.61 9.45
N PRO A 33 1.66 -2.67 10.34
CA PRO A 33 0.95 -2.99 11.58
C PRO A 33 -0.46 -3.53 11.32
N ASN A 34 -1.10 -4.01 12.38
CA ASN A 34 -2.48 -4.46 12.28
C ASN A 34 -3.41 -3.47 12.95
N VAL A 35 -4.48 -3.18 12.26
CA VAL A 35 -5.50 -2.24 12.73
C VAL A 35 -6.85 -2.94 12.74
N GLU A 36 -7.64 -2.71 13.79
CA GLU A 36 -8.93 -3.37 13.94
C GLU A 36 -8.74 -4.89 14.05
N ARG A 37 -7.53 -5.25 14.50
CA ARG A 37 -7.09 -6.65 14.70
C ARG A 37 -6.89 -7.39 13.38
N ARG A 38 -6.88 -6.62 12.29
CA ARG A 38 -6.54 -7.14 10.97
C ARG A 38 -5.28 -6.46 10.47
N ILE A 39 -4.35 -7.24 9.89
CA ILE A 39 -3.12 -6.68 9.36
C ILE A 39 -3.41 -5.74 8.20
N LEU A 40 -2.61 -4.69 8.07
CA LEU A 40 -2.74 -3.76 6.96
C LEU A 40 -2.36 -4.48 5.67
N ASP A 41 -3.35 -4.88 4.89
CA ASP A 41 -3.12 -5.67 3.68
C ASP A 41 -2.47 -4.82 2.59
N LEU A 42 -1.14 -4.75 2.64
CA LEU A 42 -0.36 -4.09 1.60
C LEU A 42 -0.64 -4.77 0.25
N TYR A 43 -0.87 -6.09 0.32
CA TYR A 43 -1.21 -6.90 -0.84
C TYR A 43 -2.44 -6.33 -1.54
N SER A 44 -3.57 -6.37 -0.83
CA SER A 44 -4.83 -5.84 -1.35
C SER A 44 -4.69 -4.36 -1.69
N LEU A 45 -3.96 -3.63 -0.84
CA LEU A 45 -3.73 -2.20 -1.06
C LEU A 45 -3.15 -1.96 -2.46
N SER A 46 -2.07 -2.68 -2.78
CA SER A 46 -1.34 -2.44 -4.01
C SER A 46 -2.19 -2.85 -5.21
N LYS A 47 -2.82 -4.02 -5.12
CA LYS A 47 -3.63 -4.52 -6.21
C LYS A 47 -4.82 -3.59 -6.44
N ILE A 48 -5.34 -3.00 -5.36
CA ILE A 48 -6.46 -2.07 -5.45
C ILE A 48 -6.01 -0.76 -6.10
N VAL A 49 -4.80 -0.32 -5.75
CA VAL A 49 -4.21 0.87 -6.36
C VAL A 49 -4.16 0.70 -7.89
N VAL A 50 -3.72 -0.48 -8.31
CA VAL A 50 -3.67 -0.82 -9.73
C VAL A 50 -5.08 -0.80 -10.32
N GLU A 51 -6.02 -1.46 -9.65
CA GLU A 51 -7.41 -1.54 -10.10
C GLU A 51 -8.07 -0.15 -10.16
N GLU A 52 -7.62 0.76 -9.30
CA GLU A 52 -8.21 2.10 -9.25
C GLU A 52 -7.67 2.96 -10.40
N GLY A 53 -6.46 2.66 -10.84
CA GLY A 53 -5.92 3.29 -12.04
C GLY A 53 -4.78 4.26 -11.79
N GLY A 54 -4.53 4.60 -10.53
CA GLY A 54 -3.43 5.50 -10.22
C GLY A 54 -3.40 5.92 -8.76
N TYR A 55 -2.22 5.81 -8.14
CA TYR A 55 -2.04 6.17 -6.73
C TYR A 55 -2.41 7.63 -6.47
N GLU A 56 -1.85 8.52 -7.27
CA GLU A 56 -2.05 9.96 -7.10
C GLU A 56 -3.53 10.31 -7.29
N ALA A 57 -4.21 9.56 -8.16
CA ALA A 57 -5.63 9.74 -8.39
C ALA A 57 -6.43 9.40 -7.14
N ILE A 58 -6.08 8.28 -6.52
CA ILE A 58 -6.73 7.84 -5.29
C ILE A 58 -6.51 8.85 -4.18
N CYS A 59 -5.28 9.34 -4.10
CA CYS A 59 -4.89 10.32 -3.08
C CYS A 59 -5.63 11.64 -3.32
N LYS A 60 -5.74 12.02 -4.58
CA LYS A 60 -6.39 13.27 -4.97
C LYS A 60 -7.86 13.27 -4.57
N ASP A 61 -8.57 12.21 -4.96
CA ASP A 61 -10.02 12.11 -4.70
C ASP A 61 -10.29 11.46 -3.33
N ARG A 62 -9.22 11.10 -2.63
CA ARG A 62 -9.32 10.49 -1.30
C ARG A 62 -10.10 9.18 -1.34
N ARG A 63 -9.87 8.39 -2.39
CA ARG A 63 -10.58 7.12 -2.56
C ARG A 63 -10.05 6.06 -1.59
N TRP A 64 -9.04 6.42 -0.80
CA TRP A 64 -8.52 5.52 0.23
C TRP A 64 -9.64 5.12 1.18
N ALA A 65 -10.67 5.96 1.23
CA ALA A 65 -11.87 5.67 2.00
C ALA A 65 -12.51 4.37 1.51
N ARG A 66 -12.80 4.30 0.21
CA ARG A 66 -13.45 3.12 -0.37
C ARG A 66 -12.54 1.90 -0.25
N VAL A 67 -11.22 2.14 -0.26
CA VAL A 67 -10.24 1.08 -0.11
C VAL A 67 -10.31 0.48 1.29
N ALA A 68 -10.32 1.34 2.31
CA ALA A 68 -10.42 0.90 3.69
C ALA A 68 -11.70 0.11 3.90
N GLN A 69 -12.80 0.64 3.35
CA GLN A 69 -14.10 -0.04 3.39
C GLN A 69 -14.01 -1.39 2.67
N ARG A 70 -13.25 -1.40 1.58
CA ARG A 70 -13.08 -2.59 0.76
C ARG A 70 -12.32 -3.67 1.53
N LEU A 71 -11.42 -3.22 2.41
CA LEU A 71 -10.64 -4.12 3.26
C LEU A 71 -11.42 -4.53 4.51
N ASN A 72 -12.73 -4.22 4.53
CA ASN A 72 -13.65 -4.67 5.59
C ASN A 72 -13.50 -3.83 6.87
N TYR A 73 -12.73 -2.75 6.80
CA TYR A 73 -12.51 -1.91 7.98
C TYR A 73 -13.80 -1.15 8.32
N PRO A 74 -14.08 -0.96 9.62
CA PRO A 74 -15.32 -0.33 10.11
C PRO A 74 -15.53 1.08 9.54
N PRO A 75 -16.81 1.47 9.33
CA PRO A 75 -17.16 2.81 8.82
C PRO A 75 -16.55 3.93 9.64
N GLY A 76 -16.38 5.08 9.00
CA GLY A 76 -15.69 6.21 9.61
C GLY A 76 -14.49 6.60 8.79
N LYS A 77 -13.97 5.64 8.01
CA LYS A 77 -12.89 5.87 7.05
C LYS A 77 -11.61 6.32 7.76
N ASN A 78 -11.57 6.14 9.07
CA ASN A 78 -10.47 6.63 9.90
C ASN A 78 -9.17 5.91 9.56
N ILE A 79 -9.29 4.62 9.24
CA ILE A 79 -8.13 3.79 8.93
C ILE A 79 -7.49 4.23 7.60
N GLY A 80 -8.27 4.93 6.78
CA GLY A 80 -7.80 5.35 5.47
C GLY A 80 -6.52 6.17 5.53
N SER A 81 -6.47 7.12 6.45
CA SER A 81 -5.30 7.97 6.63
C SER A 81 -4.08 7.14 7.07
N LEU A 82 -4.33 6.18 7.95
CA LEU A 82 -3.30 5.27 8.44
C LEU A 82 -2.72 4.46 7.26
N LEU A 83 -3.63 3.96 6.43
CA LEU A 83 -3.27 3.22 5.23
C LEU A 83 -2.38 4.07 4.32
N ARG A 84 -2.89 5.24 3.96
CA ARG A 84 -2.16 6.15 3.07
C ARG A 84 -0.82 6.54 3.70
N SER A 85 -0.84 6.71 5.03
CA SER A 85 0.36 7.09 5.78
C SER A 85 1.47 6.09 5.54
N HIS A 86 1.16 4.81 5.74
CA HIS A 86 2.15 3.76 5.54
C HIS A 86 2.51 3.61 4.07
N TYR A 87 1.60 3.99 3.18
CA TYR A 87 1.91 4.00 1.75
C TYR A 87 3.02 5.04 1.49
N GLU A 88 2.75 6.29 1.87
CA GLU A 88 3.67 7.40 1.63
C GLU A 88 5.08 7.09 2.16
N ARG A 89 5.13 6.34 3.25
CA ARG A 89 6.38 6.11 3.98
C ARG A 89 7.02 4.77 3.63
N ILE A 90 6.22 3.81 3.17
CA ILE A 90 6.72 2.46 2.89
C ILE A 90 6.51 2.07 1.43
N VAL A 91 5.29 2.24 0.95
CA VAL A 91 4.89 1.72 -0.36
C VAL A 91 5.14 2.72 -1.49
N TYR A 92 5.41 3.98 -1.14
CA TYR A 92 5.61 5.02 -2.15
C TYR A 92 6.80 4.66 -3.07
N PRO A 93 7.96 4.23 -2.51
CA PRO A 93 9.08 3.73 -3.33
C PRO A 93 8.69 2.50 -4.15
N TYR A 94 7.69 1.75 -3.68
CA TYR A 94 7.23 0.56 -4.37
C TYR A 94 6.49 0.94 -5.66
N GLU A 95 5.98 2.17 -5.74
CA GLU A 95 5.49 2.70 -7.01
C GLU A 95 6.61 2.58 -8.03
N MET A 96 7.73 3.24 -7.75
CA MET A 96 8.91 3.18 -8.62
C MET A 96 9.25 1.73 -8.95
N TYR A 97 9.44 0.92 -7.90
CA TYR A 97 9.85 -0.47 -8.07
C TYR A 97 8.81 -1.31 -8.82
N GLN A 98 7.68 -1.57 -8.16
CA GLN A 98 6.67 -2.49 -8.70
C GLN A 98 5.98 -1.90 -9.91
N SER A 99 5.53 -0.65 -9.82
CA SER A 99 4.89 -0.02 -10.95
C SER A 99 5.91 0.22 -12.05
N GLY A 100 7.16 0.51 -11.68
CA GLY A 100 8.21 0.61 -12.67
C GLY A 100 8.42 -0.68 -13.42
N ALA A 101 8.20 -1.80 -12.71
CA ALA A 101 8.29 -3.12 -13.32
C ALA A 101 7.17 -3.33 -14.34
N ASN A 102 5.94 -2.98 -13.95
CA ASN A 102 4.78 -3.14 -14.85
C ASN A 102 4.70 -1.96 -15.83
N LEU A 103 4.49 -0.76 -15.29
CA LEU A 103 4.58 0.49 -16.04
C LEU A 103 4.35 1.66 -15.07
N VAL A 104 5.36 2.53 -14.94
CA VAL A 104 5.31 3.59 -13.94
C VAL A 104 4.65 4.83 -14.51
N CYS A 105 3.51 5.17 -13.95
CA CYS A 105 2.70 6.29 -14.44
C CYS A 105 2.61 7.40 -13.40
N ASN A 106 2.72 7.06 -12.11
CA ASN A 106 2.56 8.04 -11.03
C ASN A 106 3.87 8.78 -10.78
N THR A 107 4.89 8.50 -11.60
CA THR A 107 6.20 9.13 -11.46
C THR A 107 6.11 10.65 -11.63
N ARG A 108 5.30 11.11 -12.57
CA ARG A 108 5.14 12.55 -12.81
C ARG A 108 4.09 13.14 -11.85
N PRO A 109 2.89 12.52 -11.74
CA PRO A 109 1.88 12.94 -10.75
C PRO A 109 2.46 13.09 -9.34
N PHE A 110 3.55 12.37 -9.09
CA PHE A 110 4.32 12.48 -7.83
C PHE A 110 4.56 13.96 -7.52
N ASP A 111 4.93 14.71 -8.55
CA ASP A 111 5.14 16.16 -8.44
C ASP A 111 3.86 16.87 -7.99
N ASN A 112 2.75 16.47 -8.59
CA ASN A 112 1.45 17.11 -8.35
C ASN A 112 0.84 16.68 -7.03
N GLU A 113 1.36 15.60 -6.44
CA GLU A 113 0.90 15.16 -5.13
C GLU A 113 1.81 15.71 -4.03
N GLU A 114 3.10 15.39 -4.13
CA GLU A 114 4.08 15.81 -3.15
C GLU A 114 4.13 17.33 -3.06
N LYS A 115 4.03 18.01 -4.20
CA LYS A 115 4.03 19.46 -4.24
C LYS A 115 2.65 19.97 -4.65
N ASP A 116 1.61 19.26 -4.19
CA ASP A 116 0.22 19.67 -4.43
C ASP A 116 0.01 21.10 -3.97
N LYS A 117 0.57 21.42 -2.81
CA LYS A 117 0.57 22.76 -2.28
C LYS A 117 1.98 23.34 -2.39
N SER A 1 1.08 -11.25 14.54
CA SER A 1 1.95 -10.32 13.80
C SER A 1 2.01 -10.69 12.31
N MET A 2 2.94 -11.58 11.94
CA MET A 2 3.14 -11.96 10.55
C MET A 2 2.24 -13.13 10.16
N ASN A 3 1.86 -13.93 11.15
CA ASN A 3 1.04 -15.12 10.94
C ASN A 3 -0.25 -14.77 10.18
N GLU A 4 -0.86 -13.66 10.58
CA GLU A 4 -2.13 -13.21 10.00
C GLU A 4 -1.99 -12.98 8.49
N LEU A 5 -0.78 -12.66 8.05
CA LEU A 5 -0.50 -12.51 6.63
C LEU A 5 -0.16 -13.88 6.03
N GLU A 6 0.79 -14.56 6.67
CA GLU A 6 1.31 -15.84 6.18
C GLU A 6 0.24 -16.93 6.24
N ALA A 7 -0.91 -16.60 6.82
CA ALA A 7 -2.06 -17.51 6.86
C ALA A 7 -2.37 -18.09 5.47
N GLN A 8 -2.26 -17.26 4.43
CA GLN A 8 -2.47 -17.72 3.07
C GLN A 8 -1.18 -18.37 2.55
N THR A 9 -1.31 -19.46 1.79
CA THR A 9 -0.19 -20.33 1.50
C THR A 9 0.33 -20.20 0.07
N ARG A 10 1.65 -20.04 -0.05
CA ARG A 10 2.37 -19.99 -1.33
C ARG A 10 1.85 -18.92 -2.28
N VAL A 11 0.93 -18.09 -1.81
CA VAL A 11 0.52 -16.89 -2.54
C VAL A 11 1.00 -15.67 -1.76
N LYS A 12 0.89 -15.76 -0.44
CA LYS A 12 1.26 -14.65 0.44
C LYS A 12 2.76 -14.70 0.73
N LEU A 13 3.32 -15.92 0.67
CA LEU A 13 4.73 -16.14 0.99
C LEU A 13 5.64 -15.46 -0.05
N ASN A 14 5.36 -15.69 -1.32
CA ASN A 14 6.13 -15.05 -2.40
C ASN A 14 6.11 -13.53 -2.23
N TYR A 15 4.92 -13.00 -2.03
CA TYR A 15 4.74 -11.58 -1.81
C TYR A 15 5.52 -11.12 -0.57
N LEU A 16 5.47 -11.95 0.47
CA LEU A 16 6.19 -11.66 1.71
C LEU A 16 7.69 -11.57 1.43
N ASP A 17 8.17 -12.50 0.61
CA ASP A 17 9.57 -12.56 0.23
C ASP A 17 10.01 -11.26 -0.44
N GLN A 18 9.26 -10.84 -1.45
CA GLN A 18 9.61 -9.64 -2.21
C GLN A 18 9.38 -8.36 -1.39
N ILE A 19 8.26 -8.33 -0.66
CA ILE A 19 7.88 -7.14 0.13
C ILE A 19 8.87 -6.91 1.27
N ALA A 20 9.50 -7.99 1.69
CA ALA A 20 10.54 -7.92 2.70
C ALA A 20 11.86 -7.49 2.08
N LYS A 21 12.39 -8.32 1.20
CA LYS A 21 13.74 -8.15 0.67
C LYS A 21 13.92 -6.82 -0.06
N PHE A 22 12.98 -6.46 -0.95
CA PHE A 22 13.12 -5.22 -1.72
C PHE A 22 13.33 -4.04 -0.77
N TRP A 23 12.39 -3.86 0.14
CA TRP A 23 12.39 -2.73 1.05
C TRP A 23 13.57 -2.79 2.02
N GLU A 24 13.91 -4.00 2.49
CA GLU A 24 15.02 -4.16 3.42
C GLU A 24 16.34 -3.79 2.75
N ILE A 25 16.49 -4.16 1.48
CA ILE A 25 17.73 -3.90 0.74
C ILE A 25 17.72 -2.47 0.17
N GLN A 26 16.61 -1.76 0.37
CA GLN A 26 16.56 -0.32 0.06
C GLN A 26 17.25 0.49 1.16
N GLY A 27 17.93 -0.20 2.07
CA GLY A 27 18.65 0.45 3.14
C GLY A 27 17.78 0.64 4.37
N SER A 28 16.60 0.05 4.33
CA SER A 28 15.60 0.23 5.38
C SER A 28 15.20 -1.14 5.96
N SER A 29 14.18 -1.13 6.81
CA SER A 29 13.67 -2.37 7.39
C SER A 29 12.15 -2.40 7.28
N LEU A 30 11.61 -3.57 6.98
CA LEU A 30 10.17 -3.71 6.81
C LEU A 30 9.46 -3.67 8.15
N LYS A 31 8.56 -2.71 8.31
CA LYS A 31 7.76 -2.60 9.52
C LYS A 31 6.30 -2.37 9.13
N ILE A 32 5.50 -3.43 9.21
CA ILE A 32 4.10 -3.39 8.83
C ILE A 32 3.20 -3.41 10.08
N PRO A 33 2.56 -2.26 10.38
CA PRO A 33 1.70 -2.10 11.57
C PRO A 33 0.38 -2.86 11.46
N ASN A 34 -0.49 -2.67 12.45
CA ASN A 34 -1.75 -3.38 12.56
C ASN A 34 -2.88 -2.41 12.83
N VAL A 35 -4.08 -2.80 12.43
CA VAL A 35 -5.29 -2.06 12.73
C VAL A 35 -6.43 -3.05 13.00
N GLU A 36 -7.31 -2.69 13.93
CA GLU A 36 -8.48 -3.51 14.31
C GLU A 36 -8.05 -4.91 14.79
N ARG A 37 -6.80 -4.97 15.22
CA ARG A 37 -6.19 -6.18 15.80
C ARG A 37 -5.72 -7.15 14.72
N ARG A 38 -5.73 -6.71 13.47
CA ARG A 38 -5.24 -7.53 12.36
C ARG A 38 -4.13 -6.79 11.64
N ILE A 39 -3.24 -7.54 10.99
CA ILE A 39 -2.12 -6.96 10.27
C ILE A 39 -2.60 -6.13 9.08
N LEU A 40 -1.90 -5.03 8.82
CA LEU A 40 -2.22 -4.18 7.67
C LEU A 40 -1.89 -4.94 6.38
N ASP A 41 -2.93 -5.37 5.68
CA ASP A 41 -2.74 -6.20 4.48
C ASP A 41 -2.19 -5.37 3.33
N LEU A 42 -0.87 -5.20 3.34
CA LEU A 42 -0.15 -4.43 2.32
C LEU A 42 -0.42 -5.03 0.94
N TYR A 43 -0.68 -6.33 0.92
CA TYR A 43 -0.91 -7.09 -0.31
C TYR A 43 -2.10 -6.50 -1.07
N SER A 44 -3.26 -6.54 -0.43
CA SER A 44 -4.49 -6.03 -1.02
C SER A 44 -4.33 -4.56 -1.38
N LEU A 45 -3.64 -3.83 -0.51
CA LEU A 45 -3.35 -2.42 -0.75
C LEU A 45 -2.62 -2.25 -2.07
N SER A 46 -1.57 -3.04 -2.27
CA SER A 46 -0.74 -2.94 -3.45
C SER A 46 -1.56 -3.21 -4.71
N LYS A 47 -2.24 -4.36 -4.71
CA LYS A 47 -2.99 -4.78 -5.88
C LYS A 47 -4.10 -3.78 -6.17
N ILE A 48 -4.78 -3.30 -5.12
CA ILE A 48 -5.88 -2.35 -5.29
C ILE A 48 -5.38 -1.06 -5.93
N VAL A 49 -4.25 -0.55 -5.46
CA VAL A 49 -3.65 0.64 -6.05
C VAL A 49 -3.38 0.42 -7.54
N VAL A 50 -2.87 -0.77 -7.86
CA VAL A 50 -2.61 -1.16 -9.25
C VAL A 50 -3.93 -1.30 -10.02
N GLU A 51 -4.99 -1.70 -9.32
CA GLU A 51 -6.32 -1.84 -9.92
C GLU A 51 -6.98 -0.47 -10.11
N GLU A 52 -6.60 0.47 -9.25
CA GLU A 52 -7.14 1.83 -9.30
C GLU A 52 -6.37 2.67 -10.32
N GLY A 53 -5.09 2.35 -10.51
CA GLY A 53 -4.31 2.95 -11.60
C GLY A 53 -3.21 3.90 -11.15
N GLY A 54 -3.17 4.29 -9.87
CA GLY A 54 -2.08 5.13 -9.39
C GLY A 54 -2.34 5.71 -8.00
N TYR A 55 -1.29 5.72 -7.16
CA TYR A 55 -1.37 6.29 -5.81
C TYR A 55 -1.93 7.71 -5.82
N GLU A 56 -1.25 8.60 -6.53
CA GLU A 56 -1.61 10.01 -6.56
C GLU A 56 -3.03 10.21 -7.10
N ALA A 57 -3.42 9.33 -8.02
CA ALA A 57 -4.77 9.36 -8.56
C ALA A 57 -5.77 9.05 -7.46
N ILE A 58 -5.55 7.95 -6.75
CA ILE A 58 -6.41 7.55 -5.64
C ILE A 58 -6.40 8.64 -4.57
N CYS A 59 -5.27 9.34 -4.46
CA CYS A 59 -5.09 10.36 -3.44
C CYS A 59 -5.98 11.58 -3.73
N LYS A 60 -5.88 12.11 -4.95
CA LYS A 60 -6.65 13.29 -5.30
C LYS A 60 -8.11 12.95 -5.59
N ASP A 61 -8.36 11.72 -6.00
CA ASP A 61 -9.73 11.25 -6.20
C ASP A 61 -10.32 10.74 -4.90
N ARG A 62 -9.48 10.63 -3.86
CA ARG A 62 -9.92 10.28 -2.52
C ARG A 62 -10.57 8.88 -2.52
N ARG A 63 -10.06 8.00 -3.38
CA ARG A 63 -10.63 6.67 -3.56
C ARG A 63 -10.21 5.73 -2.41
N TRP A 64 -9.38 6.24 -1.51
CA TRP A 64 -8.98 5.47 -0.32
C TRP A 64 -10.21 5.11 0.52
N ALA A 65 -11.28 5.88 0.34
CA ALA A 65 -12.53 5.61 1.04
C ALA A 65 -13.04 4.20 0.68
N ARG A 66 -13.12 3.92 -0.62
CA ARG A 66 -13.65 2.65 -1.09
C ARG A 66 -12.67 1.51 -0.81
N VAL A 67 -11.37 1.81 -0.76
CA VAL A 67 -10.38 0.77 -0.47
C VAL A 67 -10.51 0.34 1.00
N ALA A 68 -10.72 1.31 1.89
CA ALA A 68 -10.90 1.02 3.31
C ALA A 68 -12.20 0.23 3.52
N GLN A 69 -13.24 0.64 2.82
CA GLN A 69 -14.52 -0.07 2.86
C GLN A 69 -14.33 -1.50 2.35
N ARG A 70 -13.57 -1.62 1.26
CA ARG A 70 -13.30 -2.91 0.61
C ARG A 70 -12.56 -3.83 1.57
N LEU A 71 -11.65 -3.27 2.35
CA LEU A 71 -10.88 -4.02 3.35
C LEU A 71 -11.70 -4.28 4.62
N ASN A 72 -13.01 -4.01 4.53
CA ASN A 72 -13.97 -4.36 5.59
C ASN A 72 -13.80 -3.48 6.83
N TYR A 73 -13.19 -2.31 6.68
CA TYR A 73 -13.02 -1.38 7.79
C TYR A 73 -14.37 -0.70 8.11
N PRO A 74 -14.63 -0.43 9.41
CA PRO A 74 -15.92 0.10 9.88
C PRO A 74 -16.25 1.49 9.31
N PRO A 75 -17.55 1.89 9.38
CA PRO A 75 -18.01 3.21 8.92
C PRO A 75 -17.15 4.35 9.47
N GLY A 76 -16.94 5.36 8.64
CA GLY A 76 -16.07 6.47 8.99
C GLY A 76 -14.86 6.50 8.08
N LYS A 77 -14.33 5.31 7.79
CA LYS A 77 -13.25 5.12 6.83
C LYS A 77 -11.99 5.90 7.20
N ASN A 78 -11.91 6.37 8.45
CA ASN A 78 -10.77 7.15 8.91
C ASN A 78 -9.49 6.29 8.90
N ILE A 79 -9.68 4.97 9.02
CA ILE A 79 -8.58 4.02 8.90
C ILE A 79 -7.88 4.18 7.55
N GLY A 80 -8.61 4.70 6.56
CA GLY A 80 -8.04 4.96 5.26
C GLY A 80 -6.89 5.96 5.33
N SER A 81 -7.01 6.92 6.25
CA SER A 81 -5.95 7.91 6.47
C SER A 81 -4.74 7.23 7.10
N LEU A 82 -5.01 6.34 8.05
CA LEU A 82 -3.97 5.54 8.70
C LEU A 82 -3.21 4.74 7.63
N LEU A 83 -3.97 4.13 6.74
CA LEU A 83 -3.43 3.36 5.62
C LEU A 83 -2.56 4.26 4.74
N ARG A 84 -3.12 5.40 4.36
CA ARG A 84 -2.44 6.37 3.50
C ARG A 84 -1.10 6.80 4.14
N SER A 85 -1.16 7.18 5.41
CA SER A 85 0.02 7.63 6.14
C SER A 85 1.11 6.56 6.15
N HIS A 86 0.71 5.30 6.32
CA HIS A 86 1.66 4.19 6.28
C HIS A 86 2.16 3.96 4.86
N TYR A 87 1.29 4.21 3.88
CA TYR A 87 1.65 4.09 2.47
C TYR A 87 2.83 5.01 2.17
N GLU A 88 2.69 6.27 2.60
CA GLU A 88 3.67 7.32 2.32
C GLU A 88 5.09 6.90 2.70
N ARG A 89 5.22 6.05 3.72
CA ARG A 89 6.54 5.69 4.22
C ARG A 89 7.01 4.35 3.66
N ILE A 90 6.18 3.32 3.77
CA ILE A 90 6.59 1.95 3.42
C ILE A 90 6.24 1.61 1.97
N VAL A 91 5.03 1.95 1.55
CA VAL A 91 4.48 1.45 0.29
C VAL A 91 4.78 2.38 -0.89
N TYR A 92 5.05 3.65 -0.60
CA TYR A 92 5.27 4.66 -1.66
C TYR A 92 6.41 4.23 -2.60
N PRO A 93 7.55 3.71 -2.07
CA PRO A 93 8.60 3.13 -2.92
C PRO A 93 8.07 2.01 -3.81
N TYR A 94 7.13 1.23 -3.26
CA TYR A 94 6.53 0.10 -3.99
C TYR A 94 5.57 0.58 -5.07
N GLU A 95 5.01 1.78 -4.90
CA GLU A 95 4.23 2.42 -5.96
C GLU A 95 5.09 2.52 -7.22
N MET A 96 6.17 3.27 -7.12
CA MET A 96 7.10 3.48 -8.22
C MET A 96 7.70 2.15 -8.69
N TYR A 97 7.93 1.23 -7.73
CA TYR A 97 8.52 -0.06 -8.04
C TYR A 97 7.56 -0.92 -8.89
N GLN A 98 6.41 -1.27 -8.31
CA GLN A 98 5.45 -2.15 -8.97
C GLN A 98 4.96 -1.53 -10.27
N SER A 99 4.46 -0.29 -10.18
CA SER A 99 3.96 0.39 -11.37
C SER A 99 5.09 0.64 -12.36
N GLY A 100 6.26 1.01 -11.84
CA GLY A 100 7.42 1.21 -12.70
C GLY A 100 7.82 -0.05 -13.43
N ALA A 101 7.51 -1.20 -12.82
CA ALA A 101 7.80 -2.51 -13.42
C ALA A 101 6.80 -2.82 -14.54
N ASN A 102 5.51 -2.63 -14.25
CA ASN A 102 4.45 -2.95 -15.22
C ASN A 102 4.22 -1.79 -16.19
N LEU A 103 3.79 -0.65 -15.63
CA LEU A 103 3.52 0.56 -16.41
C LEU A 103 3.15 1.70 -15.46
N VAL A 104 3.67 2.89 -15.70
CA VAL A 104 3.46 4.01 -14.79
C VAL A 104 3.38 5.35 -15.53
N CYS A 105 2.29 6.07 -15.30
CA CYS A 105 2.13 7.43 -15.82
C CYS A 105 1.67 8.36 -14.69
N ASN A 106 1.58 7.80 -13.48
CA ASN A 106 1.04 8.53 -12.33
C ASN A 106 2.11 9.28 -11.55
N THR A 107 3.37 8.84 -11.70
CA THR A 107 4.47 9.40 -10.91
C THR A 107 5.05 10.68 -11.52
N ARG A 108 4.33 11.28 -12.47
CA ARG A 108 4.76 12.53 -13.07
C ARG A 108 4.56 13.71 -12.09
N PRO A 109 3.35 13.87 -11.50
CA PRO A 109 3.09 14.89 -10.48
C PRO A 109 3.34 14.37 -9.07
N PHE A 110 4.20 13.35 -8.98
CA PHE A 110 4.58 12.71 -7.71
C PHE A 110 4.76 13.74 -6.59
N ASP A 111 5.83 14.50 -6.66
CA ASP A 111 6.18 15.45 -5.61
C ASP A 111 5.20 16.62 -5.58
N ASN A 112 4.84 17.10 -6.77
CA ASN A 112 3.97 18.27 -6.91
C ASN A 112 2.66 18.07 -6.16
N GLU A 113 2.09 16.88 -6.26
CA GLU A 113 0.82 16.58 -5.62
C GLU A 113 1.02 15.83 -4.31
N GLU A 114 2.26 15.40 -4.04
CA GLU A 114 2.62 14.89 -2.72
C GLU A 114 2.44 16.01 -1.71
N LYS A 115 3.00 17.17 -2.04
CA LYS A 115 2.75 18.40 -1.28
C LYS A 115 1.97 19.39 -2.14
N ASP A 116 0.66 19.17 -2.23
CA ASP A 116 -0.21 20.03 -3.01
C ASP A 116 -0.24 21.42 -2.37
N LYS A 117 -0.45 21.44 -1.06
CA LYS A 117 -0.43 22.67 -0.28
C LYS A 117 0.39 22.46 0.99
N SER A 1 -0.77 -9.23 12.70
CA SER A 1 0.69 -9.07 12.50
C SER A 1 1.19 -9.90 11.32
N MET A 2 2.51 -10.11 11.25
CA MET A 2 3.14 -10.79 10.12
C MET A 2 2.52 -12.18 9.85
N ASN A 3 2.52 -13.03 10.89
CA ASN A 3 1.99 -14.39 10.76
C ASN A 3 0.52 -14.36 10.37
N GLU A 4 -0.19 -13.33 10.84
CA GLU A 4 -1.61 -13.16 10.55
C GLU A 4 -1.86 -13.08 9.04
N LEU A 5 -0.83 -12.66 8.29
CA LEU A 5 -0.88 -12.67 6.83
C LEU A 5 -0.29 -13.98 6.31
N GLU A 6 0.83 -14.38 6.90
CA GLU A 6 1.58 -15.57 6.47
C GLU A 6 0.79 -16.86 6.76
N ALA A 7 -0.33 -16.70 7.46
CA ALA A 7 -1.21 -17.82 7.85
C ALA A 7 -1.49 -18.78 6.68
N GLN A 8 -1.58 -18.23 5.46
CA GLN A 8 -1.82 -19.07 4.28
C GLN A 8 -0.48 -19.39 3.59
N THR A 9 -0.36 -20.61 3.08
CA THR A 9 0.95 -21.16 2.68
C THR A 9 1.22 -21.03 1.18
N ARG A 10 2.51 -20.80 0.87
CA ARG A 10 3.04 -20.72 -0.50
C ARG A 10 2.40 -19.61 -1.34
N VAL A 11 1.50 -18.83 -0.77
CA VAL A 11 0.95 -17.67 -1.43
C VAL A 11 1.41 -16.39 -0.74
N LYS A 12 1.25 -16.38 0.59
CA LYS A 12 1.61 -15.22 1.38
C LYS A 12 3.10 -15.26 1.71
N LEU A 13 3.64 -16.47 1.79
CA LEU A 13 5.06 -16.67 2.08
C LEU A 13 5.93 -16.10 0.96
N ASN A 14 5.66 -16.52 -0.28
CA ASN A 14 6.43 -16.06 -1.43
C ASN A 14 6.36 -14.54 -1.55
N TYR A 15 5.14 -14.02 -1.44
CA TYR A 15 4.91 -12.58 -1.48
C TYR A 15 5.70 -11.90 -0.37
N LEU A 16 5.70 -12.52 0.82
CA LEU A 16 6.39 -11.95 1.98
C LEU A 16 7.90 -11.91 1.74
N ASP A 17 8.44 -12.99 1.16
CA ASP A 17 9.87 -13.05 0.84
C ASP A 17 10.25 -11.89 -0.07
N GLN A 18 9.57 -11.82 -1.21
CA GLN A 18 9.82 -10.78 -2.20
C GLN A 18 9.62 -9.39 -1.61
N ILE A 19 8.43 -9.18 -1.05
CA ILE A 19 8.01 -7.86 -0.59
C ILE A 19 8.98 -7.32 0.48
N ALA A 20 9.42 -8.20 1.38
CA ALA A 20 10.32 -7.82 2.45
C ALA A 20 11.71 -7.52 1.90
N LYS A 21 12.23 -8.42 1.08
CA LYS A 21 13.59 -8.31 0.57
C LYS A 21 13.76 -7.03 -0.25
N PHE A 22 12.72 -6.63 -0.98
CA PHE A 22 12.76 -5.40 -1.78
C PHE A 22 13.11 -4.20 -0.89
N TRP A 23 12.21 -3.89 0.03
CA TRP A 23 12.33 -2.69 0.85
C TRP A 23 13.45 -2.83 1.88
N GLU A 24 13.76 -4.07 2.25
CA GLU A 24 14.83 -4.33 3.20
C GLU A 24 16.18 -3.92 2.60
N ILE A 25 16.46 -4.43 1.42
CA ILE A 25 17.73 -4.18 0.74
C ILE A 25 17.74 -2.78 0.12
N GLN A 26 16.57 -2.16 0.04
CA GLN A 26 16.44 -0.78 -0.43
C GLN A 26 17.15 0.17 0.54
N GLY A 27 17.50 -0.35 1.72
CA GLY A 27 18.24 0.44 2.69
C GLY A 27 17.40 0.75 3.92
N SER A 28 16.39 -0.08 4.15
CA SER A 28 15.47 0.10 5.28
C SER A 28 14.94 -1.24 5.76
N SER A 29 13.96 -1.20 6.66
CA SER A 29 13.31 -2.41 7.17
C SER A 29 11.80 -2.33 6.97
N LEU A 30 11.17 -3.47 6.73
CA LEU A 30 9.74 -3.53 6.43
C LEU A 30 8.93 -3.96 7.65
N LYS A 31 8.23 -3.02 8.26
CA LYS A 31 7.27 -3.33 9.32
C LYS A 31 5.90 -2.77 8.94
N ILE A 32 5.08 -3.60 8.30
CA ILE A 32 3.75 -3.18 7.86
C ILE A 32 2.77 -3.14 9.05
N PRO A 33 2.16 -1.96 9.31
CA PRO A 33 1.27 -1.75 10.46
C PRO A 33 -0.08 -2.47 10.32
N ASN A 34 -0.93 -2.23 11.32
CA ASN A 34 -2.25 -2.83 11.37
C ASN A 34 -3.26 -1.81 11.83
N VAL A 35 -4.52 -2.06 11.52
CA VAL A 35 -5.61 -1.20 11.94
C VAL A 35 -6.83 -2.06 12.22
N GLU A 36 -7.62 -1.69 13.23
CA GLU A 36 -8.78 -2.47 13.63
C GLU A 36 -8.35 -3.87 14.06
N ARG A 37 -7.09 -3.95 14.50
CA ARG A 37 -6.46 -5.17 15.04
C ARG A 37 -6.14 -6.17 13.94
N ARG A 38 -6.27 -5.74 12.68
CA ARG A 38 -5.98 -6.60 11.55
C ARG A 38 -4.80 -6.04 10.75
N ILE A 39 -3.89 -6.92 10.34
CA ILE A 39 -2.69 -6.50 9.60
C ILE A 39 -3.08 -5.92 8.25
N LEU A 40 -2.44 -4.82 7.88
CA LEU A 40 -2.76 -4.12 6.64
C LEU A 40 -2.29 -4.92 5.42
N ASP A 41 -3.24 -5.27 4.55
CA ASP A 41 -2.92 -6.08 3.37
C ASP A 41 -2.14 -5.25 2.37
N LEU A 42 -0.82 -5.27 2.47
CA LEU A 42 0.04 -4.67 1.45
C LEU A 42 -0.27 -5.35 0.10
N TYR A 43 -0.56 -6.64 0.19
CA TYR A 43 -0.92 -7.45 -0.98
C TYR A 43 -2.12 -6.85 -1.72
N SER A 44 -3.26 -6.82 -1.02
CA SER A 44 -4.50 -6.30 -1.59
C SER A 44 -4.32 -4.84 -1.96
N LEU A 45 -3.67 -4.08 -1.09
CA LEU A 45 -3.43 -2.67 -1.30
C LEU A 45 -2.73 -2.46 -2.65
N SER A 46 -1.67 -3.22 -2.89
CA SER A 46 -0.90 -3.11 -4.13
C SER A 46 -1.78 -3.40 -5.34
N LYS A 47 -2.45 -4.55 -5.31
CA LYS A 47 -3.26 -4.96 -6.47
C LYS A 47 -4.44 -4.00 -6.67
N ILE A 48 -4.91 -3.40 -5.58
CA ILE A 48 -5.99 -2.42 -5.65
C ILE A 48 -5.51 -1.11 -6.26
N VAL A 49 -4.35 -0.63 -5.81
CA VAL A 49 -3.78 0.61 -6.35
C VAL A 49 -3.56 0.47 -7.86
N VAL A 50 -3.03 -0.67 -8.28
CA VAL A 50 -2.86 -0.96 -9.70
C VAL A 50 -4.22 -1.03 -10.40
N GLU A 51 -5.18 -1.64 -9.71
CA GLU A 51 -6.57 -1.72 -10.19
C GLU A 51 -7.16 -0.32 -10.40
N GLU A 52 -6.82 0.58 -9.47
CA GLU A 52 -7.32 1.95 -9.49
C GLU A 52 -6.57 2.79 -10.52
N GLY A 53 -5.29 2.47 -10.73
CA GLY A 53 -4.52 3.11 -11.79
C GLY A 53 -3.43 4.03 -11.28
N GLY A 54 -3.42 4.34 -9.98
CA GLY A 54 -2.37 5.18 -9.42
C GLY A 54 -2.65 5.66 -8.01
N TYR A 55 -1.65 5.54 -7.14
CA TYR A 55 -1.74 6.00 -5.75
C TYR A 55 -2.20 7.47 -5.69
N GLU A 56 -1.54 8.33 -6.45
CA GLU A 56 -1.85 9.74 -6.46
C GLU A 56 -3.32 9.97 -6.80
N ALA A 57 -3.80 9.27 -7.82
CA ALA A 57 -5.19 9.40 -8.27
C ALA A 57 -6.14 9.05 -7.13
N ILE A 58 -5.87 7.94 -6.46
CA ILE A 58 -6.70 7.50 -5.34
C ILE A 58 -6.59 8.51 -4.20
N CYS A 59 -5.44 9.19 -4.13
CA CYS A 59 -5.18 10.17 -3.08
C CYS A 59 -6.02 11.42 -3.29
N LYS A 60 -5.93 11.99 -4.50
CA LYS A 60 -6.63 13.24 -4.80
C LYS A 60 -8.15 13.03 -4.84
N ASP A 61 -8.56 11.86 -5.35
CA ASP A 61 -9.98 11.49 -5.35
C ASP A 61 -10.41 11.00 -3.98
N ARG A 62 -9.41 10.63 -3.15
CA ARG A 62 -9.64 10.14 -1.80
C ARG A 62 -10.48 8.85 -1.87
N ARG A 63 -10.23 8.07 -2.91
CA ARG A 63 -10.98 6.84 -3.15
C ARG A 63 -10.57 5.75 -2.15
N TRP A 64 -9.55 6.04 -1.34
CA TRP A 64 -9.08 5.13 -0.29
C TRP A 64 -10.25 4.70 0.60
N ALA A 65 -11.28 5.55 0.67
CA ALA A 65 -12.48 5.25 1.43
C ALA A 65 -13.05 3.89 1.03
N ARG A 66 -13.24 3.68 -0.28
CA ARG A 66 -13.83 2.45 -0.77
C ARG A 66 -12.86 1.28 -0.59
N VAL A 67 -11.57 1.60 -0.62
CA VAL A 67 -10.54 0.58 -0.41
C VAL A 67 -10.61 0.06 1.02
N ALA A 68 -10.63 0.98 1.98
CA ALA A 68 -10.73 0.63 3.39
C ALA A 68 -11.99 -0.18 3.66
N GLN A 69 -13.10 0.25 3.05
CA GLN A 69 -14.37 -0.45 3.16
C GLN A 69 -14.26 -1.86 2.54
N ARG A 70 -13.50 -1.94 1.44
CA ARG A 70 -13.26 -3.22 0.77
C ARG A 70 -12.41 -4.13 1.65
N LEU A 71 -11.56 -3.53 2.47
CA LEU A 71 -10.70 -4.27 3.40
C LEU A 71 -11.46 -4.66 4.68
N ASN A 72 -12.79 -4.50 4.66
CA ASN A 72 -13.68 -5.03 5.72
C ASN A 72 -13.73 -4.10 6.94
N TYR A 73 -13.07 -2.95 6.85
CA TYR A 73 -13.02 -2.03 7.99
C TYR A 73 -14.38 -1.34 8.18
N PRO A 74 -14.72 -0.98 9.43
CA PRO A 74 -16.03 -0.37 9.76
C PRO A 74 -16.26 0.96 9.04
N PRO A 75 -17.54 1.38 8.90
CA PRO A 75 -17.90 2.64 8.25
C PRO A 75 -17.22 3.85 8.90
N GLY A 76 -17.21 4.96 8.18
CA GLY A 76 -16.54 6.17 8.65
C GLY A 76 -15.47 6.62 7.68
N LYS A 77 -14.83 5.64 7.03
CA LYS A 77 -13.86 5.91 5.96
C LYS A 77 -12.59 6.60 6.46
N ASN A 78 -12.51 6.84 7.78
CA ASN A 78 -11.37 7.56 8.36
C ASN A 78 -10.07 6.78 8.21
N ILE A 79 -10.18 5.46 8.05
CA ILE A 79 -9.02 4.59 7.89
C ILE A 79 -8.23 4.96 6.63
N GLY A 80 -8.92 5.60 5.68
CA GLY A 80 -8.30 5.98 4.42
C GLY A 80 -7.07 6.85 4.61
N SER A 81 -7.14 7.80 5.55
CA SER A 81 -6.03 8.70 5.83
C SER A 81 -4.85 7.93 6.43
N LEU A 82 -5.17 7.02 7.35
CA LEU A 82 -4.17 6.16 8.00
C LEU A 82 -3.46 5.30 6.94
N LEU A 83 -4.26 4.79 6.00
CA LEU A 83 -3.75 3.97 4.91
C LEU A 83 -2.80 4.79 4.03
N ARG A 84 -3.23 5.98 3.63
CA ARG A 84 -2.46 6.83 2.74
C ARG A 84 -1.13 7.23 3.39
N SER A 85 -1.17 7.58 4.66
CA SER A 85 0.02 8.02 5.39
C SER A 85 1.03 6.88 5.48
N HIS A 86 0.57 5.70 5.89
CA HIS A 86 1.45 4.53 5.96
C HIS A 86 1.97 4.15 4.58
N TYR A 87 1.17 4.40 3.56
CA TYR A 87 1.59 4.17 2.18
C TYR A 87 2.79 5.08 1.87
N GLU A 88 2.57 6.38 2.05
CA GLU A 88 3.57 7.40 1.75
C GLU A 88 4.92 7.06 2.39
N ARG A 89 4.87 6.58 3.62
CA ARG A 89 6.09 6.23 4.35
C ARG A 89 6.72 4.95 3.80
N ILE A 90 5.94 3.86 3.79
CA ILE A 90 6.47 2.53 3.51
C ILE A 90 6.24 2.10 2.07
N VAL A 91 5.01 2.23 1.60
CA VAL A 91 4.59 1.63 0.33
C VAL A 91 4.80 2.57 -0.87
N TYR A 92 5.21 3.81 -0.60
CA TYR A 92 5.42 4.78 -1.69
C TYR A 92 6.53 4.31 -2.65
N PRO A 93 7.69 3.83 -2.12
CA PRO A 93 8.72 3.23 -2.98
C PRO A 93 8.17 2.04 -3.78
N TYR A 94 7.18 1.37 -3.21
CA TYR A 94 6.54 0.24 -3.86
C TYR A 94 5.70 0.69 -5.06
N GLU A 95 5.23 1.95 -5.02
CA GLU A 95 4.56 2.53 -6.18
C GLU A 95 5.53 2.50 -7.37
N MET A 96 6.67 3.17 -7.19
CA MET A 96 7.72 3.18 -8.22
C MET A 96 8.04 1.75 -8.67
N TYR A 97 8.12 0.86 -7.70
CA TYR A 97 8.43 -0.55 -7.94
C TYR A 97 7.37 -1.23 -8.83
N GLN A 98 6.19 -1.44 -8.27
CA GLN A 98 5.16 -2.23 -8.94
C GLN A 98 4.57 -1.45 -10.12
N SER A 99 4.28 -0.17 -9.92
CA SER A 99 3.80 0.67 -11.01
C SER A 99 4.88 0.78 -12.08
N GLY A 100 6.14 0.95 -11.65
CA GLY A 100 7.23 1.00 -12.60
C GLY A 100 7.39 -0.28 -13.39
N ALA A 101 6.99 -1.39 -12.79
CA ALA A 101 7.03 -2.70 -13.45
C ALA A 101 5.88 -2.84 -14.46
N ASN A 102 4.68 -2.44 -14.06
CA ASN A 102 3.48 -2.62 -14.89
C ASN A 102 3.28 -1.44 -15.85
N LEU A 103 3.12 -0.25 -15.28
CA LEU A 103 2.88 0.98 -16.05
C LEU A 103 2.88 2.16 -15.07
N VAL A 104 3.56 3.25 -15.41
CA VAL A 104 3.77 4.34 -14.45
C VAL A 104 3.89 5.71 -15.12
N CYS A 105 3.09 6.64 -14.63
CA CYS A 105 3.26 8.07 -14.93
C CYS A 105 3.23 8.82 -13.60
N ASN A 106 3.31 8.05 -12.52
CA ASN A 106 3.09 8.53 -11.16
C ASN A 106 4.36 9.12 -10.57
N THR A 107 5.43 9.09 -11.35
CA THR A 107 6.74 9.57 -10.89
C THR A 107 6.73 11.08 -10.68
N ARG A 108 6.02 11.80 -11.55
CA ARG A 108 5.99 13.26 -11.50
C ARG A 108 5.08 13.75 -10.36
N PRO A 109 3.79 13.31 -10.31
CA PRO A 109 2.84 13.75 -9.26
C PRO A 109 3.39 13.69 -7.83
N PHE A 110 4.47 12.94 -7.65
CA PHE A 110 5.15 12.81 -6.37
C PHE A 110 5.35 14.19 -5.72
N ASP A 111 5.95 15.12 -6.48
CA ASP A 111 6.22 16.47 -5.98
C ASP A 111 4.92 17.22 -5.73
N ASN A 112 3.92 16.95 -6.55
CA ASN A 112 2.62 17.60 -6.41
C ASN A 112 2.02 17.31 -5.04
N GLU A 113 2.12 16.05 -4.60
CA GLU A 113 1.61 15.67 -3.28
C GLU A 113 2.49 16.25 -2.17
N GLU A 114 3.80 16.13 -2.33
CA GLU A 114 4.75 16.64 -1.34
C GLU A 114 4.51 18.14 -1.11
N LYS A 115 4.30 18.86 -2.21
CA LYS A 115 4.10 20.30 -2.16
C LYS A 115 2.65 20.63 -1.79
N ASP A 116 1.77 20.55 -2.78
CA ASP A 116 0.37 20.96 -2.70
C ASP A 116 -0.17 21.10 -4.10
N LYS A 117 0.60 21.80 -4.91
CA LYS A 117 0.31 22.00 -6.33
C LYS A 117 1.59 22.49 -7.02
N SER A 1 -1.11 -8.84 12.88
CA SER A 1 0.20 -9.47 13.13
C SER A 1 0.85 -9.91 11.83
N MET A 2 2.14 -10.18 11.87
CA MET A 2 2.89 -10.58 10.67
C MET A 2 2.43 -11.97 10.21
N ASN A 3 2.23 -12.87 11.17
CA ASN A 3 1.72 -14.21 10.89
C ASN A 3 0.31 -14.14 10.30
N GLU A 4 -0.43 -13.14 10.73
CA GLU A 4 -1.77 -12.87 10.20
C GLU A 4 -1.71 -12.69 8.69
N LEU A 5 -0.61 -12.10 8.22
CA LEU A 5 -0.34 -11.98 6.79
C LEU A 5 0.12 -13.33 6.25
N GLU A 6 1.03 -13.96 7.00
CA GLU A 6 1.65 -15.22 6.62
C GLU A 6 0.64 -16.38 6.57
N ALA A 7 -0.54 -16.14 7.13
CA ALA A 7 -1.61 -17.15 7.24
C ALA A 7 -1.65 -18.15 6.09
N GLN A 8 -1.61 -17.65 4.85
CA GLN A 8 -1.74 -18.54 3.69
C GLN A 8 -0.38 -19.09 3.29
N THR A 9 -0.35 -20.37 2.89
CA THR A 9 0.91 -21.11 2.78
C THR A 9 1.53 -21.04 1.39
N ARG A 10 2.85 -20.86 1.39
CA ARG A 10 3.69 -20.83 0.18
C ARG A 10 3.29 -19.72 -0.80
N VAL A 11 2.33 -18.89 -0.40
CA VAL A 11 1.98 -17.70 -1.17
C VAL A 11 2.41 -16.46 -0.39
N LYS A 12 2.04 -16.42 0.89
CA LYS A 12 2.34 -15.26 1.73
C LYS A 12 3.75 -15.36 2.28
N LEU A 13 4.27 -16.58 2.36
CA LEU A 13 5.64 -16.81 2.83
C LEU A 13 6.65 -16.31 1.81
N ASN A 14 6.50 -16.75 0.56
CA ASN A 14 7.38 -16.33 -0.53
C ASN A 14 7.22 -14.84 -0.78
N TYR A 15 5.99 -14.35 -0.68
CA TYR A 15 5.71 -12.93 -0.82
C TYR A 15 6.41 -12.16 0.28
N LEU A 16 6.28 -12.65 1.52
CA LEU A 16 6.91 -12.03 2.68
C LEU A 16 8.41 -11.87 2.41
N ASP A 17 9.04 -12.96 1.97
CA ASP A 17 10.46 -12.96 1.65
C ASP A 17 10.80 -11.86 0.65
N GLN A 18 10.18 -11.92 -0.53
CA GLN A 18 10.45 -10.97 -1.61
C GLN A 18 10.17 -9.53 -1.16
N ILE A 19 8.95 -9.31 -0.67
CA ILE A 19 8.48 -7.97 -0.31
C ILE A 19 9.32 -7.38 0.81
N ALA A 20 9.90 -8.25 1.63
CA ALA A 20 10.81 -7.82 2.67
C ALA A 20 12.17 -7.46 2.07
N LYS A 21 12.66 -8.32 1.19
CA LYS A 21 14.00 -8.16 0.61
C LYS A 21 14.14 -6.84 -0.13
N PHE A 22 13.26 -6.57 -1.09
CA PHE A 22 13.36 -5.35 -1.90
C PHE A 22 13.42 -4.10 -1.02
N TRP A 23 12.45 -3.99 -0.12
CA TRP A 23 12.35 -2.83 0.76
C TRP A 23 13.48 -2.81 1.79
N GLU A 24 13.95 -3.99 2.17
CA GLU A 24 15.02 -4.11 3.15
C GLU A 24 16.32 -3.58 2.57
N ILE A 25 16.67 -4.07 1.39
CA ILE A 25 17.91 -3.71 0.72
C ILE A 25 17.81 -2.30 0.12
N GLN A 26 16.57 -1.79 0.06
CA GLN A 26 16.33 -0.41 -0.36
C GLN A 26 16.90 0.55 0.69
N GLY A 27 17.32 -0.02 1.82
CA GLY A 27 17.93 0.76 2.89
C GLY A 27 16.97 1.02 4.02
N SER A 28 16.03 0.11 4.21
CA SER A 28 15.02 0.24 5.26
C SER A 28 14.60 -1.13 5.78
N SER A 29 13.57 -1.15 6.62
CA SER A 29 13.04 -2.40 7.15
C SER A 29 11.52 -2.46 6.98
N LEU A 30 10.99 -3.64 6.71
CA LEU A 30 9.56 -3.82 6.47
C LEU A 30 8.85 -4.40 7.68
N LYS A 31 7.97 -3.60 8.27
CA LYS A 31 7.09 -4.04 9.34
C LYS A 31 5.73 -3.35 9.20
N ILE A 32 4.77 -4.06 8.62
CA ILE A 32 3.45 -3.51 8.34
C ILE A 32 2.47 -3.80 9.50
N PRO A 33 2.02 -2.74 10.22
CA PRO A 33 1.14 -2.87 11.39
C PRO A 33 -0.29 -3.30 11.04
N ASN A 34 -1.13 -3.29 12.07
CA ASN A 34 -2.56 -3.58 11.93
C ASN A 34 -3.36 -2.31 12.06
N VAL A 35 -4.56 -2.37 11.52
CA VAL A 35 -5.55 -1.33 11.71
C VAL A 35 -6.93 -1.98 11.79
N GLU A 36 -7.71 -1.64 12.81
CA GLU A 36 -9.00 -2.28 13.04
C GLU A 36 -8.82 -3.77 13.28
N ARG A 37 -7.61 -4.11 13.73
CA ARG A 37 -7.19 -5.48 14.09
C ARG A 37 -6.98 -6.34 12.85
N ARG A 38 -6.88 -5.68 11.69
CA ARG A 38 -6.49 -6.35 10.46
C ARG A 38 -5.11 -5.87 10.02
N ILE A 39 -4.21 -6.82 9.77
CA ILE A 39 -2.87 -6.50 9.30
C ILE A 39 -2.94 -5.91 7.90
N LEU A 40 -2.06 -4.96 7.62
CA LEU A 40 -2.04 -4.28 6.33
C LEU A 40 -1.62 -5.27 5.23
N ASP A 41 -2.62 -5.92 4.63
CA ASP A 41 -2.37 -6.91 3.59
C ASP A 41 -1.94 -6.20 2.30
N LEU A 42 -0.63 -6.11 2.12
CA LEU A 42 -0.04 -5.37 1.00
C LEU A 42 -0.54 -5.93 -0.35
N TYR A 43 -0.85 -7.23 -0.38
CA TYR A 43 -1.38 -7.86 -1.60
C TYR A 43 -2.62 -7.13 -2.10
N SER A 44 -3.70 -7.24 -1.34
CA SER A 44 -4.99 -6.66 -1.73
C SER A 44 -4.88 -5.17 -1.97
N LEU A 45 -4.22 -4.48 -1.04
CA LEU A 45 -4.02 -3.04 -1.14
C LEU A 45 -3.33 -2.70 -2.46
N SER A 46 -2.24 -3.39 -2.75
CA SER A 46 -1.46 -3.13 -3.95
C SER A 46 -2.29 -3.36 -5.20
N LYS A 47 -2.93 -4.52 -5.28
CA LYS A 47 -3.68 -4.88 -6.49
C LYS A 47 -4.90 -3.99 -6.68
N ILE A 48 -5.46 -3.50 -5.56
CA ILE A 48 -6.59 -2.57 -5.63
C ILE A 48 -6.13 -1.23 -6.18
N VAL A 49 -4.99 -0.74 -5.68
CA VAL A 49 -4.42 0.52 -6.15
C VAL A 49 -4.10 0.45 -7.64
N VAL A 50 -3.43 -0.64 -8.04
CA VAL A 50 -3.09 -0.86 -9.45
C VAL A 50 -4.35 -0.97 -10.30
N GLU A 51 -5.36 -1.63 -9.77
CA GLU A 51 -6.64 -1.79 -10.47
C GLU A 51 -7.30 -0.43 -10.64
N GLU A 52 -7.20 0.40 -9.60
CA GLU A 52 -7.73 1.77 -9.63
C GLU A 52 -6.88 2.65 -10.55
N GLY A 53 -5.63 2.23 -10.76
CA GLY A 53 -4.78 2.86 -11.76
C GLY A 53 -3.62 3.65 -11.18
N GLY A 54 -3.63 3.92 -9.87
CA GLY A 54 -2.52 4.63 -9.27
C GLY A 54 -2.79 5.15 -7.87
N TYR A 55 -1.79 5.04 -7.00
CA TYR A 55 -1.85 5.61 -5.65
C TYR A 55 -2.16 7.10 -5.70
N GLU A 56 -1.41 7.81 -6.56
CA GLU A 56 -1.55 9.26 -6.69
C GLU A 56 -2.99 9.62 -7.05
N ALA A 57 -3.55 8.88 -8.01
CA ALA A 57 -4.90 9.14 -8.48
C ALA A 57 -5.92 9.00 -7.35
N ILE A 58 -5.86 7.89 -6.63
CA ILE A 58 -6.78 7.64 -5.51
C ILE A 58 -6.57 8.69 -4.43
N CYS A 59 -5.32 9.10 -4.26
CA CYS A 59 -4.94 10.07 -3.23
C CYS A 59 -5.53 11.44 -3.56
N LYS A 60 -5.38 11.87 -4.81
CA LYS A 60 -5.85 13.17 -5.23
C LYS A 60 -7.37 13.19 -5.31
N ASP A 61 -7.94 12.04 -5.66
CA ASP A 61 -9.38 11.90 -5.82
C ASP A 61 -10.03 11.51 -4.49
N ARG A 62 -9.21 11.24 -3.47
CA ARG A 62 -9.69 10.99 -2.11
C ARG A 62 -10.61 9.75 -2.08
N ARG A 63 -10.34 8.80 -2.97
CA ARG A 63 -11.22 7.64 -3.16
C ARG A 63 -10.80 6.46 -2.30
N TRP A 64 -9.93 6.72 -1.32
CA TRP A 64 -9.53 5.68 -0.37
C TRP A 64 -10.72 5.18 0.44
N ALA A 65 -11.81 5.94 0.40
CA ALA A 65 -13.04 5.57 1.11
C ALA A 65 -13.60 4.25 0.58
N ARG A 66 -13.70 4.14 -0.75
CA ARG A 66 -14.22 2.91 -1.37
C ARG A 66 -13.32 1.73 -1.03
N VAL A 67 -12.01 1.98 -0.93
CA VAL A 67 -11.05 0.95 -0.58
C VAL A 67 -11.29 0.44 0.83
N ALA A 68 -11.37 1.37 1.78
CA ALA A 68 -11.61 1.04 3.18
C ALA A 68 -12.91 0.28 3.33
N GLN A 69 -13.94 0.71 2.60
CA GLN A 69 -15.25 0.06 2.60
C GLN A 69 -15.09 -1.37 2.09
N ARG A 70 -14.31 -1.53 1.02
CA ARG A 70 -14.07 -2.83 0.40
C ARG A 70 -13.37 -3.77 1.38
N LEU A 71 -12.50 -3.21 2.23
CA LEU A 71 -11.77 -4.00 3.23
C LEU A 71 -12.58 -4.13 4.54
N ASN A 72 -13.84 -3.72 4.48
CA ASN A 72 -14.79 -3.92 5.60
C ASN A 72 -14.47 -3.05 6.82
N TYR A 73 -13.74 -1.96 6.60
CA TYR A 73 -13.42 -1.04 7.68
C TYR A 73 -14.66 -0.22 8.07
N PRO A 74 -14.83 0.10 9.36
CA PRO A 74 -16.01 0.81 9.86
C PRO A 74 -16.11 2.24 9.33
N PRO A 75 -17.34 2.82 9.33
CA PRO A 75 -17.58 4.21 8.89
C PRO A 75 -16.69 5.21 9.63
N GLY A 76 -16.36 6.31 8.95
CA GLY A 76 -15.47 7.30 9.52
C GLY A 76 -14.18 7.42 8.72
N LYS A 77 -13.91 6.36 7.94
CA LYS A 77 -12.81 6.29 6.96
C LYS A 77 -11.45 6.75 7.53
N ASN A 78 -11.34 6.81 8.86
CA ASN A 78 -10.08 7.24 9.50
C ASN A 78 -8.95 6.29 9.15
N ILE A 79 -9.32 5.05 8.79
CA ILE A 79 -8.34 4.05 8.38
C ILE A 79 -7.62 4.52 7.11
N GLY A 80 -8.32 5.28 6.28
CA GLY A 80 -7.73 5.79 5.05
C GLY A 80 -6.51 6.64 5.33
N SER A 81 -6.57 7.43 6.39
CA SER A 81 -5.46 8.27 6.81
C SER A 81 -4.28 7.39 7.26
N LEU A 82 -4.59 6.38 8.08
CA LEU A 82 -3.60 5.43 8.58
C LEU A 82 -2.91 4.74 7.39
N LEU A 83 -3.74 4.30 6.46
CA LEU A 83 -3.29 3.64 5.24
C LEU A 83 -2.34 4.53 4.45
N ARG A 84 -2.79 5.76 4.17
CA ARG A 84 -1.99 6.70 3.40
C ARG A 84 -0.69 7.00 4.12
N SER A 85 -0.76 7.11 5.45
CA SER A 85 0.40 7.44 6.27
C SER A 85 1.51 6.41 6.12
N HIS A 86 1.16 5.12 6.22
CA HIS A 86 2.15 4.06 6.10
C HIS A 86 2.59 3.89 4.64
N TYR A 87 1.67 4.09 3.71
CA TYR A 87 2.00 4.04 2.29
C TYR A 87 2.95 5.18 1.96
N GLU A 88 2.68 6.32 2.57
CA GLU A 88 3.37 7.59 2.32
C GLU A 88 4.89 7.43 2.54
N ARG A 89 5.27 6.51 3.40
CA ARG A 89 6.69 6.28 3.73
C ARG A 89 7.17 4.92 3.22
N ILE A 90 6.49 3.86 3.62
CA ILE A 90 6.96 2.50 3.37
C ILE A 90 6.63 2.02 1.96
N VAL A 91 5.37 2.10 1.57
CA VAL A 91 4.89 1.47 0.34
C VAL A 91 4.98 2.43 -0.87
N TYR A 92 5.24 3.70 -0.61
CA TYR A 92 5.30 4.71 -1.68
C TYR A 92 6.36 4.32 -2.73
N PRO A 93 7.58 3.93 -2.31
CA PRO A 93 8.60 3.44 -3.26
C PRO A 93 8.09 2.29 -4.12
N TYR A 94 7.14 1.51 -3.58
CA TYR A 94 6.57 0.38 -4.28
C TYR A 94 5.62 0.83 -5.39
N GLU A 95 5.00 2.00 -5.22
CA GLU A 95 4.20 2.61 -6.28
C GLU A 95 5.11 2.90 -7.47
N MET A 96 6.17 3.66 -7.22
CA MET A 96 7.13 4.01 -8.26
C MET A 96 7.76 2.76 -8.85
N TYR A 97 7.96 1.74 -8.01
CA TYR A 97 8.56 0.48 -8.44
C TYR A 97 7.62 -0.29 -9.39
N GLN A 98 6.41 -0.58 -8.92
CA GLN A 98 5.43 -1.33 -9.70
C GLN A 98 5.03 -0.56 -10.95
N SER A 99 4.75 0.72 -10.79
CA SER A 99 4.38 1.58 -11.91
C SER A 99 5.54 1.65 -12.90
N GLY A 100 6.75 1.81 -12.37
CA GLY A 100 7.93 1.88 -13.22
C GLY A 100 8.21 0.59 -13.95
N ALA A 101 7.83 -0.53 -13.34
CA ALA A 101 8.05 -1.85 -13.93
C ALA A 101 6.96 -2.20 -14.94
N ASN A 102 5.72 -1.82 -14.65
CA ASN A 102 4.58 -2.17 -15.49
C ASN A 102 4.18 -1.03 -16.42
N LEU A 103 3.80 0.10 -15.82
CA LEU A 103 3.27 1.24 -16.57
C LEU A 103 3.20 2.47 -15.68
N VAL A 104 3.84 3.55 -16.11
CA VAL A 104 4.00 4.74 -15.29
C VAL A 104 3.29 5.95 -15.91
N CYS A 105 2.11 6.25 -15.39
CA CYS A 105 1.35 7.43 -15.81
C CYS A 105 0.85 8.24 -14.61
N ASN A 106 0.62 7.57 -13.48
CA ASN A 106 -0.03 8.20 -12.33
C ASN A 106 0.99 8.86 -11.39
N THR A 107 2.13 8.21 -11.19
CA THR A 107 3.08 8.64 -10.16
C THR A 107 3.92 9.86 -10.58
N ARG A 108 3.43 10.61 -11.59
CA ARG A 108 4.11 11.84 -12.02
C ARG A 108 4.09 12.89 -10.89
N PRO A 109 2.91 13.22 -10.32
CA PRO A 109 2.81 14.19 -9.20
C PRO A 109 3.32 13.62 -7.86
N PHE A 110 4.21 12.62 -7.93
CA PHE A 110 4.89 12.09 -6.74
C PHE A 110 5.42 13.25 -5.90
N ASP A 111 6.10 14.17 -6.57
CA ASP A 111 6.67 15.36 -5.94
C ASP A 111 5.59 16.22 -5.32
N ASN A 112 4.43 16.29 -5.98
CA ASN A 112 3.32 17.11 -5.52
C ASN A 112 2.78 16.59 -4.19
N GLU A 113 2.61 15.28 -4.10
CA GLU A 113 2.15 14.66 -2.86
C GLU A 113 3.20 14.84 -1.78
N GLU A 114 4.46 14.68 -2.19
CA GLU A 114 5.61 14.85 -1.30
C GLU A 114 5.68 16.28 -0.76
N LYS A 115 5.25 17.23 -1.59
CA LYS A 115 5.32 18.65 -1.23
C LYS A 115 3.96 19.33 -1.42
N ASP A 116 2.91 18.67 -0.94
CA ASP A 116 1.56 19.23 -0.94
C ASP A 116 1.47 20.38 0.07
N LYS A 117 1.63 20.04 1.35
CA LYS A 117 1.60 21.01 2.44
C LYS A 117 2.56 20.56 3.54
N SER A 1 -1.67 -9.13 13.03
CA SER A 1 -0.35 -9.78 13.08
C SER A 1 0.11 -10.14 11.68
N MET A 2 1.42 -10.20 11.50
CA MET A 2 2.02 -10.53 10.20
C MET A 2 1.50 -11.87 9.69
N ASN A 3 1.21 -12.76 10.65
CA ASN A 3 0.72 -14.10 10.34
C ASN A 3 -0.59 -14.03 9.55
N GLU A 4 -1.41 -13.01 9.84
CA GLU A 4 -2.70 -12.86 9.18
C GLU A 4 -2.52 -12.66 7.68
N LEU A 5 -1.44 -11.99 7.30
CA LEU A 5 -1.10 -11.85 5.88
C LEU A 5 -0.53 -13.17 5.37
N GLU A 6 0.41 -13.73 6.14
CA GLU A 6 1.13 -14.94 5.74
C GLU A 6 0.25 -16.20 5.84
N ALA A 7 -0.95 -16.03 6.41
CA ALA A 7 -1.88 -17.15 6.64
C ALA A 7 -2.00 -18.09 5.45
N GLN A 8 -2.22 -17.52 4.26
CA GLN A 8 -2.43 -18.33 3.06
C GLN A 8 -1.12 -18.98 2.60
N THR A 9 -1.21 -20.22 2.14
CA THR A 9 -0.03 -21.08 1.98
C THR A 9 0.59 -20.98 0.57
N ARG A 10 1.93 -20.84 0.56
CA ARG A 10 2.74 -20.82 -0.67
C ARG A 10 2.36 -19.68 -1.63
N VAL A 11 1.46 -18.81 -1.20
CA VAL A 11 1.16 -17.60 -1.95
C VAL A 11 1.66 -16.38 -1.20
N LYS A 12 1.51 -16.43 0.12
CA LYS A 12 1.90 -15.30 0.97
C LYS A 12 3.35 -15.41 1.41
N LEU A 13 3.85 -16.63 1.49
CA LEU A 13 5.22 -16.88 1.93
C LEU A 13 6.21 -16.41 0.86
N ASN A 14 5.91 -16.71 -0.40
CA ASN A 14 6.73 -16.25 -1.52
C ASN A 14 6.68 -14.73 -1.62
N TYR A 15 5.46 -14.21 -1.49
CA TYR A 15 5.23 -12.76 -1.44
C TYR A 15 6.08 -12.15 -0.34
N LEU A 16 6.03 -12.75 0.85
CA LEU A 16 6.80 -12.30 2.00
C LEU A 16 8.28 -12.18 1.62
N ASP A 17 8.83 -13.25 1.07
CA ASP A 17 10.23 -13.29 0.68
C ASP A 17 10.58 -12.08 -0.19
N GLN A 18 9.88 -11.97 -1.32
CA GLN A 18 10.15 -10.90 -2.29
C GLN A 18 9.89 -9.51 -1.67
N ILE A 19 8.64 -9.30 -1.24
CA ILE A 19 8.19 -8.00 -0.77
C ILE A 19 9.07 -7.49 0.36
N ALA A 20 9.37 -8.35 1.31
CA ALA A 20 10.17 -7.97 2.47
C ALA A 20 11.60 -7.67 2.06
N LYS A 21 12.19 -8.57 1.29
CA LYS A 21 13.60 -8.43 0.90
C LYS A 21 13.83 -7.20 0.03
N PHE A 22 12.80 -6.73 -0.67
CA PHE A 22 12.91 -5.49 -1.43
C PHE A 22 13.19 -4.32 -0.50
N TRP A 23 12.27 -4.10 0.45
CA TRP A 23 12.31 -2.92 1.31
C TRP A 23 13.30 -3.08 2.46
N GLU A 24 13.39 -4.31 2.97
CA GLU A 24 14.20 -4.59 4.16
C GLU A 24 15.70 -4.54 3.82
N ILE A 25 16.02 -4.68 2.54
CA ILE A 25 17.40 -4.57 2.05
C ILE A 25 17.62 -3.21 1.37
N GLN A 26 16.52 -2.54 1.02
CA GLN A 26 16.58 -1.22 0.37
C GLN A 26 17.45 -0.26 1.18
N GLY A 27 17.50 -0.49 2.48
CA GLY A 27 18.19 0.41 3.40
C GLY A 27 17.27 0.86 4.51
N SER A 28 16.20 0.10 4.72
CA SER A 28 15.19 0.41 5.72
C SER A 28 14.58 -0.88 6.27
N SER A 29 13.74 -0.75 7.29
CA SER A 29 13.04 -1.90 7.85
C SER A 29 11.58 -1.90 7.38
N LEU A 30 11.04 -3.10 7.16
CA LEU A 30 9.66 -3.24 6.74
C LEU A 30 8.72 -3.03 7.93
N LYS A 31 7.67 -2.25 7.71
CA LYS A 31 6.71 -1.94 8.76
C LYS A 31 5.29 -1.88 8.18
N ILE A 32 4.50 -2.90 8.49
CA ILE A 32 3.09 -2.94 8.10
C ILE A 32 2.23 -3.25 9.34
N PRO A 33 1.85 -2.19 10.09
CA PRO A 33 1.13 -2.32 11.37
C PRO A 33 -0.27 -2.94 11.22
N ASN A 34 -1.02 -2.90 12.32
CA ASN A 34 -2.32 -3.54 12.41
C ASN A 34 -3.36 -2.53 12.86
N VAL A 35 -4.58 -2.71 12.36
CA VAL A 35 -5.70 -1.88 12.76
C VAL A 35 -6.99 -2.70 12.76
N GLU A 36 -7.71 -2.67 13.88
CA GLU A 36 -8.99 -3.38 14.03
C GLU A 36 -8.81 -4.90 13.93
N ARG A 37 -7.57 -5.34 14.19
CA ARG A 37 -7.18 -6.75 14.12
C ARG A 37 -7.02 -7.22 12.68
N ARG A 38 -6.85 -6.27 11.77
CA ARG A 38 -6.46 -6.56 10.39
C ARG A 38 -5.08 -5.98 10.14
N ILE A 39 -4.13 -6.85 9.83
CA ILE A 39 -2.78 -6.45 9.47
C ILE A 39 -2.82 -5.68 8.15
N LEU A 40 -1.86 -4.79 7.94
CA LEU A 40 -1.83 -4.01 6.71
C LEU A 40 -1.51 -4.91 5.52
N ASP A 41 -2.57 -5.40 4.87
CA ASP A 41 -2.43 -6.28 3.71
C ASP A 41 -1.91 -5.49 2.50
N LEU A 42 -0.59 -5.30 2.47
CA LEU A 42 0.09 -4.60 1.37
C LEU A 42 -0.31 -5.27 0.04
N TYR A 43 -0.46 -6.59 0.08
CA TYR A 43 -0.92 -7.37 -1.07
C TYR A 43 -2.19 -6.76 -1.68
N SER A 44 -3.25 -6.74 -0.87
CA SER A 44 -4.56 -6.27 -1.32
C SER A 44 -4.50 -4.78 -1.65
N LEU A 45 -3.72 -4.05 -0.87
CA LEU A 45 -3.52 -2.61 -1.09
C LEU A 45 -2.91 -2.37 -2.47
N SER A 46 -1.91 -3.18 -2.81
CA SER A 46 -1.21 -3.05 -4.09
C SER A 46 -2.16 -3.32 -5.24
N LYS A 47 -2.88 -4.44 -5.18
CA LYS A 47 -3.80 -4.80 -6.26
C LYS A 47 -4.90 -3.75 -6.39
N ILE A 48 -5.38 -3.21 -5.27
CA ILE A 48 -6.37 -2.16 -5.28
C ILE A 48 -5.85 -0.94 -6.04
N VAL A 49 -4.65 -0.48 -5.68
CA VAL A 49 -4.03 0.67 -6.33
C VAL A 49 -3.94 0.45 -7.85
N VAL A 50 -3.48 -0.75 -8.23
CA VAL A 50 -3.31 -1.08 -9.65
C VAL A 50 -4.66 -1.11 -10.36
N GLU A 51 -5.66 -1.74 -9.74
CA GLU A 51 -6.98 -1.89 -10.35
C GLU A 51 -7.72 -0.55 -10.37
N GLU A 52 -7.29 0.36 -9.50
CA GLU A 52 -7.80 1.73 -9.50
C GLU A 52 -7.07 2.58 -10.53
N GLY A 53 -5.83 2.17 -10.85
CA GLY A 53 -5.07 2.81 -11.91
C GLY A 53 -3.93 3.66 -11.39
N GLY A 54 -3.89 3.91 -10.09
CA GLY A 54 -2.83 4.73 -9.53
C GLY A 54 -3.08 5.15 -8.09
N TYR A 55 -2.03 5.14 -7.28
CA TYR A 55 -2.11 5.60 -5.89
C TYR A 55 -2.59 7.05 -5.83
N GLU A 56 -1.94 7.91 -6.61
CA GLU A 56 -2.31 9.32 -6.66
C GLU A 56 -3.79 9.49 -6.99
N ALA A 57 -4.31 8.64 -7.88
CA ALA A 57 -5.71 8.71 -8.26
C ALA A 57 -6.60 8.52 -7.04
N ILE A 58 -6.37 7.42 -6.33
CA ILE A 58 -7.14 7.11 -5.12
C ILE A 58 -6.92 8.19 -4.06
N CYS A 59 -5.71 8.72 -4.03
CA CYS A 59 -5.33 9.73 -3.05
C CYS A 59 -6.02 11.06 -3.34
N LYS A 60 -6.16 11.37 -4.61
CA LYS A 60 -6.78 12.63 -5.05
C LYS A 60 -8.30 12.54 -4.92
N ASP A 61 -8.84 11.35 -5.19
CA ASP A 61 -10.27 11.10 -5.02
C ASP A 61 -10.58 10.70 -3.58
N ARG A 62 -9.51 10.50 -2.80
CA ARG A 62 -9.62 10.19 -1.38
C ARG A 62 -10.41 8.89 -1.18
N ARG A 63 -10.32 7.99 -2.17
CA ARG A 63 -11.16 6.81 -2.21
C ARG A 63 -10.71 5.77 -1.17
N TRP A 64 -9.60 6.05 -0.46
CA TRP A 64 -9.05 5.11 0.53
C TRP A 64 -10.09 4.73 1.57
N ALA A 65 -11.03 5.64 1.84
CA ALA A 65 -12.11 5.37 2.78
C ALA A 65 -12.89 4.13 2.36
N ARG A 66 -13.19 4.07 1.07
CA ARG A 66 -13.95 2.97 0.49
C ARG A 66 -13.11 1.70 0.48
N VAL A 67 -11.85 1.82 0.07
CA VAL A 67 -10.95 0.67 0.01
C VAL A 67 -10.76 0.07 1.40
N ALA A 68 -10.77 0.95 2.41
CA ALA A 68 -10.66 0.53 3.80
C ALA A 68 -11.90 -0.26 4.21
N GLN A 69 -13.07 0.32 3.95
CA GLN A 69 -14.34 -0.34 4.25
C GLN A 69 -14.52 -1.61 3.41
N ARG A 70 -13.74 -1.72 2.33
CA ARG A 70 -13.70 -2.93 1.51
C ARG A 70 -12.71 -3.92 2.10
N LEU A 71 -11.69 -3.39 2.76
CA LEU A 71 -10.61 -4.18 3.36
C LEU A 71 -11.03 -4.77 4.71
N ASN A 72 -12.33 -4.70 4.99
CA ASN A 72 -12.99 -5.26 6.19
C ASN A 72 -12.88 -4.32 7.38
N TYR A 73 -12.43 -3.10 7.14
CA TYR A 73 -12.39 -2.08 8.19
C TYR A 73 -13.79 -1.51 8.40
N PRO A 74 -14.17 -1.21 9.66
CA PRO A 74 -15.48 -0.63 9.98
C PRO A 74 -15.65 0.78 9.41
N PRO A 75 -16.89 1.19 9.11
CA PRO A 75 -17.18 2.52 8.55
C PRO A 75 -16.66 3.66 9.44
N GLY A 76 -16.69 4.87 8.89
CA GLY A 76 -16.14 6.03 9.59
C GLY A 76 -15.06 6.70 8.77
N LYS A 77 -14.53 5.97 7.78
CA LYS A 77 -13.57 6.49 6.81
C LYS A 77 -12.18 6.78 7.42
N ASN A 78 -12.13 7.00 8.74
CA ASN A 78 -10.93 7.55 9.40
C ASN A 78 -9.71 6.63 9.22
N ILE A 79 -9.93 5.32 9.14
CA ILE A 79 -8.82 4.37 8.96
C ILE A 79 -8.11 4.65 7.64
N GLY A 80 -8.81 5.30 6.71
CA GLY A 80 -8.24 5.67 5.43
C GLY A 80 -7.01 6.54 5.58
N SER A 81 -7.04 7.47 6.54
CA SER A 81 -5.89 8.32 6.85
C SER A 81 -4.70 7.46 7.29
N LEU A 82 -4.99 6.47 8.13
CA LEU A 82 -3.98 5.55 8.64
C LEU A 82 -3.34 4.79 7.46
N LEU A 83 -4.18 4.33 6.55
CA LEU A 83 -3.73 3.62 5.36
C LEU A 83 -2.85 4.49 4.49
N ARG A 84 -3.35 5.69 4.14
CA ARG A 84 -2.61 6.61 3.27
C ARG A 84 -1.31 7.01 3.95
N SER A 85 -1.37 7.17 5.27
CA SER A 85 -0.19 7.54 6.05
C SER A 85 0.90 6.49 5.88
N HIS A 86 0.54 5.21 6.01
CA HIS A 86 1.51 4.13 5.86
C HIS A 86 2.03 4.06 4.44
N TYR A 87 1.13 4.22 3.46
CA TYR A 87 1.52 4.18 2.05
C TYR A 87 2.61 5.22 1.80
N GLU A 88 2.33 6.43 2.27
CA GLU A 88 3.21 7.59 2.07
C GLU A 88 4.67 7.31 2.42
N ARG A 89 4.90 6.53 3.48
CA ARG A 89 6.25 6.34 4.01
C ARG A 89 6.76 4.90 3.82
N ILE A 90 5.90 4.00 3.38
CA ILE A 90 6.29 2.59 3.20
C ILE A 90 6.04 2.11 1.77
N VAL A 91 4.80 2.23 1.31
CA VAL A 91 4.38 1.63 0.04
C VAL A 91 4.56 2.59 -1.14
N TYR A 92 4.84 3.86 -0.86
CA TYR A 92 5.01 4.86 -1.91
C TYR A 92 6.23 4.51 -2.79
N PRO A 93 7.40 4.17 -2.18
CA PRO A 93 8.55 3.67 -2.95
C PRO A 93 8.20 2.43 -3.77
N TYR A 94 7.17 1.71 -3.31
CA TYR A 94 6.70 0.51 -4.00
C TYR A 94 5.96 0.86 -5.29
N GLU A 95 5.23 1.98 -5.30
CA GLU A 95 4.61 2.43 -6.54
C GLU A 95 5.70 2.78 -7.54
N MET A 96 6.69 3.55 -7.08
CA MET A 96 7.84 3.90 -7.90
C MET A 96 8.49 2.63 -8.47
N TYR A 97 8.65 1.63 -7.62
CA TYR A 97 9.24 0.35 -7.99
C TYR A 97 8.36 -0.40 -9.00
N GLN A 98 7.18 -0.81 -8.55
CA GLN A 98 6.26 -1.60 -9.36
C GLN A 98 5.90 -0.88 -10.66
N SER A 99 5.40 0.35 -10.54
CA SER A 99 5.00 1.13 -11.69
C SER A 99 6.22 1.47 -12.55
N GLY A 100 7.32 1.85 -11.91
CA GLY A 100 8.54 2.18 -12.65
C GLY A 100 9.08 1.01 -13.43
N ALA A 101 8.92 -0.19 -12.90
CA ALA A 101 9.41 -1.41 -13.53
C ALA A 101 8.52 -1.83 -14.70
N ASN A 102 7.21 -1.70 -14.53
CA ASN A 102 6.26 -2.13 -15.56
C ASN A 102 5.91 -0.98 -16.51
N LEU A 103 5.33 0.08 -15.97
CA LEU A 103 4.92 1.25 -16.75
C LEU A 103 4.47 2.34 -15.79
N VAL A 104 4.96 3.56 -15.98
CA VAL A 104 4.77 4.62 -15.00
C VAL A 104 4.36 5.95 -15.64
N CYS A 105 3.41 6.61 -15.01
CA CYS A 105 3.03 7.98 -15.36
C CYS A 105 3.12 8.88 -14.13
N ASN A 106 2.94 8.27 -12.96
CA ASN A 106 2.92 8.98 -11.68
C ASN A 106 4.24 9.68 -11.38
N THR A 107 5.30 9.27 -12.08
CA THR A 107 6.63 9.82 -11.85
C THR A 107 6.63 11.36 -11.93
N ARG A 108 5.72 11.92 -12.74
CA ARG A 108 5.67 13.37 -12.93
C ARG A 108 4.78 14.04 -11.86
N PRO A 109 3.48 13.67 -11.74
CA PRO A 109 2.58 14.27 -10.72
C PRO A 109 3.05 13.96 -9.29
N PHE A 110 3.95 12.99 -9.17
CA PHE A 110 4.63 12.69 -7.91
C PHE A 110 5.12 13.98 -7.26
N ASP A 111 5.87 14.75 -8.05
CA ASP A 111 6.44 16.03 -7.62
C ASP A 111 5.34 16.99 -7.19
N ASN A 112 4.18 16.86 -7.83
CA ASN A 112 3.05 17.74 -7.54
C ASN A 112 2.50 17.44 -6.16
N GLU A 113 2.02 16.21 -5.93
CA GLU A 113 1.40 15.86 -4.64
C GLU A 113 2.40 16.04 -3.50
N GLU A 114 3.65 15.70 -3.75
CA GLU A 114 4.72 15.83 -2.76
C GLU A 114 4.93 17.31 -2.42
N LYS A 115 5.11 18.12 -3.45
CA LYS A 115 5.38 19.56 -3.26
C LYS A 115 4.06 20.34 -3.16
N ASP A 116 2.96 19.59 -2.98
CA ASP A 116 1.60 20.15 -2.91
C ASP A 116 1.13 20.56 -4.31
N LYS A 117 1.89 21.43 -4.95
CA LYS A 117 1.65 21.82 -6.33
C LYS A 117 2.96 22.32 -6.96
N SER A 1 -1.92 -10.12 13.73
CA SER A 1 -0.50 -10.47 13.65
C SER A 1 -0.05 -10.59 12.20
N MET A 2 1.22 -10.90 11.98
CA MET A 2 1.74 -11.09 10.63
C MET A 2 1.08 -12.33 9.99
N ASN A 3 0.49 -13.16 10.84
CA ASN A 3 -0.16 -14.40 10.42
C ASN A 3 -1.21 -14.15 9.34
N GLU A 4 -2.02 -13.11 9.52
CA GLU A 4 -3.09 -12.81 8.57
C GLU A 4 -2.55 -12.70 7.14
N LEU A 5 -1.33 -12.17 7.00
CA LEU A 5 -0.71 -12.09 5.69
C LEU A 5 -0.14 -13.46 5.32
N GLU A 6 0.61 -14.07 6.24
CA GLU A 6 1.29 -15.34 5.99
C GLU A 6 0.30 -16.50 5.85
N ALA A 7 -0.99 -16.23 6.11
CA ALA A 7 -2.05 -17.25 6.09
C ALA A 7 -2.01 -18.15 4.85
N GLN A 8 -2.20 -17.56 3.67
CA GLN A 8 -2.31 -18.36 2.44
C GLN A 8 -0.95 -18.87 1.99
N THR A 9 -0.93 -20.10 1.47
CA THR A 9 0.31 -20.84 1.26
C THR A 9 0.91 -20.63 -0.13
N ARG A 10 2.25 -20.53 -0.16
CA ARG A 10 3.06 -20.43 -1.38
C ARG A 10 2.66 -19.21 -2.25
N VAL A 11 1.75 -18.39 -1.75
CA VAL A 11 1.40 -17.14 -2.43
C VAL A 11 1.85 -15.95 -1.59
N LYS A 12 1.56 -16.01 -0.28
CA LYS A 12 1.85 -14.90 0.60
C LYS A 12 3.31 -14.94 1.05
N LEU A 13 3.88 -16.15 1.11
CA LEU A 13 5.28 -16.34 1.51
C LEU A 13 6.21 -15.72 0.47
N ASN A 14 5.91 -15.97 -0.80
CA ASN A 14 6.68 -15.42 -1.91
C ASN A 14 6.62 -13.89 -1.87
N TYR A 15 5.40 -13.37 -1.77
CA TYR A 15 5.19 -11.93 -1.66
C TYR A 15 5.87 -11.38 -0.41
N LEU A 16 5.90 -12.19 0.65
CA LEU A 16 6.55 -11.80 1.90
C LEU A 16 8.03 -11.53 1.65
N ASP A 17 8.69 -12.47 0.97
CA ASP A 17 10.11 -12.34 0.65
C ASP A 17 10.35 -11.08 -0.18
N GLN A 18 9.53 -10.90 -1.21
CA GLN A 18 9.64 -9.74 -2.09
C GLN A 18 9.44 -8.44 -1.31
N ILE A 19 8.29 -8.33 -0.64
CA ILE A 19 7.88 -7.11 0.04
C ILE A 19 8.81 -6.79 1.21
N ALA A 20 9.42 -7.81 1.77
CA ALA A 20 10.34 -7.63 2.89
C ALA A 20 11.68 -7.12 2.40
N LYS A 21 12.31 -7.87 1.50
CA LYS A 21 13.70 -7.59 1.11
C LYS A 21 13.81 -6.37 0.20
N PHE A 22 12.79 -6.09 -0.61
CA PHE A 22 12.83 -4.92 -1.49
C PHE A 22 12.97 -3.64 -0.66
N TRP A 23 12.23 -3.58 0.45
CA TRP A 23 12.19 -2.39 1.29
C TRP A 23 13.24 -2.45 2.40
N GLU A 24 13.33 -3.59 3.07
CA GLU A 24 14.24 -3.76 4.20
C GLU A 24 15.70 -3.51 3.76
N ILE A 25 16.10 -4.15 2.66
CA ILE A 25 17.49 -4.06 2.18
C ILE A 25 17.73 -2.69 1.53
N GLN A 26 16.66 -1.92 1.33
CA GLN A 26 16.76 -0.57 0.78
C GLN A 26 17.33 0.38 1.84
N GLY A 27 17.50 -0.13 3.05
CA GLY A 27 18.03 0.67 4.14
C GLY A 27 16.93 1.13 5.08
N SER A 28 15.95 0.27 5.26
CA SER A 28 14.81 0.57 6.12
C SER A 28 14.26 -0.72 6.74
N SER A 29 13.12 -0.60 7.38
CA SER A 29 12.44 -1.75 7.98
C SER A 29 10.95 -1.72 7.61
N LEU A 30 10.43 -2.84 7.12
CA LEU A 30 9.04 -2.92 6.69
C LEU A 30 8.12 -2.90 7.90
N LYS A 31 7.82 -1.69 8.38
CA LYS A 31 6.97 -1.53 9.55
C LYS A 31 5.51 -1.36 9.13
N ILE A 32 4.81 -2.49 9.02
CA ILE A 32 3.39 -2.50 8.73
C ILE A 32 2.60 -2.88 9.99
N PRO A 33 1.82 -1.94 10.55
CA PRO A 33 1.12 -2.13 11.81
C PRO A 33 -0.19 -2.90 11.66
N ASN A 34 -0.91 -3.02 12.77
CA ASN A 34 -2.21 -3.66 12.78
C ASN A 34 -3.29 -2.66 13.11
N VAL A 35 -4.41 -2.81 12.46
CA VAL A 35 -5.54 -1.92 12.64
C VAL A 35 -6.84 -2.70 12.57
N GLU A 36 -7.80 -2.33 13.43
CA GLU A 36 -9.13 -2.95 13.42
C GLU A 36 -9.06 -4.45 13.69
N ARG A 37 -7.98 -4.85 14.37
CA ARG A 37 -7.77 -6.23 14.82
C ARG A 37 -7.21 -7.11 13.70
N ARG A 38 -6.70 -6.49 12.65
CA ARG A 38 -6.04 -7.21 11.56
C ARG A 38 -4.79 -6.46 11.12
N ILE A 39 -3.75 -7.18 10.72
CA ILE A 39 -2.54 -6.56 10.20
C ILE A 39 -2.84 -5.86 8.87
N LEU A 40 -2.07 -4.81 8.58
CA LEU A 40 -2.18 -4.12 7.31
C LEU A 40 -1.65 -5.01 6.19
N ASP A 41 -2.53 -5.78 5.57
CA ASP A 41 -2.14 -6.71 4.51
C ASP A 41 -1.80 -5.94 3.25
N LEU A 42 -0.52 -5.63 3.11
CA LEU A 42 0.00 -4.81 2.02
C LEU A 42 -0.37 -5.42 0.65
N TYR A 43 -0.52 -6.74 0.63
CA TYR A 43 -0.85 -7.46 -0.60
C TYR A 43 -2.19 -6.98 -1.17
N SER A 44 -3.21 -7.00 -0.32
CA SER A 44 -4.53 -6.53 -0.70
C SER A 44 -4.48 -5.06 -1.12
N LEU A 45 -3.68 -4.28 -0.39
CA LEU A 45 -3.49 -2.88 -0.70
C LEU A 45 -2.91 -2.75 -2.12
N SER A 46 -1.93 -3.59 -2.42
CA SER A 46 -1.28 -3.57 -3.73
C SER A 46 -2.31 -3.82 -4.84
N LYS A 47 -3.06 -4.92 -4.73
CA LYS A 47 -4.01 -5.29 -5.76
C LYS A 47 -5.11 -4.25 -5.89
N ILE A 48 -5.54 -3.69 -4.76
CA ILE A 48 -6.60 -2.68 -4.76
C ILE A 48 -6.12 -1.41 -5.50
N VAL A 49 -4.91 -0.97 -5.19
CA VAL A 49 -4.33 0.20 -5.86
C VAL A 49 -4.26 -0.04 -7.37
N VAL A 50 -3.88 -1.27 -7.75
CA VAL A 50 -3.83 -1.65 -9.16
C VAL A 50 -5.22 -1.62 -9.79
N GLU A 51 -6.23 -2.07 -9.04
CA GLU A 51 -7.61 -2.08 -9.53
C GLU A 51 -8.16 -0.66 -9.61
N GLU A 52 -7.63 0.23 -8.77
CA GLU A 52 -8.07 1.62 -8.76
C GLU A 52 -7.39 2.42 -9.88
N GLY A 53 -6.14 2.05 -10.21
CA GLY A 53 -5.49 2.57 -11.40
C GLY A 53 -4.34 3.54 -11.15
N GLY A 54 -4.17 4.02 -9.92
CA GLY A 54 -3.05 4.91 -9.63
C GLY A 54 -3.14 5.58 -8.28
N TYR A 55 -2.00 5.65 -7.58
CA TYR A 55 -1.92 6.24 -6.24
C TYR A 55 -2.50 7.66 -6.21
N GLU A 56 -2.00 8.53 -7.10
CA GLU A 56 -2.43 9.93 -7.14
C GLU A 56 -3.95 10.03 -7.18
N ALA A 57 -4.56 9.24 -8.04
CA ALA A 57 -6.00 9.28 -8.26
C ALA A 57 -6.74 8.93 -6.98
N ILE A 58 -6.27 7.91 -6.28
CA ILE A 58 -6.90 7.48 -5.03
C ILE A 58 -6.78 8.58 -3.99
N CYS A 59 -5.65 9.28 -4.00
CA CYS A 59 -5.38 10.33 -3.04
C CYS A 59 -6.28 11.53 -3.28
N LYS A 60 -6.30 12.03 -4.52
CA LYS A 60 -7.06 13.22 -4.87
C LYS A 60 -8.57 12.95 -4.80
N ASP A 61 -8.97 11.75 -5.19
CA ASP A 61 -10.38 11.37 -5.15
C ASP A 61 -10.76 10.81 -3.78
N ARG A 62 -9.77 10.72 -2.87
CA ARG A 62 -10.01 10.29 -1.49
C ARG A 62 -10.54 8.85 -1.44
N ARG A 63 -10.25 8.07 -2.47
CA ARG A 63 -10.86 6.75 -2.63
C ARG A 63 -10.23 5.73 -1.68
N TRP A 64 -9.35 6.17 -0.79
CA TRP A 64 -8.84 5.32 0.28
C TRP A 64 -10.00 4.92 1.20
N ALA A 65 -11.02 5.76 1.26
CA ALA A 65 -12.24 5.42 1.98
C ALA A 65 -12.87 4.18 1.33
N ARG A 66 -12.86 4.18 -0.01
CA ARG A 66 -13.39 3.07 -0.80
C ARG A 66 -12.56 1.81 -0.52
N VAL A 67 -11.24 1.94 -0.58
CA VAL A 67 -10.35 0.79 -0.38
C VAL A 67 -10.56 0.19 1.01
N ALA A 68 -10.77 1.06 1.99
CA ALA A 68 -11.02 0.62 3.36
C ALA A 68 -12.33 -0.16 3.44
N GLN A 69 -13.38 0.40 2.82
CA GLN A 69 -14.69 -0.25 2.78
C GLN A 69 -14.65 -1.50 1.90
N ARG A 70 -13.65 -1.56 1.04
CA ARG A 70 -13.46 -2.70 0.14
C ARG A 70 -12.66 -3.77 0.88
N LEU A 71 -11.87 -3.33 1.84
CA LEU A 71 -10.99 -4.20 2.61
C LEU A 71 -11.66 -4.66 3.90
N ASN A 72 -12.98 -4.41 4.00
CA ASN A 72 -13.82 -4.93 5.10
C ASN A 72 -13.66 -4.13 6.39
N TYR A 73 -13.02 -2.96 6.31
CA TYR A 73 -12.83 -2.13 7.50
C TYR A 73 -14.15 -1.49 7.94
N PRO A 74 -14.33 -1.28 9.25
CA PRO A 74 -15.58 -0.72 9.81
C PRO A 74 -15.73 0.78 9.53
N PRO A 75 -16.94 1.35 9.76
CA PRO A 75 -17.21 2.79 9.57
C PRO A 75 -16.20 3.67 10.33
N GLY A 76 -16.05 4.90 9.86
CA GLY A 76 -15.08 5.82 10.42
C GLY A 76 -14.03 6.19 9.39
N LYS A 77 -13.60 5.18 8.62
CA LYS A 77 -12.73 5.37 7.46
C LYS A 77 -11.39 6.01 7.82
N ASN A 78 -11.11 6.16 9.12
CA ASN A 78 -9.89 6.82 9.57
C ASN A 78 -8.65 6.01 9.20
N ILE A 79 -8.85 4.71 8.97
CA ILE A 79 -7.77 3.82 8.59
C ILE A 79 -7.08 4.33 7.32
N GLY A 80 -7.85 5.04 6.49
CA GLY A 80 -7.31 5.60 5.26
C GLY A 80 -6.10 6.49 5.50
N SER A 81 -6.12 7.23 6.62
CA SER A 81 -5.02 8.12 6.96
C SER A 81 -3.79 7.30 7.37
N LEU A 82 -4.01 6.29 8.22
CA LEU A 82 -2.94 5.39 8.66
C LEU A 82 -2.31 4.73 7.43
N LEU A 83 -3.19 4.22 6.57
CA LEU A 83 -2.78 3.54 5.35
C LEU A 83 -1.95 4.45 4.45
N ARG A 84 -2.48 5.63 4.13
CA ARG A 84 -1.80 6.53 3.22
C ARG A 84 -0.50 7.06 3.82
N SER A 85 -0.52 7.35 5.13
CA SER A 85 0.66 7.90 5.79
C SER A 85 1.82 6.90 5.71
N HIS A 86 1.53 5.62 5.93
CA HIS A 86 2.54 4.58 5.75
C HIS A 86 2.89 4.42 4.29
N TYR A 87 1.89 4.49 3.41
CA TYR A 87 2.13 4.37 1.97
C TYR A 87 3.16 5.40 1.54
N GLU A 88 2.93 6.64 1.92
CA GLU A 88 3.74 7.78 1.50
C GLU A 88 5.24 7.56 1.77
N ARG A 89 5.56 6.90 2.88
CA ARG A 89 6.96 6.75 3.29
C ARG A 89 7.43 5.30 3.31
N ILE A 90 6.53 4.36 2.99
CA ILE A 90 6.88 2.93 2.98
C ILE A 90 6.57 2.30 1.62
N VAL A 91 5.32 2.46 1.16
CA VAL A 91 4.84 1.76 -0.03
C VAL A 91 4.98 2.62 -1.28
N TYR A 92 5.30 3.90 -1.10
CA TYR A 92 5.43 4.83 -2.23
C TYR A 92 6.53 4.35 -3.20
N PRO A 93 7.70 3.91 -2.69
CA PRO A 93 8.72 3.27 -3.55
C PRO A 93 8.14 2.10 -4.35
N TYR A 94 7.14 1.43 -3.77
CA TYR A 94 6.49 0.29 -4.42
C TYR A 94 5.56 0.73 -5.53
N GLU A 95 5.06 1.97 -5.45
CA GLU A 95 4.33 2.57 -6.58
C GLU A 95 5.27 2.64 -7.77
N MET A 96 6.43 3.27 -7.59
CA MET A 96 7.42 3.41 -8.65
C MET A 96 7.97 2.03 -9.07
N TYR A 97 7.99 1.09 -8.13
CA TYR A 97 8.42 -0.28 -8.41
C TYR A 97 7.41 -0.99 -9.32
N GLN A 98 6.14 -0.98 -8.90
CA GLN A 98 5.06 -1.64 -9.65
C GLN A 98 4.91 -1.00 -11.02
N SER A 99 4.79 0.32 -11.05
CA SER A 99 4.66 1.04 -12.30
C SER A 99 5.93 0.88 -13.14
N GLY A 100 7.08 0.91 -12.48
CA GLY A 100 8.35 0.73 -13.18
C GLY A 100 8.41 -0.61 -13.88
N ALA A 101 7.83 -1.62 -13.26
CA ALA A 101 7.78 -2.97 -13.84
C ALA A 101 6.74 -3.06 -14.95
N ASN A 102 5.55 -2.54 -14.69
CA ASN A 102 4.42 -2.66 -15.62
C ASN A 102 4.44 -1.54 -16.66
N LEU A 103 4.32 -0.30 -16.18
CA LEU A 103 4.28 0.89 -17.02
C LEU A 103 4.25 2.12 -16.12
N VAL A 104 5.21 3.02 -16.29
CA VAL A 104 5.39 4.12 -15.36
C VAL A 104 5.01 5.47 -15.97
N CYS A 105 3.88 6.00 -15.52
CA CYS A 105 3.45 7.35 -15.87
C CYS A 105 3.12 8.13 -14.60
N ASN A 106 3.39 7.50 -13.46
CA ASN A 106 3.11 8.08 -12.15
C ASN A 106 4.30 8.88 -11.60
N THR A 107 5.18 9.32 -12.48
CA THR A 107 6.38 10.06 -12.07
C THR A 107 6.01 11.45 -11.51
N ARG A 108 5.06 12.13 -12.15
CA ARG A 108 4.64 13.47 -11.72
C ARG A 108 3.86 13.43 -10.40
N PRO A 109 2.92 12.47 -10.22
CA PRO A 109 2.24 12.24 -8.93
C PRO A 109 3.16 12.42 -7.71
N PHE A 110 4.43 12.01 -7.84
CA PHE A 110 5.42 12.21 -6.78
C PHE A 110 5.59 13.71 -6.49
N ASP A 111 5.74 14.48 -7.56
CA ASP A 111 5.87 15.93 -7.47
C ASP A 111 4.56 16.55 -6.98
N ASN A 112 3.46 15.92 -7.36
CA ASN A 112 2.11 16.38 -6.99
C ASN A 112 1.85 16.18 -5.50
N GLU A 113 2.29 15.05 -4.97
CA GLU A 113 2.16 14.77 -3.54
C GLU A 113 3.15 15.61 -2.74
N GLU A 114 4.30 15.88 -3.36
CA GLU A 114 5.31 16.76 -2.78
C GLU A 114 4.75 18.18 -2.66
N LYS A 115 4.16 18.66 -3.74
CA LYS A 115 3.59 20.00 -3.80
C LYS A 115 2.18 19.93 -4.39
N ASP A 116 1.18 19.83 -3.52
CA ASP A 116 -0.22 19.74 -3.96
C ASP A 116 -0.83 21.13 -4.06
N LYS A 117 0.00 22.14 -3.88
CA LYS A 117 -0.43 23.53 -3.99
C LYS A 117 -0.26 24.02 -5.44
N SER A 1 2.60 -8.50 13.10
CA SER A 1 1.33 -9.24 12.93
C SER A 1 1.32 -9.99 11.59
N MET A 2 2.50 -10.39 11.13
CA MET A 2 2.67 -11.05 9.83
C MET A 2 1.86 -12.34 9.73
N ASN A 3 1.48 -12.90 10.88
CA ASN A 3 0.69 -14.14 10.92
C ASN A 3 -0.55 -14.04 10.04
N GLU A 4 -1.25 -12.92 10.14
CA GLU A 4 -2.49 -12.71 9.40
C GLU A 4 -2.25 -12.68 7.90
N LEU A 5 -0.99 -12.47 7.50
CA LEU A 5 -0.61 -12.55 6.09
C LEU A 5 -0.22 -13.99 5.76
N GLU A 6 0.66 -14.53 6.61
CA GLU A 6 1.15 -15.91 6.49
C GLU A 6 0.01 -16.92 6.49
N ALA A 7 -1.18 -16.47 6.90
CA ALA A 7 -2.39 -17.28 6.86
C ALA A 7 -2.52 -18.08 5.56
N GLN A 8 -2.04 -17.50 4.45
CA GLN A 8 -2.05 -18.19 3.16
C GLN A 8 -0.67 -18.81 2.88
N THR A 9 -0.65 -19.99 2.28
CA THR A 9 0.55 -20.80 2.20
C THR A 9 1.17 -20.80 0.80
N ARG A 10 2.50 -20.74 0.76
CA ARG A 10 3.30 -20.80 -0.47
C ARG A 10 2.95 -19.71 -1.49
N VAL A 11 2.06 -18.80 -1.11
CA VAL A 11 1.79 -17.61 -1.91
C VAL A 11 2.31 -16.38 -1.17
N LYS A 12 2.03 -16.34 0.14
CA LYS A 12 2.45 -15.24 0.98
C LYS A 12 3.92 -15.38 1.38
N LEU A 13 4.43 -16.60 1.34
CA LEU A 13 5.82 -16.87 1.67
C LEU A 13 6.74 -16.08 0.73
N ASN A 14 6.59 -16.32 -0.57
CA ASN A 14 7.39 -15.65 -1.59
C ASN A 14 7.17 -14.14 -1.54
N TYR A 15 5.90 -13.74 -1.41
CA TYR A 15 5.54 -12.33 -1.38
C TYR A 15 6.17 -11.63 -0.18
N LEU A 16 6.13 -12.28 0.99
CA LEU A 16 6.67 -11.70 2.20
C LEU A 16 8.18 -11.52 2.08
N ASP A 17 8.84 -12.55 1.55
CA ASP A 17 10.27 -12.49 1.32
C ASP A 17 10.62 -11.27 0.46
N GLN A 18 9.91 -11.13 -0.66
CA GLN A 18 10.12 -10.03 -1.59
C GLN A 18 9.81 -8.67 -0.93
N ILE A 19 8.60 -8.55 -0.41
CA ILE A 19 8.10 -7.29 0.12
C ILE A 19 8.96 -6.81 1.29
N ALA A 20 9.57 -7.75 2.01
CA ALA A 20 10.46 -7.42 3.11
C ALA A 20 11.87 -7.14 2.62
N LYS A 21 12.29 -7.87 1.59
CA LYS A 21 13.68 -7.79 1.11
C LYS A 21 13.92 -6.53 0.28
N PHE A 22 13.13 -6.34 -0.78
CA PHE A 22 13.28 -5.17 -1.66
C PHE A 22 13.38 -3.88 -0.85
N TRP A 23 12.42 -3.72 0.07
CA TRP A 23 12.32 -2.52 0.89
C TRP A 23 13.46 -2.48 1.92
N GLU A 24 13.87 -3.67 2.38
CA GLU A 24 15.00 -3.78 3.31
C GLU A 24 16.26 -3.23 2.65
N ILE A 25 16.46 -3.61 1.39
CA ILE A 25 17.65 -3.23 0.63
C ILE A 25 17.62 -1.75 0.27
N GLN A 26 16.46 -1.12 0.42
CA GLN A 26 16.36 0.33 0.20
C GLN A 26 16.89 1.10 1.41
N GLY A 27 17.72 0.44 2.22
CA GLY A 27 18.25 1.05 3.43
C GLY A 27 17.17 1.29 4.46
N SER A 28 16.23 0.35 4.51
CA SER A 28 15.07 0.47 5.38
C SER A 28 14.62 -0.91 5.86
N SER A 29 13.46 -0.96 6.50
CA SER A 29 12.88 -2.22 6.95
C SER A 29 11.36 -2.14 6.93
N LEU A 30 10.71 -3.28 6.71
CA LEU A 30 9.25 -3.34 6.56
C LEU A 30 8.57 -3.30 7.93
N LYS A 31 7.61 -2.39 8.08
CA LYS A 31 6.83 -2.26 9.30
C LYS A 31 5.39 -1.90 8.96
N ILE A 32 4.54 -2.93 8.84
CA ILE A 32 3.13 -2.73 8.53
C ILE A 32 2.26 -3.01 9.76
N PRO A 33 1.34 -2.09 10.08
CA PRO A 33 0.47 -2.21 11.26
C PRO A 33 -0.81 -2.99 10.98
N ASN A 34 -1.68 -3.04 12.00
CA ASN A 34 -2.99 -3.67 11.88
C ASN A 34 -4.02 -2.83 12.59
N VAL A 35 -5.25 -2.96 12.13
CA VAL A 35 -6.36 -2.22 12.71
C VAL A 35 -7.64 -3.01 12.48
N GLU A 36 -8.59 -2.92 13.42
CA GLU A 36 -9.85 -3.65 13.30
C GLU A 36 -9.59 -5.15 13.34
N ARG A 37 -8.46 -5.52 13.96
CA ARG A 37 -7.94 -6.89 14.05
C ARG A 37 -7.68 -7.48 12.66
N ARG A 38 -7.54 -6.58 11.69
CA ARG A 38 -7.19 -6.93 10.32
C ARG A 38 -5.85 -6.29 9.98
N ILE A 39 -4.86 -7.12 9.64
CA ILE A 39 -3.55 -6.60 9.27
C ILE A 39 -3.65 -5.79 7.98
N LEU A 40 -2.78 -4.79 7.84
CA LEU A 40 -2.72 -4.03 6.61
C LEU A 40 -2.17 -4.92 5.50
N ASP A 41 -3.09 -5.58 4.80
CA ASP A 41 -2.73 -6.57 3.79
C ASP A 41 -2.15 -5.87 2.56
N LEU A 42 -0.84 -5.68 2.59
CA LEU A 42 -0.12 -4.94 1.54
C LEU A 42 -0.35 -5.60 0.17
N TYR A 43 -0.60 -6.90 0.17
CA TYR A 43 -0.84 -7.64 -1.07
C TYR A 43 -2.10 -7.10 -1.76
N SER A 44 -3.21 -7.16 -1.03
CA SER A 44 -4.49 -6.68 -1.53
C SER A 44 -4.41 -5.17 -1.81
N LEU A 45 -3.75 -4.46 -0.90
CA LEU A 45 -3.54 -3.02 -1.05
C LEU A 45 -2.86 -2.73 -2.38
N SER A 46 -1.77 -3.45 -2.65
CA SER A 46 -0.98 -3.23 -3.85
C SER A 46 -1.83 -3.47 -5.09
N LYS A 47 -2.50 -4.61 -5.15
CA LYS A 47 -3.29 -4.95 -6.33
C LYS A 47 -4.44 -3.95 -6.50
N ILE A 48 -5.03 -3.51 -5.40
CA ILE A 48 -6.13 -2.55 -5.45
C ILE A 48 -5.67 -1.21 -6.00
N VAL A 49 -4.53 -0.72 -5.50
CA VAL A 49 -3.95 0.52 -6.02
C VAL A 49 -3.72 0.41 -7.53
N VAL A 50 -3.25 -0.77 -7.96
CA VAL A 50 -3.06 -1.05 -9.38
C VAL A 50 -4.38 -0.96 -10.14
N GLU A 51 -5.45 -1.51 -9.55
CA GLU A 51 -6.78 -1.46 -10.16
C GLU A 51 -7.22 0.00 -10.30
N GLU A 52 -6.92 0.79 -9.28
CA GLU A 52 -7.32 2.20 -9.23
C GLU A 52 -6.53 3.04 -10.23
N GLY A 53 -5.28 2.66 -10.47
CA GLY A 53 -4.50 3.30 -11.52
C GLY A 53 -3.44 4.28 -11.01
N GLY A 54 -3.45 4.56 -9.71
CA GLY A 54 -2.44 5.45 -9.15
C GLY A 54 -2.74 5.84 -7.72
N TYR A 55 -1.74 5.73 -6.85
CA TYR A 55 -1.88 6.06 -5.43
C TYR A 55 -2.34 7.49 -5.23
N GLU A 56 -1.62 8.43 -5.83
CA GLU A 56 -1.93 9.86 -5.70
C GLU A 56 -3.37 10.14 -6.08
N ALA A 57 -3.85 9.44 -7.11
CA ALA A 57 -5.22 9.60 -7.58
C ALA A 57 -6.21 9.15 -6.51
N ILE A 58 -5.97 7.97 -5.94
CA ILE A 58 -6.83 7.44 -4.87
C ILE A 58 -6.85 8.40 -3.70
N CYS A 59 -5.67 8.89 -3.33
CA CYS A 59 -5.50 9.77 -2.18
C CYS A 59 -6.24 11.09 -2.40
N LYS A 60 -6.08 11.66 -3.59
CA LYS A 60 -6.67 12.97 -3.89
C LYS A 60 -8.16 12.82 -4.20
N ASP A 61 -8.57 11.60 -4.53
CA ASP A 61 -9.97 11.30 -4.77
C ASP A 61 -10.66 10.86 -3.49
N ARG A 62 -9.85 10.53 -2.48
CA ARG A 62 -10.35 10.02 -1.19
C ARG A 62 -10.96 8.64 -1.40
N ARG A 63 -10.49 7.95 -2.44
CA ARG A 63 -11.05 6.66 -2.85
C ARG A 63 -10.66 5.58 -1.84
N TRP A 64 -9.73 5.93 -0.94
CA TRP A 64 -9.36 5.04 0.16
C TRP A 64 -10.57 4.68 1.01
N ALA A 65 -11.61 5.50 0.91
CA ALA A 65 -12.85 5.25 1.61
C ALA A 65 -13.35 3.84 1.31
N ARG A 66 -13.64 3.59 0.04
CA ARG A 66 -14.18 2.30 -0.39
C ARG A 66 -13.09 1.21 -0.43
N VAL A 67 -11.83 1.64 -0.60
CA VAL A 67 -10.71 0.70 -0.56
C VAL A 67 -10.57 0.10 0.83
N ALA A 68 -10.39 0.97 1.82
CA ALA A 68 -10.30 0.54 3.22
C ALA A 68 -11.57 -0.18 3.62
N GLN A 69 -12.71 0.31 3.13
CA GLN A 69 -14.00 -0.33 3.37
C GLN A 69 -13.99 -1.77 2.85
N ARG A 70 -13.33 -1.98 1.70
CA ARG A 70 -13.17 -3.31 1.13
C ARG A 70 -12.33 -4.17 2.10
N LEU A 71 -11.32 -3.54 2.70
CA LEU A 71 -10.48 -4.17 3.72
C LEU A 71 -11.19 -4.18 5.09
N ASN A 72 -12.50 -3.89 5.07
CA ASN A 72 -13.38 -3.91 6.27
C ASN A 72 -12.95 -2.89 7.33
N TYR A 73 -12.17 -1.90 6.91
CA TYR A 73 -11.83 -0.77 7.79
C TYR A 73 -12.96 0.26 7.76
N PRO A 74 -13.27 0.89 8.90
CA PRO A 74 -14.29 1.94 8.98
C PRO A 74 -14.02 3.09 7.98
N PRO A 75 -15.02 3.41 7.14
CA PRO A 75 -14.90 4.51 6.17
C PRO A 75 -14.94 5.88 6.86
N GLY A 76 -15.23 6.93 6.08
CA GLY A 76 -15.24 8.28 6.64
C GLY A 76 -13.83 8.81 6.83
N LYS A 77 -12.88 8.19 6.13
CA LYS A 77 -11.46 8.56 6.19
C LYS A 77 -10.84 8.15 7.52
N ASN A 78 -11.62 7.51 8.39
CA ASN A 78 -11.18 7.14 9.75
C ASN A 78 -9.87 6.35 9.69
N ILE A 79 -9.87 5.23 8.97
CA ILE A 79 -8.66 4.44 8.80
C ILE A 79 -8.04 4.70 7.42
N GLY A 80 -8.83 5.31 6.53
CA GLY A 80 -8.33 5.66 5.21
C GLY A 80 -7.07 6.51 5.29
N SER A 81 -7.09 7.50 6.19
CA SER A 81 -5.93 8.37 6.39
C SER A 81 -4.76 7.57 6.98
N LEU A 82 -5.07 6.65 7.90
CA LEU A 82 -4.06 5.77 8.51
C LEU A 82 -3.31 5.02 7.41
N LEU A 83 -4.08 4.40 6.54
CA LEU A 83 -3.54 3.67 5.39
C LEU A 83 -2.64 4.56 4.56
N ARG A 84 -3.18 5.71 4.13
CA ARG A 84 -2.44 6.66 3.31
C ARG A 84 -1.17 7.13 4.02
N SER A 85 -1.29 7.37 5.32
CA SER A 85 -0.17 7.89 6.11
C SER A 85 1.01 6.92 6.11
N HIS A 86 0.74 5.63 6.30
CA HIS A 86 1.82 4.63 6.27
C HIS A 86 2.25 4.32 4.84
N TYR A 87 1.31 4.44 3.91
CA TYR A 87 1.61 4.24 2.50
C TYR A 87 2.71 5.19 2.06
N GLU A 88 2.57 6.45 2.49
CA GLU A 88 3.49 7.53 2.12
C GLU A 88 4.96 7.12 2.27
N ARG A 89 5.27 6.32 3.28
CA ARG A 89 6.67 5.98 3.57
C ARG A 89 6.99 4.53 3.20
N ILE A 90 6.07 3.62 3.46
CA ILE A 90 6.32 2.19 3.28
C ILE A 90 6.01 1.74 1.85
N VAL A 91 4.79 1.99 1.39
CA VAL A 91 4.30 1.41 0.14
C VAL A 91 4.46 2.38 -1.03
N TYR A 92 4.75 3.64 -0.73
CA TYR A 92 4.87 4.67 -1.77
C TYR A 92 5.95 4.31 -2.80
N PRO A 93 7.18 3.94 -2.34
CA PRO A 93 8.23 3.49 -3.26
C PRO A 93 7.78 2.30 -4.11
N TYR A 94 6.88 1.50 -3.53
CA TYR A 94 6.36 0.32 -4.21
C TYR A 94 5.39 0.69 -5.33
N GLU A 95 4.82 1.90 -5.27
CA GLU A 95 4.02 2.40 -6.40
C GLU A 95 4.94 2.53 -7.61
N MET A 96 6.05 3.23 -7.41
CA MET A 96 7.04 3.46 -8.47
C MET A 96 7.64 2.13 -8.93
N TYR A 97 7.78 1.19 -7.98
CA TYR A 97 8.28 -0.15 -8.29
C TYR A 97 7.32 -0.87 -9.25
N GLN A 98 6.08 -1.09 -8.80
CA GLN A 98 5.09 -1.82 -9.59
C GLN A 98 4.79 -1.08 -10.89
N SER A 99 4.62 0.23 -10.80
CA SER A 99 4.37 1.06 -11.97
C SER A 99 5.56 1.00 -12.92
N GLY A 100 6.76 1.08 -12.36
CA GLY A 100 7.98 1.02 -13.17
C GLY A 100 8.09 -0.30 -13.90
N ALA A 101 7.52 -1.35 -13.32
CA ALA A 101 7.49 -2.66 -13.95
C ALA A 101 6.47 -2.70 -15.09
N ASN A 102 5.23 -2.36 -14.79
CA ASN A 102 4.12 -2.47 -15.77
C ASN A 102 4.12 -1.29 -16.74
N LEU A 103 3.97 -0.08 -16.21
CA LEU A 103 3.93 1.14 -17.02
C LEU A 103 4.08 2.36 -16.11
N VAL A 104 5.12 3.16 -16.35
CA VAL A 104 5.48 4.24 -15.44
C VAL A 104 4.97 5.59 -15.94
N CYS A 105 3.87 6.04 -15.34
CA CYS A 105 3.32 7.37 -15.61
C CYS A 105 3.02 8.11 -14.30
N ASN A 106 3.43 7.49 -13.18
CA ASN A 106 3.12 8.01 -11.85
C ASN A 106 4.21 8.98 -11.37
N THR A 107 5.24 9.16 -12.17
CA THR A 107 6.41 9.94 -11.77
C THR A 107 6.03 11.32 -11.24
N ARG A 108 5.06 11.97 -11.88
CA ARG A 108 4.66 13.33 -11.51
C ARG A 108 3.65 13.33 -10.36
N PRO A 109 2.55 12.54 -10.43
CA PRO A 109 1.63 12.39 -9.29
C PRO A 109 2.39 12.10 -7.99
N PHE A 110 3.33 11.15 -8.10
CA PHE A 110 4.21 10.79 -7.00
C PHE A 110 4.90 12.05 -6.47
N ASP A 111 5.65 12.71 -7.35
CA ASP A 111 6.39 13.92 -7.00
C ASP A 111 5.44 15.01 -6.52
N ASN A 112 4.22 15.00 -7.03
CA ASN A 112 3.22 16.03 -6.71
C ASN A 112 2.85 15.96 -5.23
N GLU A 113 2.56 14.75 -4.74
CA GLU A 113 2.18 14.59 -3.34
C GLU A 113 3.42 14.39 -2.47
N GLU A 114 4.57 14.13 -3.10
CA GLU A 114 5.84 14.05 -2.38
C GLU A 114 6.26 15.45 -1.93
N LYS A 115 6.17 16.40 -2.85
CA LYS A 115 6.44 17.80 -2.56
C LYS A 115 5.24 18.44 -1.89
N ASP A 116 4.08 17.77 -2.03
CA ASP A 116 2.82 18.19 -1.42
C ASP A 116 2.24 19.42 -2.12
N LYS A 117 1.18 19.19 -2.90
CA LYS A 117 0.42 20.26 -3.56
C LYS A 117 1.30 21.02 -4.55
N SER A 1 2.98 -10.27 14.77
CA SER A 1 4.12 -10.84 14.03
C SER A 1 3.75 -10.98 12.55
N MET A 2 4.57 -11.72 11.80
CA MET A 2 4.31 -11.93 10.37
C MET A 2 3.32 -13.06 10.15
N ASN A 3 3.22 -13.95 11.14
CA ASN A 3 2.36 -15.14 11.04
C ASN A 3 0.91 -14.76 10.70
N GLU A 4 0.47 -13.62 11.24
CA GLU A 4 -0.88 -13.12 10.98
C GLU A 4 -1.15 -12.98 9.49
N LEU A 5 -0.10 -12.64 8.74
CA LEU A 5 -0.19 -12.47 7.29
C LEU A 5 0.37 -13.72 6.59
N GLU A 6 1.20 -14.46 7.31
CA GLU A 6 1.85 -15.68 6.80
C GLU A 6 0.87 -16.87 6.81
N ALA A 7 -0.23 -16.71 7.55
CA ALA A 7 -1.24 -17.76 7.76
C ALA A 7 -1.34 -18.76 6.60
N GLN A 8 -1.72 -18.29 5.41
CA GLN A 8 -1.89 -19.18 4.26
C GLN A 8 -0.55 -19.50 3.61
N THR A 9 -0.38 -20.75 3.18
CA THR A 9 0.92 -21.23 2.70
C THR A 9 1.09 -21.05 1.19
N ARG A 10 2.33 -20.77 0.78
CA ARG A 10 2.74 -20.70 -0.63
C ARG A 10 1.97 -19.68 -1.45
N VAL A 11 1.08 -18.92 -0.81
CA VAL A 11 0.45 -17.77 -1.46
C VAL A 11 0.92 -16.49 -0.77
N LYS A 12 0.96 -16.53 0.55
CA LYS A 12 1.40 -15.40 1.35
C LYS A 12 2.92 -15.35 1.37
N LEU A 13 3.53 -16.53 1.56
CA LEU A 13 4.98 -16.66 1.72
C LEU A 13 5.76 -16.05 0.56
N ASN A 14 5.29 -16.29 -0.67
CA ASN A 14 6.00 -15.81 -1.87
C ASN A 14 6.02 -14.28 -1.91
N TYR A 15 4.84 -13.69 -1.81
CA TYR A 15 4.70 -12.23 -1.81
C TYR A 15 5.44 -11.63 -0.63
N LEU A 16 5.32 -12.28 0.53
CA LEU A 16 5.98 -11.81 1.75
C LEU A 16 7.50 -11.82 1.54
N ASP A 17 7.99 -12.88 0.92
CA ASP A 17 9.41 -13.05 0.63
C ASP A 17 9.92 -11.88 -0.22
N GLN A 18 9.26 -11.64 -1.33
CA GLN A 18 9.65 -10.54 -2.23
C GLN A 18 9.50 -9.18 -1.55
N ILE A 19 8.31 -8.95 -0.99
CA ILE A 19 7.95 -7.65 -0.43
C ILE A 19 8.83 -7.32 0.78
N ALA A 20 9.29 -8.35 1.48
CA ALA A 20 10.21 -8.16 2.59
C ALA A 20 11.60 -7.84 2.07
N LYS A 21 12.11 -8.73 1.22
CA LYS A 21 13.48 -8.64 0.70
C LYS A 21 13.77 -7.28 0.08
N PHE A 22 12.97 -6.90 -0.93
CA PHE A 22 13.19 -5.64 -1.65
C PHE A 22 13.27 -4.47 -0.68
N TRP A 23 12.30 -4.41 0.23
CA TRP A 23 12.14 -3.29 1.13
C TRP A 23 13.22 -3.30 2.22
N GLU A 24 13.64 -4.49 2.66
CA GLU A 24 14.71 -4.60 3.66
C GLU A 24 15.98 -3.95 3.11
N ILE A 25 16.29 -4.29 1.86
CA ILE A 25 17.54 -3.87 1.23
C ILE A 25 17.46 -2.42 0.75
N GLN A 26 16.26 -1.83 0.79
CA GLN A 26 16.09 -0.40 0.50
C GLN A 26 16.63 0.45 1.67
N GLY A 27 17.26 -0.21 2.63
CA GLY A 27 17.78 0.49 3.80
C GLY A 27 16.69 0.78 4.80
N SER A 28 15.74 -0.14 4.87
CA SER A 28 14.58 0.01 5.74
C SER A 28 14.12 -1.37 6.22
N SER A 29 12.97 -1.42 6.88
CA SER A 29 12.45 -2.67 7.41
C SER A 29 10.95 -2.78 7.17
N LEU A 30 10.49 -3.96 6.76
CA LEU A 30 9.08 -4.20 6.52
C LEU A 30 8.35 -4.38 7.84
N LYS A 31 7.91 -3.28 8.43
CA LYS A 31 7.12 -3.31 9.65
C LYS A 31 5.74 -2.73 9.38
N ILE A 32 4.83 -3.59 8.93
CA ILE A 32 3.48 -3.18 8.62
C ILE A 32 2.60 -3.21 9.87
N PRO A 33 2.03 -2.05 10.26
CA PRO A 33 1.15 -1.96 11.43
C PRO A 33 -0.21 -2.63 11.21
N ASN A 34 -1.07 -2.53 12.20
CA ASN A 34 -2.41 -3.11 12.14
C ASN A 34 -3.44 -2.14 12.65
N VAL A 35 -4.61 -2.21 12.04
CA VAL A 35 -5.74 -1.36 12.40
C VAL A 35 -6.95 -2.23 12.68
N GLU A 36 -7.68 -1.92 13.75
CA GLU A 36 -8.78 -2.77 14.23
C GLU A 36 -8.23 -4.15 14.58
N ARG A 37 -6.93 -4.17 14.86
CA ARG A 37 -6.15 -5.38 15.19
C ARG A 37 -5.87 -6.21 13.94
N ARG A 38 -6.38 -5.77 12.79
CA ARG A 38 -6.16 -6.47 11.52
C ARG A 38 -4.86 -5.98 10.89
N ILE A 39 -3.93 -6.89 10.65
CA ILE A 39 -2.63 -6.54 10.07
C ILE A 39 -2.80 -6.03 8.64
N LEU A 40 -2.17 -4.90 8.35
CA LEU A 40 -2.34 -4.24 7.05
C LEU A 40 -1.68 -5.06 5.94
N ASP A 41 -2.49 -5.84 5.22
CA ASP A 41 -2.00 -6.62 4.09
C ASP A 41 -1.74 -5.71 2.89
N LEU A 42 -0.65 -5.96 2.18
CA LEU A 42 -0.28 -5.13 1.04
C LEU A 42 -0.81 -5.75 -0.26
N TYR A 43 -1.26 -7.00 -0.18
CA TYR A 43 -1.78 -7.72 -1.33
C TYR A 43 -2.95 -6.98 -1.97
N SER A 44 -3.98 -6.74 -1.17
CA SER A 44 -5.19 -6.06 -1.63
C SER A 44 -4.86 -4.62 -1.99
N LEU A 45 -4.05 -3.98 -1.16
CA LEU A 45 -3.65 -2.60 -1.36
C LEU A 45 -2.99 -2.45 -2.72
N SER A 46 -2.01 -3.31 -3.01
CA SER A 46 -1.26 -3.23 -4.25
C SER A 46 -2.16 -3.48 -5.46
N LYS A 47 -2.96 -4.56 -5.43
CA LYS A 47 -3.79 -4.89 -6.58
C LYS A 47 -4.86 -3.82 -6.80
N ILE A 48 -5.32 -3.20 -5.71
CA ILE A 48 -6.32 -2.13 -5.81
C ILE A 48 -5.69 -0.87 -6.39
N VAL A 49 -4.53 -0.46 -5.86
CA VAL A 49 -3.84 0.73 -6.35
C VAL A 49 -3.60 0.62 -7.86
N VAL A 50 -3.09 -0.54 -8.28
CA VAL A 50 -2.87 -0.82 -9.71
C VAL A 50 -4.20 -0.77 -10.47
N GLU A 51 -5.25 -1.33 -9.86
CA GLU A 51 -6.58 -1.31 -10.45
C GLU A 51 -7.10 0.12 -10.58
N GLU A 52 -6.68 0.97 -9.66
CA GLU A 52 -7.08 2.37 -9.65
C GLU A 52 -6.29 3.17 -10.70
N GLY A 53 -5.05 2.75 -10.91
CA GLY A 53 -4.23 3.34 -11.98
C GLY A 53 -3.09 4.20 -11.48
N GLY A 54 -3.07 4.50 -10.19
CA GLY A 54 -1.97 5.28 -9.62
C GLY A 54 -2.26 5.78 -8.23
N TYR A 55 -1.25 5.72 -7.35
CA TYR A 55 -1.35 6.23 -5.99
C TYR A 55 -1.87 7.67 -5.97
N GLU A 56 -1.29 8.51 -6.82
CA GLU A 56 -1.61 9.92 -6.87
C GLU A 56 -3.10 10.12 -7.11
N ALA A 57 -3.63 9.42 -8.10
CA ALA A 57 -5.05 9.53 -8.47
C ALA A 57 -5.94 9.20 -7.27
N ILE A 58 -5.63 8.08 -6.61
CA ILE A 58 -6.39 7.63 -5.45
C ILE A 58 -6.34 8.67 -4.35
N CYS A 59 -5.14 9.21 -4.14
CA CYS A 59 -4.88 10.13 -3.06
C CYS A 59 -5.54 11.49 -3.32
N LYS A 60 -5.53 11.92 -4.56
CA LYS A 60 -6.03 13.25 -4.92
C LYS A 60 -7.55 13.21 -5.11
N ASP A 61 -8.08 12.02 -5.40
CA ASP A 61 -9.52 11.85 -5.60
C ASP A 61 -10.18 11.31 -4.32
N ARG A 62 -9.34 10.93 -3.34
CA ARG A 62 -9.82 10.42 -2.04
C ARG A 62 -10.48 9.05 -2.23
N ARG A 63 -9.94 8.25 -3.15
CA ARG A 63 -10.49 6.93 -3.47
C ARG A 63 -10.12 5.91 -2.39
N TRP A 64 -9.24 6.31 -1.47
CA TRP A 64 -8.84 5.44 -0.35
C TRP A 64 -10.05 5.03 0.46
N ALA A 65 -11.13 5.82 0.38
CA ALA A 65 -12.36 5.53 1.07
C ALA A 65 -12.90 4.15 0.68
N ARG A 66 -13.18 3.99 -0.61
CA ARG A 66 -13.71 2.73 -1.12
C ARG A 66 -12.67 1.61 -1.02
N VAL A 67 -11.39 1.99 -1.08
CA VAL A 67 -10.29 1.03 -0.91
C VAL A 67 -10.34 0.41 0.48
N ALA A 68 -10.32 1.26 1.51
CA ALA A 68 -10.35 0.80 2.89
C ALA A 68 -11.61 0.00 3.17
N GLN A 69 -12.73 0.45 2.60
CA GLN A 69 -13.99 -0.27 2.73
C GLN A 69 -13.90 -1.63 2.04
N ARG A 70 -13.17 -1.69 0.92
CA ARG A 70 -12.96 -2.94 0.20
C ARG A 70 -12.13 -3.90 1.07
N LEU A 71 -11.19 -3.34 1.82
CA LEU A 71 -10.35 -4.12 2.74
C LEU A 71 -11.11 -4.56 3.99
N ASN A 72 -12.44 -4.38 3.98
CA ASN A 72 -13.33 -4.88 5.03
C ASN A 72 -13.19 -4.08 6.32
N TYR A 73 -12.86 -2.80 6.19
CA TYR A 73 -12.77 -1.92 7.35
C TYR A 73 -14.11 -1.22 7.61
N PRO A 74 -14.36 -0.81 8.87
CA PRO A 74 -15.64 -0.19 9.27
C PRO A 74 -15.87 1.18 8.62
N PRO A 75 -17.15 1.59 8.50
CA PRO A 75 -17.52 2.91 7.93
C PRO A 75 -16.83 4.07 8.65
N GLY A 76 -16.90 5.26 8.04
CA GLY A 76 -16.23 6.42 8.56
C GLY A 76 -15.05 6.83 7.69
N LYS A 77 -14.43 5.83 7.06
CA LYS A 77 -13.35 6.05 6.10
C LYS A 77 -12.09 6.62 6.76
N ASN A 78 -12.14 6.87 8.07
CA ASN A 78 -11.01 7.46 8.79
C ASN A 78 -9.76 6.58 8.64
N ILE A 79 -9.98 5.27 8.50
CA ILE A 79 -8.88 4.31 8.33
C ILE A 79 -8.04 4.67 7.11
N GLY A 80 -8.67 5.30 6.12
CA GLY A 80 -7.97 5.71 4.91
C GLY A 80 -6.83 6.66 5.20
N SER A 81 -6.99 7.47 6.25
CA SER A 81 -5.95 8.40 6.68
C SER A 81 -4.74 7.61 7.19
N LEU A 82 -5.02 6.62 8.02
CA LEU A 82 -4.00 5.73 8.57
C LEU A 82 -3.26 5.02 7.44
N LEU A 83 -4.03 4.53 6.47
CA LEU A 83 -3.48 3.85 5.31
C LEU A 83 -2.56 4.78 4.51
N ARG A 84 -3.05 5.99 4.24
CA ARG A 84 -2.29 6.97 3.46
C ARG A 84 -0.96 7.28 4.13
N SER A 85 -1.02 7.58 5.43
CA SER A 85 0.17 7.95 6.19
C SER A 85 1.21 6.81 6.17
N HIS A 86 0.75 5.59 6.40
CA HIS A 86 1.64 4.42 6.38
C HIS A 86 2.15 4.15 4.97
N TYR A 87 1.32 4.47 3.97
CA TYR A 87 1.70 4.31 2.58
C TYR A 87 2.92 5.17 2.27
N GLU A 88 2.86 6.42 2.70
CA GLU A 88 3.91 7.40 2.43
C GLU A 88 5.30 6.88 2.80
N ARG A 89 5.40 6.20 3.94
CA ARG A 89 6.70 5.78 4.45
C ARG A 89 7.11 4.40 3.93
N ILE A 90 6.15 3.48 3.82
CA ILE A 90 6.46 2.09 3.49
C ILE A 90 6.17 1.76 2.02
N VAL A 91 4.98 2.10 1.56
CA VAL A 91 4.48 1.60 0.27
C VAL A 91 4.75 2.59 -0.88
N TYR A 92 5.05 3.85 -0.56
CA TYR A 92 5.27 4.86 -1.61
C TYR A 92 6.43 4.46 -2.53
N PRO A 93 7.57 3.96 -1.96
CA PRO A 93 8.64 3.38 -2.79
C PRO A 93 8.13 2.23 -3.67
N TYR A 94 7.12 1.52 -3.16
CA TYR A 94 6.52 0.40 -3.88
C TYR A 94 5.56 0.90 -4.98
N GLU A 95 5.10 2.14 -4.87
CA GLU A 95 4.39 2.77 -5.96
C GLU A 95 5.29 2.80 -7.19
N MET A 96 6.50 3.36 -7.00
CA MET A 96 7.53 3.33 -8.03
C MET A 96 7.76 1.90 -8.51
N TYR A 97 8.10 1.03 -7.57
CA TYR A 97 8.40 -0.37 -7.88
C TYR A 97 7.26 -1.02 -8.68
N GLN A 98 6.13 -1.25 -8.02
CA GLN A 98 5.02 -1.99 -8.63
C GLN A 98 4.36 -1.18 -9.75
N SER A 99 3.88 0.01 -9.43
CA SER A 99 3.12 0.80 -10.38
C SER A 99 4.02 1.36 -11.48
N GLY A 100 5.26 1.71 -11.11
CA GLY A 100 6.19 2.22 -12.10
C GLY A 100 6.61 1.14 -13.08
N ALA A 101 6.87 -0.06 -12.57
CA ALA A 101 7.23 -1.19 -13.42
C ALA A 101 6.08 -1.59 -14.34
N ASN A 102 4.86 -1.46 -13.81
CA ASN A 102 3.66 -1.78 -14.59
C ASN A 102 3.43 -0.71 -15.66
N LEU A 103 3.23 0.54 -15.21
CA LEU A 103 3.06 1.68 -16.12
C LEU A 103 3.58 2.94 -15.44
N VAL A 104 4.58 3.57 -16.04
CA VAL A 104 5.23 4.72 -15.42
C VAL A 104 4.53 6.02 -15.78
N CYS A 105 3.50 6.34 -15.00
CA CYS A 105 2.82 7.63 -15.08
C CYS A 105 2.75 8.25 -13.68
N ASN A 106 3.40 7.58 -12.74
CA ASN A 106 3.38 7.93 -11.33
C ASN A 106 4.44 8.99 -11.01
N THR A 107 5.55 8.94 -11.73
CA THR A 107 6.70 9.81 -11.46
C THR A 107 6.43 11.25 -11.91
N ARG A 108 5.34 11.47 -12.64
CA ARG A 108 5.03 12.81 -13.16
C ARG A 108 4.32 13.66 -12.10
N PRO A 109 3.15 13.20 -11.57
CA PRO A 109 2.42 13.96 -10.54
C PRO A 109 2.95 13.70 -9.13
N PHE A 110 4.06 12.96 -9.07
CA PHE A 110 4.72 12.60 -7.81
C PHE A 110 4.92 13.86 -6.94
N ASP A 111 5.54 14.86 -7.55
CA ASP A 111 5.79 16.15 -6.89
C ASP A 111 4.48 16.75 -6.41
N ASN A 112 3.49 16.75 -7.31
CA ASN A 112 2.19 17.36 -7.05
C ASN A 112 1.44 16.62 -5.95
N GLU A 113 1.83 15.36 -5.72
CA GLU A 113 1.22 14.56 -4.66
C GLU A 113 1.83 14.95 -3.31
N GLU A 114 3.15 14.90 -3.24
CA GLU A 114 3.85 15.18 -1.99
C GLU A 114 3.77 16.67 -1.62
N LYS A 115 3.68 17.52 -2.63
CA LYS A 115 3.79 18.96 -2.45
C LYS A 115 3.01 19.69 -3.54
N ASP A 116 2.15 20.62 -3.13
CA ASP A 116 1.46 21.48 -4.09
C ASP A 116 2.50 22.29 -4.88
N LYS A 117 3.02 23.34 -4.24
CA LYS A 117 4.07 24.18 -4.81
C LYS A 117 4.85 24.82 -3.67
N SER A 1 6.25 -13.12 14.76
CA SER A 1 5.46 -14.00 13.88
C SER A 1 4.83 -13.20 12.75
N MET A 2 5.01 -13.68 11.53
CA MET A 2 4.37 -13.07 10.36
C MET A 2 3.20 -13.93 9.89
N ASN A 3 2.97 -15.04 10.60
CA ASN A 3 1.99 -16.06 10.19
C ASN A 3 0.61 -15.44 9.96
N GLU A 4 0.28 -14.41 10.74
CA GLU A 4 -1.02 -13.72 10.60
C GLU A 4 -1.21 -13.24 9.16
N LEU A 5 -0.12 -12.84 8.53
CA LEU A 5 -0.12 -12.44 7.12
C LEU A 5 0.28 -13.62 6.24
N GLU A 6 1.17 -14.45 6.77
CA GLU A 6 1.83 -15.53 6.03
C GLU A 6 0.95 -16.79 6.00
N ALA A 7 -0.23 -16.69 6.60
CA ALA A 7 -1.20 -17.80 6.68
C ALA A 7 -1.32 -18.58 5.36
N GLN A 8 -1.67 -17.88 4.28
CA GLN A 8 -1.92 -18.54 2.99
C GLN A 8 -0.59 -18.95 2.34
N THR A 9 -0.58 -20.11 1.70
CA THR A 9 0.67 -20.77 1.32
C THR A 9 1.15 -20.42 -0.10
N ARG A 10 2.45 -20.14 -0.18
CA ARG A 10 3.18 -19.84 -1.44
C ARG A 10 2.60 -18.62 -2.17
N VAL A 11 1.64 -17.94 -1.55
CA VAL A 11 1.13 -16.69 -2.08
C VAL A 11 1.57 -15.54 -1.19
N LYS A 12 1.51 -15.76 0.12
CA LYS A 12 1.95 -14.75 1.07
C LYS A 12 3.46 -14.86 1.24
N LEU A 13 3.96 -16.10 1.19
CA LEU A 13 5.40 -16.38 1.34
C LEU A 13 6.25 -15.55 0.38
N ASN A 14 6.07 -15.80 -0.92
CA ASN A 14 6.91 -15.18 -1.94
C ASN A 14 6.81 -13.66 -1.89
N TYR A 15 5.58 -13.18 -1.84
CA TYR A 15 5.30 -11.75 -1.78
C TYR A 15 5.96 -11.13 -0.54
N LEU A 16 5.89 -11.85 0.59
CA LEU A 16 6.45 -11.37 1.85
C LEU A 16 7.96 -11.25 1.71
N ASP A 17 8.58 -12.28 1.14
CA ASP A 17 10.03 -12.32 0.97
C ASP A 17 10.50 -11.13 0.13
N GLN A 18 9.78 -10.86 -0.96
CA GLN A 18 10.10 -9.72 -1.82
C GLN A 18 9.84 -8.40 -1.09
N ILE A 19 8.61 -8.25 -0.58
CA ILE A 19 8.15 -7.01 0.02
C ILE A 19 8.97 -6.68 1.28
N ALA A 20 9.62 -7.70 1.83
CA ALA A 20 10.50 -7.51 2.98
C ALA A 20 11.89 -7.11 2.51
N LYS A 21 12.55 -8.01 1.78
CA LYS A 21 13.95 -7.84 1.40
C LYS A 21 14.20 -6.53 0.67
N PHE A 22 13.37 -6.21 -0.33
CA PHE A 22 13.57 -4.99 -1.11
C PHE A 22 13.62 -3.77 -0.18
N TRP A 23 12.55 -3.57 0.58
CA TRP A 23 12.42 -2.42 1.45
C TRP A 23 13.47 -2.42 2.57
N GLU A 24 13.80 -3.60 3.08
CA GLU A 24 14.78 -3.70 4.17
C GLU A 24 16.16 -3.29 3.66
N ILE A 25 16.47 -3.67 2.41
CA ILE A 25 17.77 -3.36 1.82
C ILE A 25 17.79 -1.91 1.29
N GLN A 26 16.61 -1.30 1.20
CA GLN A 26 16.52 0.12 0.82
C GLN A 26 16.91 1.03 1.99
N GLY A 27 17.51 0.44 3.02
CA GLY A 27 17.98 1.22 4.16
C GLY A 27 16.88 1.50 5.15
N SER A 28 15.97 0.54 5.29
CA SER A 28 14.83 0.67 6.19
C SER A 28 14.44 -0.71 6.73
N SER A 29 13.31 -0.77 7.42
CA SER A 29 12.78 -2.02 7.95
C SER A 29 11.28 -2.08 7.73
N LEU A 30 10.83 -3.14 7.06
CA LEU A 30 9.42 -3.29 6.71
C LEU A 30 8.55 -3.38 7.96
N LYS A 31 7.55 -2.51 8.04
CA LYS A 31 6.59 -2.54 9.14
C LYS A 31 5.19 -2.27 8.60
N ILE A 32 4.37 -3.32 8.56
CA ILE A 32 2.97 -3.21 8.18
C ILE A 32 2.10 -3.44 9.42
N PRO A 33 1.58 -2.35 10.00
CA PRO A 33 0.79 -2.40 11.24
C PRO A 33 -0.59 -3.03 11.03
N ASN A 34 -1.40 -3.02 12.09
CA ASN A 34 -2.74 -3.57 12.04
C ASN A 34 -3.75 -2.53 12.45
N VAL A 35 -4.91 -2.61 11.82
CA VAL A 35 -6.02 -1.72 12.09
C VAL A 35 -7.31 -2.53 12.11
N GLU A 36 -8.21 -2.20 13.03
CA GLU A 36 -9.48 -2.91 13.16
C GLU A 36 -9.25 -4.39 13.45
N ARG A 37 -8.07 -4.67 14.00
CA ARG A 37 -7.62 -6.00 14.46
C ARG A 37 -7.23 -6.92 13.29
N ARG A 38 -7.04 -6.33 12.10
CA ARG A 38 -6.49 -7.06 10.97
C ARG A 38 -5.21 -6.38 10.49
N ILE A 39 -4.24 -7.18 10.08
CA ILE A 39 -2.97 -6.65 9.56
C ILE A 39 -3.18 -6.08 8.16
N LEU A 40 -2.43 -5.03 7.83
CA LEU A 40 -2.55 -4.37 6.53
C LEU A 40 -1.99 -5.27 5.42
N ASP A 41 -2.89 -5.93 4.69
CA ASP A 41 -2.49 -6.74 3.54
C ASP A 41 -2.06 -5.84 2.39
N LEU A 42 -0.76 -5.56 2.31
CA LEU A 42 -0.19 -4.76 1.23
C LEU A 42 -0.57 -5.38 -0.12
N TYR A 43 -0.87 -6.67 -0.10
CA TYR A 43 -1.34 -7.41 -1.27
C TYR A 43 -2.58 -6.73 -1.85
N SER A 44 -3.61 -6.61 -1.00
CA SER A 44 -4.87 -6.01 -1.40
C SER A 44 -4.65 -4.57 -1.83
N LEU A 45 -3.85 -3.85 -1.04
CA LEU A 45 -3.50 -2.47 -1.34
C LEU A 45 -2.94 -2.36 -2.75
N SER A 46 -2.00 -3.24 -3.07
CA SER A 46 -1.36 -3.28 -4.38
C SER A 46 -2.39 -3.45 -5.50
N LYS A 47 -3.15 -4.54 -5.42
CA LYS A 47 -4.11 -4.87 -6.49
C LYS A 47 -5.18 -3.79 -6.60
N ILE A 48 -5.54 -3.18 -5.46
CA ILE A 48 -6.55 -2.14 -5.44
C ILE A 48 -6.04 -0.88 -6.13
N VAL A 49 -4.83 -0.44 -5.77
CA VAL A 49 -4.24 0.75 -6.40
C VAL A 49 -4.16 0.57 -7.92
N VAL A 50 -3.72 -0.61 -8.34
CA VAL A 50 -3.66 -0.95 -9.76
C VAL A 50 -5.07 -0.92 -10.38
N GLU A 51 -6.05 -1.38 -9.62
CA GLU A 51 -7.44 -1.41 -10.08
C GLU A 51 -8.04 0.00 -10.10
N GLU A 52 -7.56 0.85 -9.20
CA GLU A 52 -8.04 2.24 -9.11
C GLU A 52 -7.47 3.08 -10.24
N GLY A 53 -6.25 2.76 -10.67
CA GLY A 53 -5.67 3.40 -11.85
C GLY A 53 -4.51 4.33 -11.55
N GLY A 54 -4.30 4.66 -10.27
CA GLY A 54 -3.18 5.52 -9.92
C GLY A 54 -3.22 5.97 -8.47
N TYR A 55 -2.06 5.98 -7.81
CA TYR A 55 -1.95 6.36 -6.41
C TYR A 55 -2.49 7.76 -6.15
N GLU A 56 -1.93 8.74 -6.87
CA GLU A 56 -2.30 10.15 -6.66
C GLU A 56 -3.80 10.35 -6.83
N ALA A 57 -4.41 9.63 -7.77
CA ALA A 57 -5.84 9.78 -8.02
C ALA A 57 -6.63 9.40 -6.77
N ILE A 58 -6.28 8.25 -6.20
CA ILE A 58 -6.93 7.77 -4.98
C ILE A 58 -6.63 8.71 -3.83
N CYS A 59 -5.41 9.24 -3.84
CA CYS A 59 -4.91 10.05 -2.74
C CYS A 59 -5.55 11.44 -2.74
N LYS A 60 -5.72 12.01 -3.93
CA LYS A 60 -6.27 13.36 -4.05
C LYS A 60 -7.79 13.34 -3.91
N ASP A 61 -8.41 12.28 -4.42
CA ASP A 61 -9.86 12.09 -4.27
C ASP A 61 -10.16 11.49 -2.91
N ARG A 62 -9.11 11.01 -2.24
CA ARG A 62 -9.24 10.39 -0.91
C ARG A 62 -10.14 9.16 -0.99
N ARG A 63 -10.06 8.47 -2.13
CA ARG A 63 -10.91 7.33 -2.43
C ARG A 63 -10.54 6.14 -1.54
N TRP A 64 -9.46 6.30 -0.76
CA TRP A 64 -9.01 5.28 0.20
C TRP A 64 -10.16 4.88 1.13
N ALA A 65 -11.14 5.76 1.27
CA ALA A 65 -12.32 5.49 2.08
C ALA A 65 -13.01 4.20 1.63
N ARG A 66 -13.27 4.10 0.33
CA ARG A 66 -13.96 2.93 -0.22
C ARG A 66 -13.06 1.71 -0.17
N VAL A 67 -11.74 1.96 -0.22
CA VAL A 67 -10.74 0.91 -0.12
C VAL A 67 -10.79 0.26 1.26
N ALA A 68 -10.70 1.08 2.30
CA ALA A 68 -10.77 0.61 3.67
C ALA A 68 -12.09 -0.14 3.90
N GLN A 69 -13.17 0.44 3.38
CA GLN A 69 -14.49 -0.18 3.46
C GLN A 69 -14.48 -1.56 2.79
N ARG A 70 -13.76 -1.65 1.68
CA ARG A 70 -13.62 -2.92 0.95
C ARG A 70 -12.89 -3.95 1.79
N LEU A 71 -11.89 -3.49 2.55
CA LEU A 71 -11.12 -4.35 3.44
C LEU A 71 -11.89 -4.67 4.72
N ASN A 72 -13.20 -4.34 4.72
CA ASN A 72 -14.10 -4.70 5.83
C ASN A 72 -13.95 -3.73 7.01
N TYR A 73 -13.11 -2.72 6.83
CA TYR A 73 -12.92 -1.69 7.86
C TYR A 73 -14.14 -0.77 7.88
N PRO A 74 -14.54 -0.27 9.07
CA PRO A 74 -15.71 0.60 9.21
C PRO A 74 -15.51 1.97 8.55
N PRO A 75 -16.59 2.52 7.96
CA PRO A 75 -16.55 3.85 7.33
C PRO A 75 -16.17 4.96 8.32
N GLY A 76 -16.18 6.20 7.84
CA GLY A 76 -15.73 7.32 8.64
C GLY A 76 -14.55 8.02 8.00
N LYS A 77 -13.94 7.34 7.02
CA LYS A 77 -12.80 7.88 6.27
C LYS A 77 -11.56 8.04 7.17
N ASN A 78 -11.61 7.41 8.34
CA ASN A 78 -10.51 7.49 9.31
C ASN A 78 -9.33 6.63 8.86
N ILE A 79 -9.60 5.35 8.62
CA ILE A 79 -8.55 4.39 8.26
C ILE A 79 -7.86 4.82 6.96
N GLY A 80 -8.57 5.59 6.14
CA GLY A 80 -8.02 6.08 4.89
C GLY A 80 -6.77 6.91 5.11
N SER A 81 -6.76 7.70 6.18
CA SER A 81 -5.61 8.54 6.52
C SER A 81 -4.45 7.65 6.93
N LEU A 82 -4.74 6.66 7.79
CA LEU A 82 -3.75 5.69 8.24
C LEU A 82 -3.11 4.99 7.04
N LEU A 83 -3.95 4.56 6.11
CA LEU A 83 -3.51 3.87 4.91
C LEU A 83 -2.59 4.75 4.08
N ARG A 84 -3.01 5.99 3.83
CA ARG A 84 -2.20 6.95 3.08
C ARG A 84 -0.83 7.12 3.74
N SER A 85 -0.84 7.38 5.04
CA SER A 85 0.39 7.62 5.79
C SER A 85 1.37 6.47 5.65
N HIS A 86 0.86 5.24 5.77
CA HIS A 86 1.70 4.05 5.64
C HIS A 86 2.17 3.87 4.20
N TYR A 87 1.34 4.27 3.24
CA TYR A 87 1.72 4.21 1.84
C TYR A 87 2.92 5.12 1.60
N GLU A 88 2.76 6.39 1.99
CA GLU A 88 3.79 7.42 1.78
C GLU A 88 5.17 6.99 2.29
N ARG A 89 5.19 6.24 3.39
CA ARG A 89 6.44 5.93 4.07
C ARG A 89 6.91 4.50 3.82
N ILE A 90 6.03 3.64 3.30
CA ILE A 90 6.39 2.23 3.07
C ILE A 90 6.16 1.84 1.61
N VAL A 91 4.96 2.06 1.10
CA VAL A 91 4.55 1.53 -0.20
C VAL A 91 4.93 2.47 -1.35
N TYR A 92 5.17 3.74 -1.04
CA TYR A 92 5.45 4.73 -2.09
C TYR A 92 6.70 4.35 -2.90
N PRO A 93 7.80 3.91 -2.24
CA PRO A 93 8.95 3.34 -2.96
C PRO A 93 8.54 2.19 -3.87
N TYR A 94 7.53 1.43 -3.44
CA TYR A 94 7.03 0.29 -4.20
C TYR A 94 6.14 0.73 -5.36
N GLU A 95 5.54 1.92 -5.25
CA GLU A 95 4.86 2.53 -6.38
C GLU A 95 5.83 2.60 -7.56
N MET A 96 6.90 3.35 -7.36
CA MET A 96 7.94 3.52 -8.37
C MET A 96 8.55 2.16 -8.75
N TYR A 97 8.78 1.32 -7.75
CA TYR A 97 9.39 0.00 -7.97
C TYR A 97 8.47 -0.92 -8.78
N GLN A 98 7.38 -1.35 -8.17
CA GLN A 98 6.46 -2.32 -8.79
C GLN A 98 5.90 -1.78 -10.10
N SER A 99 5.37 -0.55 -10.07
CA SER A 99 4.80 0.04 -11.27
C SER A 99 5.90 0.34 -12.29
N GLY A 100 7.06 0.78 -11.81
CA GLY A 100 8.18 1.05 -12.70
C GLY A 100 8.67 -0.21 -13.40
N ALA A 101 8.47 -1.36 -12.74
CA ALA A 101 8.86 -2.64 -13.31
C ALA A 101 7.79 -3.16 -14.29
N ASN A 102 6.53 -2.97 -13.93
CA ASN A 102 5.41 -3.50 -14.70
C ASN A 102 4.80 -2.43 -15.63
N LEU A 103 4.28 -1.36 -15.03
CA LEU A 103 3.61 -0.27 -15.77
C LEU A 103 3.26 0.87 -14.81
N VAL A 104 3.72 2.08 -15.12
CA VAL A 104 3.53 3.22 -14.23
C VAL A 104 3.02 4.46 -14.97
N CYS A 105 1.93 5.02 -14.47
CA CYS A 105 1.42 6.30 -14.95
C CYS A 105 1.62 7.39 -13.89
N ASN A 106 2.04 6.94 -12.71
CA ASN A 106 2.17 7.80 -11.54
C ASN A 106 3.60 8.39 -11.44
N THR A 107 4.32 8.40 -12.56
CA THR A 107 5.72 8.79 -12.58
C THR A 107 5.91 10.28 -12.31
N ARG A 108 5.05 11.10 -12.91
CA ARG A 108 5.16 12.56 -12.83
C ARG A 108 4.36 13.12 -11.66
N PRO A 109 3.07 12.71 -11.46
CA PRO A 109 2.24 13.22 -10.36
C PRO A 109 2.80 12.85 -8.98
N PHE A 110 3.84 12.02 -8.98
CA PHE A 110 4.57 11.66 -7.76
C PHE A 110 4.86 12.92 -6.93
N ASP A 111 5.54 13.87 -7.56
CA ASP A 111 5.88 15.15 -6.92
C ASP A 111 4.61 15.91 -6.51
N ASN A 112 3.57 15.74 -7.32
CA ASN A 112 2.28 16.41 -7.08
C ASN A 112 1.62 15.84 -5.83
N GLU A 113 1.93 14.59 -5.48
CA GLU A 113 1.42 14.00 -4.26
C GLU A 113 2.25 14.50 -3.08
N GLU A 114 3.58 14.39 -3.22
CA GLU A 114 4.50 14.89 -2.19
C GLU A 114 4.14 16.32 -1.82
N LYS A 115 3.78 17.11 -2.83
CA LYS A 115 3.34 18.47 -2.64
C LYS A 115 1.82 18.53 -2.54
N ASP A 116 1.29 17.89 -1.49
CA ASP A 116 -0.16 17.87 -1.25
C ASP A 116 -0.68 19.30 -1.08
N LYS A 117 0.10 20.12 -0.39
CA LYS A 117 -0.22 21.52 -0.20
C LYS A 117 0.97 22.39 -0.61
N SER A 1 3.08 -8.34 13.50
CA SER A 1 4.17 -8.93 12.69
C SER A 1 3.65 -9.34 11.31
N MET A 2 4.48 -10.04 10.54
CA MET A 2 4.12 -10.46 9.18
C MET A 2 3.26 -11.72 9.21
N ASN A 3 3.32 -12.46 10.32
CA ASN A 3 2.57 -13.71 10.48
C ASN A 3 1.08 -13.48 10.32
N GLU A 4 0.59 -12.34 10.84
CA GLU A 4 -0.83 -12.01 10.73
C GLU A 4 -1.26 -11.89 9.27
N LEU A 5 -0.29 -11.62 8.40
CA LEU A 5 -0.54 -11.57 6.97
C LEU A 5 -0.43 -12.98 6.39
N GLU A 6 0.56 -13.73 6.88
CA GLU A 6 0.78 -15.12 6.46
C GLU A 6 -0.25 -16.03 7.14
N ALA A 7 -1.15 -15.44 7.93
CA ALA A 7 -2.31 -16.15 8.44
C ALA A 7 -3.01 -16.88 7.29
N GLN A 8 -2.98 -16.25 6.11
CA GLN A 8 -3.36 -16.92 4.88
C GLN A 8 -2.13 -17.66 4.37
N THR A 9 -2.29 -18.87 3.87
CA THR A 9 -1.16 -19.80 3.81
C THR A 9 -0.58 -20.03 2.41
N ARG A 10 0.75 -19.95 2.34
CA ARG A 10 1.55 -20.44 1.20
C ARG A 10 1.26 -19.66 -0.08
N VAL A 11 0.45 -18.62 0.03
CA VAL A 11 0.31 -17.64 -1.03
C VAL A 11 0.95 -16.34 -0.56
N LYS A 12 1.05 -16.22 0.76
CA LYS A 12 1.67 -15.07 1.39
C LYS A 12 3.17 -15.29 1.49
N LEU A 13 3.60 -16.54 1.69
CA LEU A 13 5.02 -16.88 1.77
C LEU A 13 5.83 -16.22 0.65
N ASN A 14 5.52 -16.58 -0.61
CA ASN A 14 6.25 -16.05 -1.77
C ASN A 14 6.20 -14.52 -1.80
N TYR A 15 4.99 -13.98 -1.64
CA TYR A 15 4.76 -12.55 -1.70
C TYR A 15 5.57 -11.83 -0.61
N LEU A 16 5.60 -12.42 0.58
CA LEU A 16 6.32 -11.84 1.71
C LEU A 16 7.81 -11.90 1.49
N ASP A 17 8.26 -12.94 0.80
CA ASP A 17 9.68 -13.06 0.44
C ASP A 17 10.08 -11.88 -0.43
N GLN A 18 9.38 -11.71 -1.54
CA GLN A 18 9.66 -10.63 -2.48
C GLN A 18 9.47 -9.26 -1.80
N ILE A 19 8.31 -9.09 -1.18
CA ILE A 19 7.90 -7.80 -0.61
C ILE A 19 8.85 -7.39 0.52
N ALA A 20 9.34 -8.36 1.28
CA ALA A 20 10.23 -8.09 2.40
C ALA A 20 11.62 -7.73 1.90
N LYS A 21 12.17 -8.59 1.05
CA LYS A 21 13.55 -8.41 0.60
C LYS A 21 13.71 -7.16 -0.23
N PHE A 22 12.64 -6.73 -0.91
CA PHE A 22 12.71 -5.48 -1.67
C PHE A 22 13.04 -4.31 -0.74
N TRP A 23 12.11 -3.99 0.14
CA TRP A 23 12.21 -2.81 0.99
C TRP A 23 13.28 -2.99 2.08
N GLU A 24 13.44 -4.22 2.56
CA GLU A 24 14.36 -4.47 3.66
C GLU A 24 15.80 -4.34 3.17
N ILE A 25 16.09 -4.97 2.04
CA ILE A 25 17.44 -4.95 1.47
C ILE A 25 17.71 -3.61 0.78
N GLN A 26 16.67 -2.80 0.60
CA GLN A 26 16.82 -1.44 0.07
C GLN A 26 17.44 -0.52 1.11
N GLY A 27 17.69 -1.07 2.31
CA GLY A 27 18.30 -0.30 3.38
C GLY A 27 17.29 0.10 4.42
N SER A 28 16.35 -0.81 4.70
CA SER A 28 15.27 -0.53 5.63
C SER A 28 14.83 -1.82 6.33
N SER A 29 13.79 -1.72 7.14
CA SER A 29 13.20 -2.87 7.81
C SER A 29 11.69 -2.87 7.59
N LEU A 30 11.20 -3.84 6.81
CA LEU A 30 9.77 -3.89 6.49
C LEU A 30 8.96 -4.32 7.72
N LYS A 31 8.23 -3.38 8.30
CA LYS A 31 7.36 -3.64 9.43
C LYS A 31 6.01 -2.97 9.20
N ILE A 32 5.10 -3.71 8.56
CA ILE A 32 3.76 -3.20 8.30
C ILE A 32 2.87 -3.34 9.54
N PRO A 33 2.04 -2.33 9.81
CA PRO A 33 1.20 -2.28 11.01
C PRO A 33 -0.15 -2.98 10.83
N ASN A 34 -0.89 -3.07 11.94
CA ASN A 34 -2.25 -3.56 11.91
C ASN A 34 -3.16 -2.55 12.58
N VAL A 35 -4.37 -2.48 12.08
CA VAL A 35 -5.37 -1.57 12.60
C VAL A 35 -6.70 -2.29 12.74
N GLU A 36 -7.35 -2.12 13.89
CA GLU A 36 -8.61 -2.80 14.18
C GLU A 36 -8.38 -4.32 14.26
N ARG A 37 -7.13 -4.68 14.50
CA ARG A 37 -6.66 -6.07 14.54
C ARG A 37 -6.57 -6.68 13.14
N ARG A 38 -6.79 -5.84 12.13
CA ARG A 38 -6.67 -6.23 10.74
C ARG A 38 -5.36 -5.69 10.17
N ILE A 39 -4.42 -6.58 9.90
CA ILE A 39 -3.11 -6.19 9.39
C ILE A 39 -3.23 -5.58 7.99
N LEU A 40 -2.32 -4.67 7.67
CA LEU A 40 -2.33 -4.00 6.37
C LEU A 40 -1.99 -5.00 5.26
N ASP A 41 -3.01 -5.47 4.55
CA ASP A 41 -2.84 -6.45 3.49
C ASP A 41 -2.26 -5.80 2.23
N LEU A 42 -0.96 -5.96 2.05
CA LEU A 42 -0.24 -5.38 0.92
C LEU A 42 -0.75 -5.92 -0.41
N TYR A 43 -1.28 -7.15 -0.40
CA TYR A 43 -1.82 -7.78 -1.60
C TYR A 43 -2.90 -6.89 -2.23
N SER A 44 -4.00 -6.71 -1.50
CA SER A 44 -5.12 -5.91 -1.99
C SER A 44 -4.68 -4.48 -2.26
N LEU A 45 -3.89 -3.92 -1.34
CA LEU A 45 -3.41 -2.55 -1.47
C LEU A 45 -2.69 -2.37 -2.81
N SER A 46 -1.75 -3.26 -3.08
CA SER A 46 -0.93 -3.17 -4.29
C SER A 46 -1.80 -3.33 -5.55
N LYS A 47 -2.64 -4.37 -5.57
CA LYS A 47 -3.43 -4.66 -6.76
C LYS A 47 -4.44 -3.54 -7.01
N ILE A 48 -4.96 -2.94 -5.94
CA ILE A 48 -5.91 -1.85 -6.08
C ILE A 48 -5.23 -0.60 -6.64
N VAL A 49 -4.11 -0.20 -6.04
CA VAL A 49 -3.38 0.97 -6.48
C VAL A 49 -2.99 0.85 -7.96
N VAL A 50 -2.54 -0.35 -8.35
CA VAL A 50 -2.20 -0.63 -9.75
C VAL A 50 -3.45 -0.59 -10.63
N GLU A 51 -4.55 -1.12 -10.11
CA GLU A 51 -5.83 -1.11 -10.82
C GLU A 51 -6.26 0.34 -11.06
N GLU A 52 -6.00 1.18 -10.07
CA GLU A 52 -6.27 2.61 -10.15
C GLU A 52 -5.26 3.30 -11.06
N GLY A 53 -4.04 2.78 -11.06
CA GLY A 53 -2.99 3.33 -11.88
C GLY A 53 -2.62 4.76 -11.52
N GLY A 54 -2.74 5.10 -10.24
CA GLY A 54 -2.42 6.44 -9.79
C GLY A 54 -2.70 6.67 -8.32
N TYR A 55 -1.64 6.60 -7.50
CA TYR A 55 -1.73 6.95 -6.09
C TYR A 55 -2.43 8.31 -5.91
N GLU A 56 -1.97 9.29 -6.69
CA GLU A 56 -2.59 10.62 -6.70
C GLU A 56 -4.08 10.52 -6.98
N ALA A 57 -4.44 9.71 -7.98
CA ALA A 57 -5.83 9.60 -8.41
C ALA A 57 -6.72 9.13 -7.27
N ILE A 58 -6.30 8.07 -6.60
CA ILE A 58 -7.05 7.51 -5.48
C ILE A 58 -7.15 8.54 -4.36
N CYS A 59 -6.05 9.24 -4.14
CA CYS A 59 -5.95 10.22 -3.06
C CYS A 59 -6.84 11.44 -3.32
N LYS A 60 -6.86 11.87 -4.58
CA LYS A 60 -7.58 13.07 -4.97
C LYS A 60 -9.06 12.76 -5.17
N ASP A 61 -9.36 11.52 -5.53
CA ASP A 61 -10.74 11.05 -5.62
C ASP A 61 -11.21 10.55 -4.26
N ARG A 62 -10.24 10.31 -3.37
CA ARG A 62 -10.50 9.81 -2.02
C ARG A 62 -11.14 8.42 -2.08
N ARG A 63 -10.79 7.67 -3.13
CA ARG A 63 -11.40 6.38 -3.40
C ARG A 63 -10.78 5.29 -2.51
N TRP A 64 -9.90 5.71 -1.59
CA TRP A 64 -9.35 4.80 -0.59
C TRP A 64 -10.48 4.18 0.22
N ALA A 65 -11.65 4.80 0.17
CA ALA A 65 -12.84 4.29 0.83
C ALA A 65 -13.11 2.84 0.41
N ARG A 66 -13.06 2.57 -0.89
CA ARG A 66 -13.31 1.21 -1.38
C ARG A 66 -12.16 0.28 -1.00
N VAL A 67 -10.99 0.87 -0.78
CA VAL A 67 -9.81 0.11 -0.37
C VAL A 67 -9.96 -0.36 1.08
N ALA A 68 -10.34 0.57 1.95
CA ALA A 68 -10.57 0.26 3.36
C ALA A 68 -11.70 -0.76 3.49
N GLN A 69 -12.76 -0.55 2.71
CA GLN A 69 -13.88 -1.49 2.67
C GLN A 69 -13.42 -2.85 2.13
N ARG A 70 -12.51 -2.81 1.15
CA ARG A 70 -11.95 -4.02 0.56
C ARG A 70 -11.28 -4.86 1.66
N LEU A 71 -10.44 -4.19 2.46
CA LEU A 71 -9.74 -4.87 3.55
C LEU A 71 -10.66 -5.09 4.76
N ASN A 72 -11.96 -4.83 4.57
CA ASN A 72 -12.98 -5.16 5.57
C ASN A 72 -12.80 -4.33 6.85
N TYR A 73 -12.29 -3.12 6.71
CA TYR A 73 -12.14 -2.20 7.84
C TYR A 73 -13.51 -1.65 8.27
N PRO A 74 -13.66 -1.35 9.57
CA PRO A 74 -14.92 -0.79 10.13
C PRO A 74 -15.28 0.56 9.48
N PRO A 75 -16.58 0.93 9.52
CA PRO A 75 -17.07 2.20 8.96
C PRO A 75 -16.37 3.42 9.55
N GLY A 76 -16.38 4.51 8.81
CA GLY A 76 -15.71 5.73 9.23
C GLY A 76 -14.65 6.13 8.23
N LYS A 77 -13.94 5.13 7.70
CA LYS A 77 -12.95 5.31 6.64
C LYS A 77 -11.72 6.09 7.14
N ASN A 78 -11.69 6.40 8.44
CA ASN A 78 -10.58 7.14 9.04
C ASN A 78 -9.27 6.36 8.92
N ILE A 79 -9.39 5.05 8.71
CA ILE A 79 -8.22 4.19 8.53
C ILE A 79 -7.43 4.62 7.30
N GLY A 80 -8.14 5.21 6.32
CA GLY A 80 -7.50 5.67 5.11
C GLY A 80 -6.35 6.64 5.36
N SER A 81 -6.54 7.55 6.31
CA SER A 81 -5.50 8.52 6.67
C SER A 81 -4.28 7.79 7.25
N LEU A 82 -4.55 6.77 8.06
CA LEU A 82 -3.51 5.93 8.65
C LEU A 82 -2.75 5.19 7.54
N LEU A 83 -3.51 4.68 6.58
CA LEU A 83 -2.96 4.02 5.41
C LEU A 83 -2.00 4.93 4.68
N ARG A 84 -2.48 6.13 4.30
CA ARG A 84 -1.65 7.12 3.61
C ARG A 84 -0.44 7.49 4.45
N SER A 85 -0.63 7.56 5.77
CA SER A 85 0.44 7.92 6.69
C SER A 85 1.62 6.96 6.54
N HIS A 86 1.33 5.66 6.54
CA HIS A 86 2.40 4.65 6.37
C HIS A 86 2.79 4.53 4.91
N TYR A 87 1.84 4.80 4.02
CA TYR A 87 2.11 4.77 2.59
C TYR A 87 3.22 5.76 2.26
N GLU A 88 3.15 6.93 2.89
CA GLU A 88 4.09 8.03 2.68
C GLU A 88 5.55 7.54 2.68
N ARG A 89 5.89 6.66 3.63
CA ARG A 89 7.28 6.24 3.82
C ARG A 89 7.51 4.80 3.33
N ILE A 90 6.55 3.93 3.58
CA ILE A 90 6.73 2.49 3.31
C ILE A 90 6.33 2.12 1.88
N VAL A 91 5.10 2.46 1.50
CA VAL A 91 4.52 1.97 0.25
C VAL A 91 4.75 2.96 -0.91
N TYR A 92 5.14 4.18 -0.59
CA TYR A 92 5.35 5.21 -1.62
C TYR A 92 6.43 4.76 -2.62
N PRO A 93 7.58 4.22 -2.15
CA PRO A 93 8.59 3.64 -3.04
C PRO A 93 7.99 2.53 -3.92
N TYR A 94 7.00 1.82 -3.38
CA TYR A 94 6.35 0.73 -4.09
C TYR A 94 5.48 1.24 -5.24
N GLU A 95 4.97 2.46 -5.11
CA GLU A 95 4.28 3.13 -6.21
C GLU A 95 5.22 3.19 -7.43
N MET A 96 6.36 3.84 -7.23
CA MET A 96 7.35 4.01 -8.29
C MET A 96 7.92 2.65 -8.73
N TYR A 97 8.04 1.73 -7.78
CA TYR A 97 8.55 0.39 -8.07
C TYR A 97 7.56 -0.42 -8.91
N GLN A 98 6.42 -0.75 -8.31
CA GLN A 98 5.41 -1.58 -8.96
C GLN A 98 5.01 -0.98 -10.30
N SER A 99 4.63 0.30 -10.28
CA SER A 99 4.22 0.97 -11.50
C SER A 99 5.41 1.13 -12.45
N GLY A 100 6.59 1.43 -11.90
CA GLY A 100 7.79 1.55 -12.71
C GLY A 100 8.12 0.28 -13.45
N ALA A 101 7.68 -0.86 -12.89
CA ALA A 101 7.91 -2.17 -13.50
C ALA A 101 6.77 -2.56 -14.45
N ASN A 102 5.55 -2.13 -14.13
CA ASN A 102 4.37 -2.49 -14.91
C ASN A 102 3.94 -1.37 -15.87
N LEU A 103 3.62 -0.22 -15.29
CA LEU A 103 3.15 0.93 -16.07
C LEU A 103 3.30 2.21 -15.24
N VAL A 104 4.10 3.15 -15.73
CA VAL A 104 4.46 4.33 -14.94
C VAL A 104 4.01 5.62 -15.61
N CYS A 105 3.05 6.28 -14.98
CA CYS A 105 2.62 7.62 -15.37
C CYS A 105 2.57 8.52 -14.13
N ASN A 106 2.88 7.93 -12.97
CA ASN A 106 2.72 8.60 -11.69
C ASN A 106 3.99 9.33 -11.25
N THR A 107 4.91 9.57 -12.19
CA THR A 107 6.16 10.24 -11.86
C THR A 107 5.92 11.68 -11.36
N ARG A 108 4.98 12.38 -12.00
CA ARG A 108 4.63 13.74 -11.60
C ARG A 108 3.57 13.75 -10.48
N PRO A 109 2.48 12.95 -10.59
CA PRO A 109 1.51 12.78 -9.50
C PRO A 109 2.17 12.67 -8.12
N PHE A 110 3.37 12.10 -8.09
CA PHE A 110 4.18 12.04 -6.87
C PHE A 110 4.32 13.45 -6.28
N ASP A 111 4.87 14.35 -7.10
CA ASP A 111 5.10 15.74 -6.70
C ASP A 111 3.78 16.43 -6.36
N ASN A 112 2.73 16.05 -7.09
CA ASN A 112 1.42 16.70 -6.94
C ASN A 112 0.66 16.15 -5.74
N GLU A 113 1.10 15.01 -5.21
CA GLU A 113 0.49 14.45 -4.00
C GLU A 113 1.18 15.04 -2.77
N GLU A 114 2.51 14.97 -2.74
CA GLU A 114 3.28 15.52 -1.63
C GLU A 114 3.19 17.04 -1.61
N LYS A 115 3.22 17.65 -2.80
CA LYS A 115 3.06 19.09 -2.94
C LYS A 115 1.79 19.36 -3.74
N ASP A 116 0.65 19.22 -3.06
CA ASP A 116 -0.64 19.50 -3.67
C ASP A 116 -0.87 21.01 -3.70
N LYS A 117 -0.62 21.64 -2.56
CA LYS A 117 -0.78 23.08 -2.41
C LYS A 117 0.59 23.77 -2.43
N SER A 1 0.97 -8.48 12.57
CA SER A 1 2.19 -9.17 12.10
C SER A 1 1.95 -9.71 10.68
N MET A 2 2.93 -10.45 10.16
CA MET A 2 2.84 -10.99 8.81
C MET A 2 1.99 -12.26 8.80
N ASN A 3 1.65 -12.75 9.98
CA ASN A 3 0.85 -13.96 10.14
C ASN A 3 -0.55 -13.78 9.56
N GLU A 4 -1.14 -12.61 9.81
CA GLU A 4 -2.47 -12.29 9.29
C GLU A 4 -2.47 -12.42 7.76
N LEU A 5 -1.34 -12.07 7.16
CA LEU A 5 -1.16 -12.21 5.72
C LEU A 5 -1.04 -13.69 5.35
N GLU A 6 -0.14 -14.39 6.03
CA GLU A 6 0.11 -15.82 5.79
C GLU A 6 -1.04 -16.69 6.31
N ALA A 7 -2.10 -16.05 6.81
CA ALA A 7 -3.35 -16.76 7.12
C ALA A 7 -3.67 -17.80 6.05
N GLN A 8 -3.42 -17.44 4.78
CA GLN A 8 -3.41 -18.40 3.69
C GLN A 8 -1.97 -18.86 3.49
N THR A 9 -1.75 -20.14 3.24
CA THR A 9 -0.41 -20.72 3.36
C THR A 9 0.27 -20.97 2.02
N ARG A 10 1.58 -20.68 2.00
CA ARG A 10 2.47 -21.05 0.89
C ARG A 10 2.20 -20.21 -0.35
N VAL A 11 1.32 -19.23 -0.23
CA VAL A 11 1.10 -18.25 -1.28
C VAL A 11 1.64 -16.90 -0.83
N LYS A 12 1.53 -16.65 0.47
CA LYS A 12 1.97 -15.40 1.05
C LYS A 12 3.45 -15.48 1.39
N LEU A 13 3.92 -16.69 1.70
CA LEU A 13 5.35 -16.92 1.99
C LEU A 13 6.24 -16.29 0.92
N ASN A 14 6.00 -16.63 -0.34
CA ASN A 14 6.81 -16.10 -1.44
C ASN A 14 6.68 -14.58 -1.53
N TYR A 15 5.43 -14.11 -1.56
CA TYR A 15 5.15 -12.68 -1.63
C TYR A 15 5.79 -11.94 -0.45
N LEU A 16 5.82 -12.60 0.70
CA LEU A 16 6.38 -12.05 1.93
C LEU A 16 7.89 -11.91 1.77
N ASP A 17 8.52 -13.00 1.32
CA ASP A 17 9.95 -13.03 1.10
C ASP A 17 10.39 -11.87 0.22
N GLN A 18 9.65 -11.68 -0.87
CA GLN A 18 9.93 -10.60 -1.82
C GLN A 18 9.71 -9.22 -1.16
N ILE A 19 8.50 -9.02 -0.65
CA ILE A 19 8.06 -7.73 -0.11
C ILE A 19 8.87 -7.37 1.15
N ALA A 20 9.57 -8.35 1.71
CA ALA A 20 10.45 -8.12 2.83
C ALA A 20 11.88 -7.88 2.35
N LYS A 21 12.33 -8.71 1.41
CA LYS A 21 13.72 -8.71 0.95
C LYS A 21 14.09 -7.39 0.29
N PHE A 22 13.26 -6.94 -0.66
CA PHE A 22 13.54 -5.72 -1.41
C PHE A 22 13.76 -4.53 -0.47
N TRP A 23 12.83 -4.33 0.44
CA TRP A 23 12.87 -3.22 1.40
C TRP A 23 13.96 -3.45 2.44
N GLU A 24 14.19 -4.72 2.79
CA GLU A 24 15.21 -5.07 3.76
C GLU A 24 16.60 -4.68 3.26
N ILE A 25 16.84 -4.97 1.98
CA ILE A 25 18.14 -4.69 1.38
C ILE A 25 18.32 -3.19 1.15
N GLN A 26 17.22 -2.43 1.21
CA GLN A 26 17.30 -0.97 1.12
C GLN A 26 17.89 -0.38 2.41
N GLY A 27 18.33 -1.25 3.33
CA GLY A 27 18.94 -0.80 4.57
C GLY A 27 17.89 -0.59 5.64
N SER A 28 16.84 -1.40 5.58
CA SER A 28 15.71 -1.27 6.48
C SER A 28 15.08 -2.64 6.73
N SER A 29 13.92 -2.65 7.37
CA SER A 29 13.15 -3.86 7.57
C SER A 29 11.66 -3.55 7.50
N LEU A 30 10.86 -4.52 7.07
CA LEU A 30 9.44 -4.30 6.81
C LEU A 30 8.62 -4.46 8.09
N LYS A 31 8.21 -3.34 8.67
CA LYS A 31 7.26 -3.33 9.78
C LYS A 31 6.07 -2.47 9.41
N ILE A 32 5.09 -3.05 8.75
CA ILE A 32 3.88 -2.33 8.38
C ILE A 32 2.83 -2.44 9.49
N PRO A 33 2.27 -1.29 9.92
CA PRO A 33 1.30 -1.23 11.03
C PRO A 33 0.03 -2.03 10.77
N ASN A 34 -0.83 -2.10 11.78
CA ASN A 34 -2.08 -2.83 11.68
C ASN A 34 -3.21 -2.06 12.36
N VAL A 35 -4.41 -2.27 11.85
CA VAL A 35 -5.62 -1.65 12.36
C VAL A 35 -6.74 -2.69 12.36
N GLU A 36 -7.67 -2.58 13.30
CA GLU A 36 -8.77 -3.55 13.39
C GLU A 36 -8.21 -4.95 13.64
N ARG A 37 -6.99 -4.98 14.19
CA ARG A 37 -6.26 -6.21 14.52
C ARG A 37 -5.86 -6.97 13.25
N ARG A 38 -5.95 -6.30 12.12
CA ARG A 38 -5.53 -6.84 10.84
C ARG A 38 -4.33 -6.03 10.32
N ILE A 39 -3.34 -6.73 9.77
CA ILE A 39 -2.16 -6.09 9.21
C ILE A 39 -2.53 -5.23 8.02
N LEU A 40 -1.75 -4.17 7.77
CA LEU A 40 -1.94 -3.35 6.58
C LEU A 40 -1.59 -4.20 5.36
N ASP A 41 -2.61 -4.85 4.82
CA ASP A 41 -2.41 -5.89 3.81
C ASP A 41 -1.98 -5.29 2.47
N LEU A 42 -0.67 -5.22 2.29
CA LEU A 42 -0.06 -4.63 1.08
C LEU A 42 -0.46 -5.42 -0.17
N TYR A 43 -0.69 -6.71 0.01
CA TYR A 43 -1.05 -7.60 -1.10
C TYR A 43 -2.41 -7.18 -1.69
N SER A 44 -3.43 -7.23 -0.86
CA SER A 44 -4.77 -6.83 -1.25
C SER A 44 -4.76 -5.36 -1.66
N LEU A 45 -3.98 -4.56 -0.95
CA LEU A 45 -3.80 -3.14 -1.28
C LEU A 45 -3.30 -3.00 -2.71
N SER A 46 -2.31 -3.84 -3.06
CA SER A 46 -1.71 -3.79 -4.38
C SER A 46 -2.77 -4.06 -5.45
N LYS A 47 -3.48 -5.19 -5.32
CA LYS A 47 -4.47 -5.57 -6.32
C LYS A 47 -5.59 -4.52 -6.40
N ILE A 48 -5.91 -3.92 -5.27
CA ILE A 48 -6.98 -2.92 -5.20
C ILE A 48 -6.54 -1.59 -5.81
N VAL A 49 -5.29 -1.19 -5.55
CA VAL A 49 -4.76 0.04 -6.15
C VAL A 49 -4.74 -0.11 -7.67
N VAL A 50 -4.40 -1.29 -8.16
CA VAL A 50 -4.43 -1.60 -9.59
C VAL A 50 -5.88 -1.58 -10.09
N GLU A 51 -6.81 -2.05 -9.25
CA GLU A 51 -8.24 -1.97 -9.54
C GLU A 51 -8.69 -0.51 -9.66
N GLU A 52 -8.08 0.33 -8.84
CA GLU A 52 -8.37 1.77 -8.84
C GLU A 52 -7.66 2.48 -9.99
N GLY A 53 -6.56 1.91 -10.44
CA GLY A 53 -5.87 2.40 -11.63
C GLY A 53 -4.66 3.25 -11.31
N GLY A 54 -4.46 3.62 -10.05
CA GLY A 54 -3.31 4.42 -9.69
C GLY A 54 -3.36 4.94 -8.26
N TYR A 55 -2.24 4.80 -7.56
CA TYR A 55 -2.10 5.24 -6.16
C TYR A 55 -2.49 6.71 -6.01
N GLU A 56 -1.84 7.56 -6.79
CA GLU A 56 -2.07 9.01 -6.72
C GLU A 56 -3.49 9.39 -7.10
N ALA A 57 -4.12 8.58 -7.94
CA ALA A 57 -5.51 8.84 -8.32
C ALA A 57 -6.41 8.71 -7.10
N ILE A 58 -6.20 7.61 -6.37
CA ILE A 58 -6.98 7.33 -5.17
C ILE A 58 -6.70 8.41 -4.13
N CYS A 59 -5.44 8.80 -4.03
CA CYS A 59 -5.00 9.79 -3.07
C CYS A 59 -5.60 11.16 -3.38
N LYS A 60 -5.54 11.56 -4.64
CA LYS A 60 -5.97 12.89 -5.05
C LYS A 60 -7.48 13.03 -4.92
N ASP A 61 -8.21 11.95 -5.23
CA ASP A 61 -9.67 11.96 -5.11
C ASP A 61 -10.12 11.53 -3.71
N ARG A 62 -9.15 11.15 -2.86
CA ARG A 62 -9.44 10.73 -1.48
C ARG A 62 -10.36 9.50 -1.50
N ARG A 63 -10.17 8.70 -2.53
CA ARG A 63 -11.01 7.55 -2.86
C ARG A 63 -10.64 6.34 -1.99
N TRP A 64 -9.69 6.55 -1.07
CA TRP A 64 -9.30 5.52 -0.11
C TRP A 64 -10.48 5.07 0.75
N ALA A 65 -11.54 5.89 0.74
CA ALA A 65 -12.77 5.54 1.43
C ALA A 65 -13.28 4.17 0.97
N ARG A 66 -13.40 4.00 -0.34
CA ARG A 66 -13.91 2.74 -0.88
C ARG A 66 -12.88 1.63 -0.69
N VAL A 67 -11.61 2.02 -0.59
CA VAL A 67 -10.52 1.06 -0.39
C VAL A 67 -10.57 0.49 1.03
N ALA A 68 -10.84 1.34 2.00
CA ALA A 68 -11.03 0.89 3.37
C ALA A 68 -12.25 -0.01 3.43
N GLN A 69 -13.31 0.39 2.73
CA GLN A 69 -14.51 -0.43 2.58
C GLN A 69 -14.14 -1.76 1.91
N ARG A 70 -13.21 -1.69 0.96
CA ARG A 70 -12.72 -2.86 0.23
C ARG A 70 -12.11 -3.87 1.21
N LEU A 71 -11.32 -3.37 2.17
CA LEU A 71 -10.68 -4.22 3.17
C LEU A 71 -11.60 -4.45 4.38
N ASN A 72 -12.87 -4.07 4.25
CA ASN A 72 -13.87 -4.37 5.29
C ASN A 72 -13.64 -3.51 6.55
N TYR A 73 -12.87 -2.43 6.40
CA TYR A 73 -12.64 -1.51 7.52
C TYR A 73 -13.91 -0.68 7.79
N PRO A 74 -14.09 -0.20 9.03
CA PRO A 74 -15.20 0.69 9.39
C PRO A 74 -15.22 1.95 8.52
N PRO A 75 -16.43 2.48 8.22
CA PRO A 75 -16.58 3.68 7.39
C PRO A 75 -16.04 4.93 8.08
N GLY A 76 -16.06 6.06 7.35
CA GLY A 76 -15.53 7.31 7.87
C GLY A 76 -14.17 7.63 7.29
N LYS A 77 -13.72 6.80 6.34
CA LYS A 77 -12.44 6.97 5.60
C LYS A 77 -11.24 7.21 6.54
N ASN A 78 -11.42 6.97 7.82
CA ASN A 78 -10.40 7.29 8.83
C ASN A 78 -9.11 6.49 8.58
N ILE A 79 -9.28 5.22 8.23
CA ILE A 79 -8.15 4.33 8.00
C ILE A 79 -7.36 4.77 6.76
N GLY A 80 -8.01 5.58 5.91
CA GLY A 80 -7.38 6.06 4.70
C GLY A 80 -6.15 6.91 5.00
N SER A 81 -6.24 7.74 6.04
CA SER A 81 -5.12 8.58 6.45
C SER A 81 -3.97 7.72 6.97
N LEU A 82 -4.32 6.72 7.78
CA LEU A 82 -3.34 5.74 8.27
C LEU A 82 -2.55 5.14 7.11
N LEU A 83 -3.30 4.61 6.15
CA LEU A 83 -2.74 3.96 4.97
C LEU A 83 -1.83 4.91 4.19
N ARG A 84 -2.37 6.05 3.80
CA ARG A 84 -1.64 7.00 2.93
C ARG A 84 -0.38 7.49 3.63
N SER A 85 -0.49 7.77 4.94
CA SER A 85 0.62 8.30 5.70
C SER A 85 1.77 7.30 5.79
N HIS A 86 1.46 6.06 6.14
CA HIS A 86 2.50 5.03 6.28
C HIS A 86 3.04 4.61 4.92
N TYR A 87 2.17 4.53 3.91
CA TYR A 87 2.60 4.20 2.55
C TYR A 87 3.63 5.22 2.10
N GLU A 88 3.33 6.49 2.39
CA GLU A 88 4.14 7.62 1.95
C GLU A 88 5.62 7.48 2.33
N ARG A 89 5.88 6.89 3.50
CA ARG A 89 7.25 6.82 4.02
C ARG A 89 7.80 5.41 4.06
N ILE A 90 6.95 4.41 3.80
CA ILE A 90 7.38 3.00 3.83
C ILE A 90 7.23 2.32 2.49
N VAL A 91 6.06 2.46 1.87
CA VAL A 91 5.72 1.68 0.68
C VAL A 91 5.92 2.49 -0.62
N TYR A 92 6.17 3.79 -0.50
CA TYR A 92 6.42 4.63 -1.69
C TYR A 92 7.58 4.06 -2.54
N PRO A 93 8.67 3.55 -1.92
CA PRO A 93 9.70 2.79 -2.66
C PRO A 93 9.09 1.69 -3.53
N TYR A 94 8.05 1.05 -3.00
CA TYR A 94 7.35 -0.02 -3.71
C TYR A 94 6.41 0.56 -4.77
N GLU A 95 5.98 1.80 -4.58
CA GLU A 95 5.23 2.52 -5.60
C GLU A 95 6.10 2.64 -6.85
N MET A 96 7.30 3.16 -6.67
CA MET A 96 8.26 3.30 -7.76
C MET A 96 8.68 1.93 -8.29
N TYR A 97 8.78 0.96 -7.38
CA TYR A 97 9.14 -0.42 -7.77
C TYR A 97 8.08 -1.03 -8.69
N GLN A 98 6.86 -1.17 -8.16
CA GLN A 98 5.77 -1.81 -8.89
C GLN A 98 5.38 -0.99 -10.13
N SER A 99 5.03 0.27 -9.90
CA SER A 99 4.59 1.14 -10.98
C SER A 99 5.74 1.42 -11.94
N GLY A 100 6.96 1.57 -11.42
CA GLY A 100 8.11 1.77 -12.28
C GLY A 100 8.36 0.56 -13.17
N ALA A 101 8.04 -0.62 -12.65
CA ALA A 101 8.18 -1.86 -13.42
C ALA A 101 7.07 -1.99 -14.47
N ASN A 102 5.87 -1.50 -14.13
CA ASN A 102 4.73 -1.59 -15.05
C ASN A 102 4.74 -0.42 -16.04
N LEU A 103 4.64 0.80 -15.51
CA LEU A 103 4.67 2.03 -16.31
C LEU A 103 4.77 3.24 -15.39
N VAL A 104 5.73 4.13 -15.67
CA VAL A 104 5.99 5.25 -14.78
C VAL A 104 5.27 6.53 -15.24
N CYS A 105 4.00 6.62 -14.87
CA CYS A 105 3.18 7.80 -15.15
C CYS A 105 2.58 8.33 -13.84
N ASN A 106 3.09 7.81 -12.73
CA ASN A 106 2.58 8.13 -11.40
C ASN A 106 3.32 9.32 -10.80
N THR A 107 4.55 9.55 -11.26
CA THR A 107 5.44 10.55 -10.69
C THR A 107 4.91 11.98 -10.85
N ARG A 108 4.19 12.25 -11.94
CA ARG A 108 3.70 13.60 -12.20
C ARG A 108 2.53 13.95 -11.27
N PRO A 109 1.49 13.08 -11.16
CA PRO A 109 0.42 13.27 -10.17
C PRO A 109 0.99 13.34 -8.74
N PHE A 110 2.03 12.55 -8.50
CA PHE A 110 2.74 12.53 -7.22
C PHE A 110 3.17 13.95 -6.84
N ASP A 111 3.83 14.64 -7.77
CA ASP A 111 4.28 16.01 -7.52
C ASP A 111 3.07 16.93 -7.29
N ASN A 112 1.99 16.66 -8.01
CA ASN A 112 0.77 17.46 -7.90
C ASN A 112 0.15 17.30 -6.51
N GLU A 113 0.18 16.10 -5.97
CA GLU A 113 -0.29 15.85 -4.61
C GLU A 113 0.61 16.58 -3.62
N GLU A 114 1.91 16.59 -3.93
CA GLU A 114 2.88 17.35 -3.14
C GLU A 114 2.54 18.84 -3.20
N LYS A 115 1.98 19.28 -4.34
CA LYS A 115 1.53 20.65 -4.50
C LYS A 115 0.27 20.93 -3.66
N ASP A 116 -0.38 19.84 -3.21
CA ASP A 116 -1.65 19.90 -2.47
C ASP A 116 -2.81 20.18 -3.41
N LYS A 117 -2.72 21.28 -4.15
CA LYS A 117 -3.76 21.66 -5.10
C LYS A 117 -3.51 21.01 -6.47
N SER A 1 0.67 -11.61 13.66
CA SER A 1 -0.08 -10.61 12.87
C SER A 1 0.02 -10.90 11.37
N MET A 2 1.17 -11.41 10.94
CA MET A 2 1.40 -11.69 9.52
C MET A 2 0.46 -12.80 9.04
N ASN A 3 0.15 -13.75 9.93
CA ASN A 3 -0.66 -14.92 9.58
C ASN A 3 -1.99 -14.54 8.95
N GLU A 4 -2.60 -13.46 9.44
CA GLU A 4 -3.89 -13.00 8.90
C GLU A 4 -3.82 -12.81 7.38
N LEU A 5 -2.67 -12.34 6.90
CA LEU A 5 -2.44 -12.21 5.46
C LEU A 5 -1.83 -13.50 4.90
N GLU A 6 -1.03 -14.16 5.72
CA GLU A 6 -0.30 -15.36 5.32
C GLU A 6 -1.20 -16.61 5.38
N ALA A 7 -2.46 -16.39 5.74
CA ALA A 7 -3.47 -17.47 5.82
C ALA A 7 -3.31 -18.48 4.68
N GLN A 8 -3.08 -17.99 3.47
CA GLN A 8 -2.79 -18.87 2.34
C GLN A 8 -1.28 -19.13 2.28
N THR A 9 -0.90 -20.35 1.97
CA THR A 9 0.48 -20.79 2.09
C THR A 9 1.18 -20.87 0.73
N ARG A 10 2.47 -20.51 0.73
CA ARG A 10 3.35 -20.59 -0.45
C ARG A 10 2.90 -19.65 -1.58
N VAL A 11 1.90 -18.82 -1.30
CA VAL A 11 1.51 -17.75 -2.22
C VAL A 11 1.86 -16.39 -1.62
N LYS A 12 1.62 -16.24 -0.32
CA LYS A 12 1.93 -15.00 0.38
C LYS A 12 3.41 -14.96 0.76
N LEU A 13 4.02 -16.14 0.84
CA LEU A 13 5.42 -16.27 1.24
C LEU A 13 6.34 -15.61 0.21
N ASN A 14 6.07 -15.87 -1.07
CA ASN A 14 6.83 -15.25 -2.16
C ASN A 14 6.76 -13.72 -2.03
N TYR A 15 5.53 -13.22 -1.89
CA TYR A 15 5.30 -11.79 -1.70
C TYR A 15 6.02 -11.30 -0.44
N LEU A 16 6.06 -12.14 0.59
CA LEU A 16 6.72 -11.81 1.86
C LEU A 16 8.21 -11.55 1.59
N ASP A 17 8.86 -12.50 0.91
CA ASP A 17 10.28 -12.35 0.55
C ASP A 17 10.49 -11.04 -0.22
N GLN A 18 9.61 -10.77 -1.19
CA GLN A 18 9.71 -9.54 -1.98
C GLN A 18 9.58 -8.31 -1.07
N ILE A 19 8.48 -8.26 -0.32
CA ILE A 19 8.09 -7.08 0.44
C ILE A 19 9.03 -6.83 1.61
N ALA A 20 9.75 -7.86 2.02
CA ALA A 20 10.73 -7.75 3.10
C ALA A 20 12.10 -7.37 2.54
N LYS A 21 12.56 -8.15 1.56
CA LYS A 21 13.92 -8.01 1.04
C LYS A 21 14.13 -6.67 0.33
N PHE A 22 13.23 -6.32 -0.57
CA PHE A 22 13.38 -5.08 -1.36
C PHE A 22 13.45 -3.87 -0.44
N TRP A 23 12.48 -3.76 0.45
CA TRP A 23 12.39 -2.64 1.39
C TRP A 23 13.56 -2.65 2.37
N GLU A 24 14.00 -3.85 2.75
CA GLU A 24 15.11 -4.00 3.69
C GLU A 24 16.38 -3.40 3.09
N ILE A 25 16.73 -3.86 1.88
CA ILE A 25 17.94 -3.40 1.21
C ILE A 25 17.78 -1.97 0.69
N GLN A 26 16.54 -1.49 0.64
CA GLN A 26 16.26 -0.11 0.25
C GLN A 26 16.88 0.86 1.26
N GLY A 27 17.30 0.31 2.41
CA GLY A 27 17.95 1.11 3.43
C GLY A 27 17.08 1.26 4.66
N SER A 28 16.17 0.32 4.86
CA SER A 28 15.24 0.38 5.97
C SER A 28 14.85 -1.03 6.42
N SER A 29 13.86 -1.11 7.30
CA SER A 29 13.34 -2.39 7.78
C SER A 29 11.82 -2.43 7.58
N LEU A 30 11.29 -3.60 7.27
CA LEU A 30 9.86 -3.75 6.99
C LEU A 30 9.04 -3.59 8.26
N LYS A 31 8.08 -2.68 8.22
CA LYS A 31 7.20 -2.43 9.34
C LYS A 31 5.79 -2.12 8.84
N ILE A 32 4.90 -3.10 8.93
CA ILE A 32 3.50 -2.92 8.55
C ILE A 32 2.60 -3.11 9.77
N PRO A 33 1.76 -2.12 10.08
CA PRO A 33 0.92 -2.14 11.28
C PRO A 33 -0.40 -2.87 11.09
N ASN A 34 -1.25 -2.78 12.11
CA ASN A 34 -2.57 -3.38 12.09
C ASN A 34 -3.57 -2.46 12.74
N VAL A 35 -4.79 -2.45 12.22
CA VAL A 35 -5.84 -1.59 12.73
C VAL A 35 -7.16 -2.38 12.82
N GLU A 36 -7.95 -2.10 13.85
CA GLU A 36 -9.24 -2.76 14.05
C GLU A 36 -9.06 -4.27 14.29
N ARG A 37 -7.84 -4.63 14.70
CA ARG A 37 -7.46 -6.03 14.94
C ARG A 37 -7.23 -6.77 13.62
N ARG A 38 -7.12 -6.02 12.54
CA ARG A 38 -6.81 -6.57 11.22
C ARG A 38 -5.47 -6.03 10.73
N ILE A 39 -4.63 -6.91 10.20
CA ILE A 39 -3.35 -6.50 9.64
C ILE A 39 -3.57 -5.62 8.41
N LEU A 40 -2.69 -4.64 8.24
CA LEU A 40 -2.74 -3.79 7.05
C LEU A 40 -2.27 -4.61 5.85
N ASP A 41 -3.23 -5.15 5.09
CA ASP A 41 -2.93 -6.05 3.98
C ASP A 41 -2.28 -5.28 2.84
N LEU A 42 -0.96 -5.20 2.88
CA LEU A 42 -0.19 -4.50 1.85
C LEU A 42 -0.43 -5.17 0.50
N TYR A 43 -0.56 -6.50 0.51
CA TYR A 43 -0.79 -7.28 -0.71
C TYR A 43 -2.11 -6.86 -1.35
N SER A 44 -3.18 -6.94 -0.56
CA SER A 44 -4.51 -6.55 -1.02
C SER A 44 -4.50 -5.09 -1.46
N LEU A 45 -3.79 -4.26 -0.71
CA LEU A 45 -3.69 -2.84 -1.02
C LEU A 45 -2.98 -2.66 -2.37
N SER A 46 -1.94 -3.46 -2.61
CA SER A 46 -1.20 -3.40 -3.87
C SER A 46 -2.12 -3.68 -5.05
N LYS A 47 -2.83 -4.82 -4.99
CA LYS A 47 -3.70 -5.24 -6.08
C LYS A 47 -4.83 -4.22 -6.28
N ILE A 48 -5.29 -3.62 -5.18
CA ILE A 48 -6.33 -2.58 -5.25
C ILE A 48 -5.83 -1.35 -5.98
N VAL A 49 -4.69 -0.82 -5.55
CA VAL A 49 -4.11 0.38 -6.16
C VAL A 49 -3.91 0.20 -7.66
N VAL A 50 -3.33 -0.94 -8.05
CA VAL A 50 -3.13 -1.25 -9.46
C VAL A 50 -4.48 -1.38 -10.18
N GLU A 51 -5.45 -1.97 -9.48
CA GLU A 51 -6.79 -2.18 -10.01
C GLU A 51 -7.53 -0.84 -10.15
N GLU A 52 -7.15 0.12 -9.30
CA GLU A 52 -7.76 1.46 -9.31
C GLU A 52 -7.02 2.41 -10.26
N GLY A 53 -5.75 2.08 -10.56
CA GLY A 53 -5.04 2.77 -11.63
C GLY A 53 -3.89 3.66 -11.16
N GLY A 54 -3.77 3.92 -9.85
CA GLY A 54 -2.64 4.71 -9.37
C GLY A 54 -2.78 5.16 -7.93
N TYR A 55 -1.67 5.12 -7.18
CA TYR A 55 -1.64 5.60 -5.80
C TYR A 55 -2.12 7.04 -5.71
N GLU A 56 -1.46 7.92 -6.46
CA GLU A 56 -1.77 9.35 -6.42
C GLU A 56 -3.23 9.61 -6.78
N ALA A 57 -3.74 8.85 -7.75
CA ALA A 57 -5.13 9.01 -8.18
C ALA A 57 -6.06 8.75 -6.99
N ILE A 58 -5.81 7.66 -6.29
CA ILE A 58 -6.60 7.29 -5.11
C ILE A 58 -6.39 8.31 -3.99
N CYS A 59 -5.20 8.90 -3.97
CA CYS A 59 -4.86 9.87 -2.93
C CYS A 59 -5.57 11.20 -3.18
N LYS A 60 -5.53 11.68 -4.42
CA LYS A 60 -6.13 12.96 -4.76
C LYS A 60 -7.64 12.84 -4.74
N ASP A 61 -8.14 11.64 -5.04
CA ASP A 61 -9.58 11.36 -5.00
C ASP A 61 -10.02 10.99 -3.58
N ARG A 62 -9.03 10.67 -2.72
CA ARG A 62 -9.30 10.24 -1.34
C ARG A 62 -10.12 8.96 -1.34
N ARG A 63 -9.85 8.13 -2.33
CA ARG A 63 -10.62 6.93 -2.62
C ARG A 63 -10.25 5.79 -1.67
N TRP A 64 -9.33 6.08 -0.73
CA TRP A 64 -8.90 5.10 0.27
C TRP A 64 -10.08 4.69 1.17
N ALA A 65 -11.15 5.48 1.15
CA ALA A 65 -12.35 5.13 1.89
C ALA A 65 -12.90 3.79 1.37
N ARG A 66 -12.94 3.67 0.04
CA ARG A 66 -13.39 2.44 -0.60
C ARG A 66 -12.48 1.28 -0.23
N VAL A 67 -11.17 1.52 -0.27
CA VAL A 67 -10.20 0.44 0.00
C VAL A 67 -10.33 -0.03 1.45
N ALA A 68 -10.64 0.89 2.35
CA ALA A 68 -10.88 0.55 3.75
C ALA A 68 -12.10 -0.35 3.86
N GLN A 69 -13.19 0.05 3.21
CA GLN A 69 -14.41 -0.76 3.17
C GLN A 69 -14.15 -2.08 2.45
N ARG A 70 -13.18 -2.06 1.53
CA ARG A 70 -12.82 -3.24 0.75
C ARG A 70 -12.13 -4.27 1.66
N LEU A 71 -11.30 -3.77 2.58
CA LEU A 71 -10.62 -4.63 3.56
C LEU A 71 -11.51 -4.91 4.78
N ASN A 72 -12.79 -4.55 4.66
CA ASN A 72 -13.80 -4.85 5.68
C ASN A 72 -13.61 -4.02 6.95
N TYR A 73 -12.91 -2.88 6.82
CA TYR A 73 -12.75 -1.96 7.95
C TYR A 73 -14.07 -1.24 8.23
N PRO A 74 -14.36 -0.91 9.50
CA PRO A 74 -15.59 -0.20 9.87
C PRO A 74 -15.59 1.24 9.34
N PRO A 75 -16.79 1.86 9.24
CA PRO A 75 -16.92 3.25 8.79
C PRO A 75 -16.12 4.23 9.65
N GLY A 76 -16.04 5.47 9.21
CA GLY A 76 -15.22 6.47 9.88
C GLY A 76 -14.18 7.04 8.94
N LYS A 77 -13.71 6.23 7.99
CA LYS A 77 -12.89 6.69 6.86
C LYS A 77 -11.45 7.07 7.29
N ASN A 78 -11.27 7.44 8.56
CA ASN A 78 -9.97 7.91 9.05
C ASN A 78 -8.87 6.88 8.84
N ILE A 79 -9.25 5.60 8.74
CA ILE A 79 -8.28 4.52 8.55
C ILE A 79 -7.50 4.74 7.25
N GLY A 80 -8.13 5.40 6.29
CA GLY A 80 -7.48 5.72 5.03
C GLY A 80 -6.28 6.62 5.21
N SER A 81 -6.37 7.54 6.17
CA SER A 81 -5.27 8.46 6.48
C SER A 81 -4.11 7.68 7.08
N LEU A 82 -4.44 6.73 7.96
CA LEU A 82 -3.44 5.86 8.57
C LEU A 82 -2.69 5.11 7.47
N LEU A 83 -3.46 4.51 6.56
CA LEU A 83 -2.91 3.79 5.42
C LEU A 83 -2.00 4.68 4.60
N ARG A 84 -2.52 5.84 4.19
CA ARG A 84 -1.76 6.76 3.34
C ARG A 84 -0.46 7.18 4.02
N SER A 85 -0.52 7.43 5.33
CA SER A 85 0.64 7.87 6.08
C SER A 85 1.73 6.81 6.06
N HIS A 86 1.36 5.55 6.30
CA HIS A 86 2.34 4.46 6.30
C HIS A 86 2.78 4.12 4.88
N TYR A 87 1.90 4.34 3.90
CA TYR A 87 2.26 4.15 2.50
C TYR A 87 3.32 5.17 2.10
N GLU A 88 3.05 6.42 2.46
CA GLU A 88 3.90 7.56 2.14
C GLU A 88 5.36 7.33 2.56
N ARG A 89 5.55 6.43 3.53
CA ARG A 89 6.89 6.14 4.06
C ARG A 89 7.39 4.78 3.61
N ILE A 90 6.65 3.73 3.95
CA ILE A 90 7.09 2.35 3.74
C ILE A 90 6.83 1.86 2.31
N VAL A 91 5.64 2.14 1.79
CA VAL A 91 5.18 1.51 0.56
C VAL A 91 5.38 2.39 -0.67
N TYR A 92 5.63 3.68 -0.46
CA TYR A 92 5.75 4.62 -1.59
C TYR A 92 6.86 4.18 -2.57
N PRO A 93 8.05 3.77 -2.07
CA PRO A 93 9.10 3.22 -2.94
C PRO A 93 8.62 2.00 -3.73
N TYR A 94 7.66 1.26 -3.17
CA TYR A 94 7.10 0.09 -3.83
C TYR A 94 6.22 0.49 -4.99
N GLU A 95 5.52 1.62 -4.86
CA GLU A 95 4.77 2.19 -5.98
C GLU A 95 5.73 2.41 -7.14
N MET A 96 6.77 3.20 -6.86
CA MET A 96 7.79 3.53 -7.86
C MET A 96 8.41 2.26 -8.45
N TYR A 97 8.57 1.24 -7.60
CA TYR A 97 9.15 -0.03 -8.01
C TYR A 97 8.23 -0.79 -8.97
N GLN A 98 6.99 -1.01 -8.53
CA GLN A 98 6.03 -1.79 -9.30
C GLN A 98 5.69 -1.09 -10.61
N SER A 99 5.25 0.16 -10.53
CA SER A 99 4.95 0.94 -11.72
C SER A 99 6.21 1.12 -12.56
N GLY A 100 7.32 1.41 -11.89
CA GLY A 100 8.60 1.55 -12.57
C GLY A 100 9.03 0.27 -13.28
N ALA A 101 8.56 -0.87 -12.78
CA ALA A 101 8.90 -2.16 -13.37
C ALA A 101 7.96 -2.50 -14.54
N ASN A 102 6.71 -2.10 -14.44
CA ASN A 102 5.72 -2.39 -15.48
C ASN A 102 5.56 -1.20 -16.44
N LEU A 103 5.11 -0.08 -15.89
CA LEU A 103 4.94 1.16 -16.66
C LEU A 103 4.56 2.30 -15.70
N VAL A 104 5.39 3.33 -15.65
CA VAL A 104 5.19 4.43 -14.73
C VAL A 104 4.51 5.61 -15.44
N CYS A 105 3.29 5.91 -15.03
CA CYS A 105 2.50 6.99 -15.62
C CYS A 105 2.18 8.05 -14.57
N ASN A 106 2.43 7.72 -13.30
CA ASN A 106 2.12 8.59 -12.17
C ASN A 106 3.29 9.51 -11.81
N THR A 107 4.27 9.60 -12.70
CA THR A 107 5.48 10.38 -12.44
C THR A 107 5.16 11.84 -12.11
N ARG A 108 4.22 12.43 -12.85
CA ARG A 108 3.86 13.84 -12.66
C ARG A 108 2.87 14.02 -11.48
N PRO A 109 1.77 13.23 -11.42
CA PRO A 109 0.86 13.26 -10.26
C PRO A 109 1.61 13.14 -8.93
N PHE A 110 2.75 12.42 -8.99
CA PHE A 110 3.63 12.27 -7.83
C PHE A 110 3.94 13.65 -7.23
N ASP A 111 4.36 14.59 -8.08
CA ASP A 111 4.66 15.95 -7.65
C ASP A 111 3.41 16.63 -7.11
N ASN A 112 2.28 16.32 -7.73
CA ASN A 112 0.99 16.94 -7.39
C ASN A 112 0.50 16.50 -6.02
N GLU A 113 0.94 15.32 -5.56
CA GLU A 113 0.58 14.84 -4.23
C GLU A 113 1.69 15.16 -3.22
N GLU A 114 2.92 14.81 -3.55
CA GLU A 114 4.07 15.08 -2.67
C GLU A 114 4.17 16.58 -2.38
N LYS A 115 3.96 17.37 -3.43
CA LYS A 115 3.97 18.82 -3.33
C LYS A 115 2.58 19.35 -3.69
N ASP A 116 1.67 19.28 -2.72
CA ASP A 116 0.28 19.70 -2.91
C ASP A 116 0.19 21.22 -2.84
N LYS A 117 0.80 21.84 -3.84
CA LYS A 117 0.88 23.29 -3.94
C LYS A 117 1.21 23.71 -5.38
N SER A 1 -2.88 -9.54 13.90
CA SER A 1 -1.47 -10.00 13.91
C SER A 1 -0.97 -10.28 12.49
N MET A 2 0.33 -10.50 12.36
CA MET A 2 0.96 -10.80 11.06
C MET A 2 0.55 -12.19 10.59
N ASN A 3 0.07 -13.00 11.54
CA ASN A 3 -0.35 -14.37 11.28
C ASN A 3 -1.35 -14.44 10.13
N GLU A 4 -2.21 -13.43 10.01
CA GLU A 4 -3.22 -13.39 8.97
C GLU A 4 -2.59 -13.36 7.58
N LEU A 5 -1.37 -12.82 7.48
CA LEU A 5 -0.64 -12.81 6.21
C LEU A 5 0.12 -14.14 6.07
N GLU A 6 0.72 -14.58 7.17
CA GLU A 6 1.51 -15.82 7.20
C GLU A 6 0.64 -17.06 6.95
N ALA A 7 -0.66 -16.91 7.20
CA ALA A 7 -1.60 -18.04 7.14
C ALA A 7 -1.64 -18.69 5.75
N GLN A 8 -1.60 -17.87 4.70
CA GLN A 8 -1.74 -18.37 3.33
C GLN A 8 -0.37 -18.79 2.79
N THR A 9 -0.34 -19.90 2.03
CA THR A 9 0.92 -20.58 1.72
C THR A 9 1.34 -20.41 0.26
N ARG A 10 2.66 -20.25 0.07
CA ARG A 10 3.29 -20.11 -1.26
C ARG A 10 2.71 -18.95 -2.07
N VAL A 11 1.84 -18.17 -1.46
CA VAL A 11 1.34 -16.94 -2.06
C VAL A 11 1.86 -15.74 -1.27
N LYS A 12 1.58 -15.72 0.02
CA LYS A 12 1.91 -14.57 0.86
C LYS A 12 3.29 -14.71 1.49
N LEU A 13 3.86 -15.92 1.45
CA LEU A 13 5.24 -16.12 1.89
C LEU A 13 6.20 -15.64 0.80
N ASN A 14 5.80 -15.84 -0.45
CA ASN A 14 6.53 -15.31 -1.59
C ASN A 14 6.42 -13.79 -1.59
N TYR A 15 5.18 -13.31 -1.37
CA TYR A 15 4.92 -11.89 -1.21
C TYR A 15 5.75 -11.33 -0.06
N LEU A 16 5.81 -12.09 1.04
CA LEU A 16 6.59 -11.72 2.21
C LEU A 16 8.06 -11.58 1.81
N ASP A 17 8.54 -12.57 1.07
CA ASP A 17 9.93 -12.62 0.62
C ASP A 17 10.31 -11.33 -0.12
N GLN A 18 9.52 -10.97 -1.13
CA GLN A 18 9.82 -9.80 -1.95
C GLN A 18 9.52 -8.49 -1.20
N ILE A 19 8.43 -8.47 -0.43
CA ILE A 19 7.99 -7.26 0.27
C ILE A 19 8.98 -6.89 1.37
N ALA A 20 9.70 -7.89 1.86
CA ALA A 20 10.73 -7.67 2.85
C ALA A 20 12.05 -7.34 2.16
N LYS A 21 12.41 -8.14 1.15
CA LYS A 21 13.71 -8.04 0.50
C LYS A 21 13.91 -6.69 -0.18
N PHE A 22 13.01 -6.32 -1.09
CA PHE A 22 13.15 -5.08 -1.85
C PHE A 22 13.28 -3.88 -0.92
N TRP A 23 12.36 -3.78 0.03
CA TRP A 23 12.30 -2.66 0.96
C TRP A 23 13.47 -2.70 1.93
N GLU A 24 13.95 -3.89 2.28
CA GLU A 24 15.06 -4.03 3.21
C GLU A 24 16.37 -3.60 2.55
N ILE A 25 16.50 -3.90 1.26
CA ILE A 25 17.67 -3.51 0.47
C ILE A 25 17.58 -2.03 0.10
N GLN A 26 16.40 -1.46 0.21
CA GLN A 26 16.17 -0.05 -0.09
C GLN A 26 16.69 0.85 1.05
N GLY A 27 17.73 0.38 1.75
CA GLY A 27 18.31 1.13 2.84
C GLY A 27 17.35 1.30 4.00
N SER A 28 16.49 0.30 4.18
CA SER A 28 15.46 0.33 5.21
C SER A 28 15.16 -1.07 5.71
N SER A 29 14.11 -1.19 6.52
CA SER A 29 13.65 -2.48 7.01
C SER A 29 12.12 -2.50 7.02
N LEU A 30 11.54 -3.67 6.76
CA LEU A 30 10.10 -3.79 6.66
C LEU A 30 9.45 -3.70 8.05
N LYS A 31 8.54 -2.76 8.20
CA LYS A 31 7.79 -2.59 9.44
C LYS A 31 6.34 -2.24 9.09
N ILE A 32 5.58 -3.28 8.72
CA ILE A 32 4.19 -3.11 8.33
C ILE A 32 3.29 -2.95 9.55
N PRO A 33 2.49 -1.85 9.61
CA PRO A 33 1.60 -1.57 10.74
C PRO A 33 0.45 -2.57 10.87
N ASN A 34 -0.40 -2.33 11.86
CA ASN A 34 -1.55 -3.20 12.12
C ASN A 34 -2.76 -2.35 12.49
N VAL A 35 -3.92 -2.86 12.14
CA VAL A 35 -5.18 -2.20 12.44
C VAL A 35 -6.30 -3.23 12.50
N GLU A 36 -7.29 -2.99 13.36
CA GLU A 36 -8.43 -3.90 13.50
C GLU A 36 -7.98 -5.25 14.03
N ARG A 37 -6.82 -5.26 14.69
CA ARG A 37 -6.21 -6.47 15.27
C ARG A 37 -5.64 -7.36 14.17
N ARG A 38 -5.53 -6.81 12.97
CA ARG A 38 -5.02 -7.55 11.82
C ARG A 38 -3.84 -6.82 11.21
N ILE A 39 -2.96 -7.57 10.55
CA ILE A 39 -1.82 -6.99 9.85
C ILE A 39 -2.31 -6.14 8.69
N LEU A 40 -1.66 -5.00 8.47
CA LEU A 40 -2.04 -4.10 7.39
C LEU A 40 -1.74 -4.75 6.05
N ASP A 41 -2.77 -5.33 5.42
CA ASP A 41 -2.59 -6.14 4.23
C ASP A 41 -2.23 -5.27 3.02
N LEU A 42 -0.93 -5.01 2.90
CA LEU A 42 -0.37 -4.22 1.79
C LEU A 42 -0.74 -4.88 0.46
N TYR A 43 -0.94 -6.18 0.50
CA TYR A 43 -1.32 -6.97 -0.67
C TYR A 43 -2.51 -6.32 -1.40
N SER A 44 -3.65 -6.29 -0.71
CA SER A 44 -4.86 -5.71 -1.27
C SER A 44 -4.65 -4.25 -1.65
N LEU A 45 -3.98 -3.52 -0.76
CA LEU A 45 -3.72 -2.10 -0.99
C LEU A 45 -3.04 -1.89 -2.35
N SER A 46 -1.94 -2.60 -2.58
CA SER A 46 -1.16 -2.42 -3.78
C SER A 46 -1.94 -2.87 -5.02
N LYS A 47 -2.60 -4.02 -4.93
CA LYS A 47 -3.31 -4.57 -6.08
C LYS A 47 -4.56 -3.73 -6.40
N ILE A 48 -5.14 -3.09 -5.38
CA ILE A 48 -6.28 -2.19 -5.59
C ILE A 48 -5.81 -0.86 -6.20
N VAL A 49 -4.71 -0.32 -5.69
CA VAL A 49 -4.13 0.91 -6.25
C VAL A 49 -3.83 0.72 -7.73
N VAL A 50 -3.25 -0.43 -8.06
CA VAL A 50 -2.97 -0.77 -9.46
C VAL A 50 -4.27 -0.93 -10.25
N GLU A 51 -5.25 -1.58 -9.63
CA GLU A 51 -6.57 -1.76 -10.23
C GLU A 51 -7.20 -0.40 -10.53
N GLU A 52 -6.96 0.55 -9.62
CA GLU A 52 -7.47 1.92 -9.77
C GLU A 52 -6.62 2.69 -10.78
N GLY A 53 -5.34 2.34 -10.87
CA GLY A 53 -4.48 2.91 -11.90
C GLY A 53 -3.42 3.85 -11.35
N GLY A 54 -3.52 4.22 -10.08
CA GLY A 54 -2.55 5.12 -9.49
C GLY A 54 -2.90 5.55 -8.08
N TYR A 55 -1.88 5.65 -7.23
CA TYR A 55 -2.03 6.11 -5.85
C TYR A 55 -2.45 7.57 -5.81
N GLU A 56 -1.82 8.41 -6.63
CA GLU A 56 -2.15 9.83 -6.67
C GLU A 56 -3.65 10.03 -6.93
N ALA A 57 -4.18 9.25 -7.86
CA ALA A 57 -5.60 9.35 -8.25
C ALA A 57 -6.50 9.18 -7.04
N ILE A 58 -6.33 8.05 -6.35
CA ILE A 58 -7.16 7.72 -5.19
C ILE A 58 -6.93 8.73 -4.08
N CYS A 59 -5.69 9.22 -3.98
CA CYS A 59 -5.30 10.16 -2.94
C CYS A 59 -5.82 11.56 -3.26
N LYS A 60 -5.93 11.87 -4.54
CA LYS A 60 -6.38 13.18 -4.99
C LYS A 60 -7.89 13.29 -4.82
N ASP A 61 -8.56 12.15 -5.03
CA ASP A 61 -10.03 12.07 -4.93
C ASP A 61 -10.45 11.62 -3.52
N ARG A 62 -9.49 11.11 -2.74
CA ARG A 62 -9.74 10.62 -1.38
C ARG A 62 -10.66 9.39 -1.45
N ARG A 63 -10.52 8.63 -2.54
CA ARG A 63 -11.38 7.49 -2.84
C ARG A 63 -11.03 6.28 -1.97
N TRP A 64 -10.07 6.48 -1.06
CA TRP A 64 -9.65 5.41 -0.13
C TRP A 64 -10.84 4.89 0.68
N ALA A 65 -11.92 5.68 0.71
CA ALA A 65 -13.16 5.27 1.35
C ALA A 65 -13.61 3.92 0.81
N ARG A 66 -13.64 3.80 -0.52
CA ARG A 66 -14.09 2.55 -1.16
C ARG A 66 -13.09 1.42 -0.87
N VAL A 67 -11.81 1.78 -0.82
CA VAL A 67 -10.74 0.80 -0.59
C VAL A 67 -10.88 0.20 0.82
N ALA A 68 -10.96 1.07 1.81
CA ALA A 68 -11.10 0.64 3.20
C ALA A 68 -12.39 -0.17 3.38
N GLN A 69 -13.45 0.25 2.69
CA GLN A 69 -14.71 -0.47 2.73
C GLN A 69 -14.53 -1.88 2.16
N ARG A 70 -13.75 -1.97 1.08
CA ARG A 70 -13.46 -3.24 0.42
C ARG A 70 -12.71 -4.17 1.38
N LEU A 71 -11.74 -3.62 2.11
CA LEU A 71 -10.96 -4.37 3.10
C LEU A 71 -11.76 -4.56 4.40
N ASN A 72 -13.02 -4.11 4.37
CA ASN A 72 -13.96 -4.33 5.47
C ASN A 72 -13.53 -3.59 6.74
N TYR A 73 -12.85 -2.46 6.56
CA TYR A 73 -12.55 -1.58 7.68
C TYR A 73 -13.79 -0.75 8.02
N PRO A 74 -13.97 -0.37 9.29
CA PRO A 74 -15.09 0.49 9.72
C PRO A 74 -15.23 1.75 8.83
N PRO A 75 -16.44 2.00 8.30
CA PRO A 75 -16.71 3.13 7.40
C PRO A 75 -16.39 4.49 8.05
N GLY A 76 -16.36 5.52 7.21
CA GLY A 76 -16.08 6.87 7.70
C GLY A 76 -14.69 7.35 7.31
N LYS A 77 -13.94 6.47 6.63
CA LYS A 77 -12.55 6.76 6.21
C LYS A 77 -11.60 6.79 7.41
N ASN A 78 -12.09 6.35 8.57
CA ASN A 78 -11.32 6.43 9.82
C ASN A 78 -9.98 5.71 9.69
N ILE A 79 -10.02 4.46 9.23
CA ILE A 79 -8.80 3.67 9.02
C ILE A 79 -8.12 4.11 7.73
N GLY A 80 -8.90 4.69 6.83
CA GLY A 80 -8.38 5.11 5.53
C GLY A 80 -7.23 6.10 5.65
N SER A 81 -7.37 7.05 6.56
CA SER A 81 -6.33 8.07 6.79
C SER A 81 -5.06 7.40 7.31
N LEU A 82 -5.25 6.48 8.27
CA LEU A 82 -4.14 5.72 8.85
C LEU A 82 -3.34 5.02 7.75
N LEU A 83 -4.04 4.25 6.93
CA LEU A 83 -3.44 3.55 5.80
C LEU A 83 -2.73 4.53 4.88
N ARG A 84 -3.44 5.57 4.49
CA ARG A 84 -2.94 6.55 3.53
C ARG A 84 -1.68 7.23 4.06
N SER A 85 -1.64 7.48 5.37
CA SER A 85 -0.53 8.21 5.98
C SER A 85 0.67 7.29 6.25
N HIS A 86 0.43 5.98 6.27
CA HIS A 86 1.53 5.02 6.31
C HIS A 86 2.01 4.70 4.91
N TYR A 87 1.16 4.98 3.92
CA TYR A 87 1.48 4.72 2.52
C TYR A 87 2.83 5.32 2.13
N GLU A 88 3.02 6.63 2.37
CA GLU A 88 4.24 7.31 1.91
C GLU A 88 5.50 6.68 2.52
N ARG A 89 5.35 6.14 3.72
CA ARG A 89 6.49 5.69 4.50
C ARG A 89 6.97 4.30 4.08
N ILE A 90 6.03 3.44 3.67
CA ILE A 90 6.35 2.05 3.33
C ILE A 90 5.94 1.68 1.91
N VAL A 91 4.72 2.06 1.53
CA VAL A 91 4.10 1.56 0.30
C VAL A 91 4.47 2.39 -0.92
N TYR A 92 4.79 3.66 -0.72
CA TYR A 92 5.04 4.59 -1.83
C TYR A 92 6.13 4.05 -2.78
N PRO A 93 7.30 3.61 -2.26
CA PRO A 93 8.33 3.01 -3.12
C PRO A 93 7.81 1.80 -3.89
N TYR A 94 6.82 1.13 -3.32
CA TYR A 94 6.25 -0.06 -3.93
C TYR A 94 5.27 0.28 -5.04
N GLU A 95 4.68 1.48 -4.99
CA GLU A 95 3.93 1.97 -6.14
C GLU A 95 4.89 2.11 -7.31
N MET A 96 5.97 2.85 -7.07
CA MET A 96 6.98 3.11 -8.08
C MET A 96 7.58 1.80 -8.58
N TYR A 97 7.67 0.82 -7.68
CA TYR A 97 8.18 -0.51 -8.02
C TYR A 97 7.22 -1.25 -8.96
N GLN A 98 6.03 -1.58 -8.46
CA GLN A 98 5.06 -2.36 -9.24
C GLN A 98 4.67 -1.63 -10.52
N SER A 99 4.42 -0.33 -10.40
CA SER A 99 4.11 0.50 -11.55
C SER A 99 5.33 0.59 -12.47
N GLY A 100 6.51 0.71 -11.88
CA GLY A 100 7.74 0.78 -12.66
C GLY A 100 7.94 -0.47 -13.49
N ALA A 101 7.38 -1.57 -13.03
CA ALA A 101 7.40 -2.82 -13.79
C ALA A 101 6.33 -2.79 -14.89
N ASN A 102 5.09 -2.52 -14.51
CA ASN A 102 3.95 -2.60 -15.43
C ASN A 102 3.77 -1.30 -16.23
N LEU A 103 3.51 -0.20 -15.52
CA LEU A 103 3.28 1.10 -16.17
C LEU A 103 3.45 2.22 -15.14
N VAL A 104 4.39 3.12 -15.38
CA VAL A 104 4.72 4.16 -14.40
C VAL A 104 4.54 5.56 -14.99
N CYS A 105 3.33 6.09 -14.84
CA CYS A 105 3.04 7.46 -15.21
C CYS A 105 3.20 8.36 -13.99
N ASN A 106 3.15 7.74 -12.80
CA ASN A 106 3.21 8.47 -11.54
C ASN A 106 4.65 8.84 -11.16
N THR A 107 5.56 8.78 -12.14
CA THR A 107 6.95 9.17 -11.91
C THR A 107 7.02 10.64 -11.50
N ARG A 108 6.18 11.47 -12.11
CA ARG A 108 6.12 12.89 -11.78
C ARG A 108 5.01 13.18 -10.75
N PRO A 109 3.77 12.65 -10.93
CA PRO A 109 2.71 12.74 -9.92
C PRO A 109 3.21 12.48 -8.49
N PHE A 110 4.24 11.65 -8.36
CA PHE A 110 4.93 11.43 -7.09
C PHE A 110 5.39 12.79 -6.52
N ASP A 111 6.30 13.41 -7.25
CA ASP A 111 6.84 14.73 -6.92
C ASP A 111 5.70 15.73 -6.79
N ASN A 112 4.76 15.66 -7.73
CA ASN A 112 3.61 16.54 -7.78
C ASN A 112 2.86 16.54 -6.45
N GLU A 113 2.49 15.35 -5.97
CA GLU A 113 1.74 15.25 -4.72
C GLU A 113 2.58 15.77 -3.56
N GLU A 114 3.87 15.45 -3.57
CA GLU A 114 4.77 15.92 -2.52
C GLU A 114 4.79 17.44 -2.46
N LYS A 115 4.69 18.09 -3.62
CA LYS A 115 4.71 19.55 -3.71
C LYS A 115 3.28 20.12 -3.68
N ASP A 116 2.29 19.21 -3.71
CA ASP A 116 0.87 19.55 -3.88
C ASP A 116 0.61 19.97 -5.33
N LYS A 117 1.29 21.04 -5.73
CA LYS A 117 1.31 21.56 -7.11
C LYS A 117 1.95 22.95 -7.09
N SER A 1 3.08 -10.97 14.31
CA SER A 1 1.72 -10.50 13.98
C SER A 1 1.34 -10.88 12.55
N MET A 2 2.19 -11.68 11.90
CA MET A 2 2.00 -12.04 10.50
C MET A 2 0.88 -13.07 10.33
N ASN A 3 0.37 -13.59 11.44
CA ASN A 3 -0.69 -14.61 11.42
C ASN A 3 -1.85 -14.17 10.53
N GLU A 4 -2.35 -12.96 10.78
CA GLU A 4 -3.48 -12.41 10.03
C GLU A 4 -3.18 -12.37 8.54
N LEU A 5 -1.90 -12.32 8.21
CA LEU A 5 -1.45 -12.28 6.82
C LEU A 5 -1.24 -13.71 6.29
N GLU A 6 -0.74 -14.57 7.18
CA GLU A 6 -0.45 -15.97 6.85
C GLU A 6 -1.72 -16.81 6.88
N ALA A 7 -2.85 -16.14 7.19
CA ALA A 7 -4.17 -16.74 7.03
C ALA A 7 -4.27 -17.47 5.69
N GLN A 8 -3.60 -16.91 4.67
CA GLN A 8 -3.42 -17.59 3.39
C GLN A 8 -1.98 -18.09 3.32
N THR A 9 -1.76 -19.29 2.78
CA THR A 9 -0.47 -19.95 2.95
C THR A 9 0.17 -20.39 1.64
N ARG A 10 1.51 -20.38 1.63
CA ARG A 10 2.35 -20.81 0.51
C ARG A 10 2.20 -19.88 -0.69
N VAL A 11 1.44 -18.81 -0.50
CA VAL A 11 1.42 -17.69 -1.43
C VAL A 11 2.04 -16.48 -0.75
N LYS A 12 1.91 -16.46 0.58
CA LYS A 12 2.38 -15.34 1.39
C LYS A 12 3.86 -15.53 1.76
N LEU A 13 4.33 -16.77 1.68
CA LEU A 13 5.73 -17.09 1.97
C LEU A 13 6.67 -16.41 0.97
N ASN A 14 6.50 -16.73 -0.31
CA ASN A 14 7.32 -16.12 -1.37
C ASN A 14 7.20 -14.60 -1.31
N TYR A 15 5.97 -14.15 -1.06
CA TYR A 15 5.67 -12.75 -0.87
C TYR A 15 6.55 -12.13 0.21
N LEU A 16 6.45 -12.67 1.41
CA LEU A 16 7.17 -12.14 2.58
C LEU A 16 8.65 -12.05 2.27
N ASP A 17 9.20 -13.13 1.73
CA ASP A 17 10.62 -13.20 1.39
C ASP A 17 11.03 -12.04 0.47
N GLN A 18 10.36 -11.94 -0.67
CA GLN A 18 10.68 -10.92 -1.68
C GLN A 18 10.39 -9.50 -1.15
N ILE A 19 9.13 -9.28 -0.76
CA ILE A 19 8.65 -7.97 -0.36
C ILE A 19 9.48 -7.42 0.79
N ALA A 20 9.90 -8.29 1.70
CA ALA A 20 10.73 -7.89 2.82
C ALA A 20 12.14 -7.56 2.35
N LYS A 21 12.75 -8.51 1.64
CA LYS A 21 14.15 -8.37 1.23
C LYS A 21 14.41 -7.07 0.47
N PHE A 22 13.48 -6.68 -0.39
CA PHE A 22 13.63 -5.42 -1.13
C PHE A 22 13.73 -4.24 -0.15
N TRP A 23 12.66 -4.00 0.59
CA TRP A 23 12.52 -2.80 1.39
C TRP A 23 13.31 -2.88 2.70
N GLU A 24 13.63 -4.09 3.14
CA GLU A 24 14.33 -4.28 4.41
C GLU A 24 15.81 -3.93 4.23
N ILE A 25 16.25 -3.95 2.97
CA ILE A 25 17.64 -3.65 2.64
C ILE A 25 17.79 -2.23 2.07
N GLN A 26 16.68 -1.64 1.60
CA GLN A 26 16.70 -0.30 1.01
C GLN A 26 16.82 0.79 2.09
N GLY A 27 17.84 0.67 2.94
CA GLY A 27 18.08 1.65 4.00
C GLY A 27 16.86 1.87 4.87
N SER A 28 16.03 0.83 4.98
CA SER A 28 14.77 0.91 5.71
C SER A 28 14.43 -0.46 6.32
N SER A 29 13.23 -0.57 6.87
CA SER A 29 12.76 -1.82 7.46
C SER A 29 11.28 -2.02 7.18
N LEU A 30 10.92 -3.19 6.66
CA LEU A 30 9.52 -3.46 6.29
C LEU A 30 8.77 -4.15 7.42
N LYS A 31 8.14 -3.34 8.26
CA LYS A 31 7.22 -3.84 9.28
C LYS A 31 5.83 -3.24 9.04
N ILE A 32 5.00 -3.97 8.31
CA ILE A 32 3.65 -3.50 7.97
C ILE A 32 2.72 -3.56 9.18
N PRO A 33 2.17 -2.39 9.59
CA PRO A 33 1.29 -2.30 10.77
C PRO A 33 -0.09 -2.92 10.53
N ASN A 34 -0.94 -2.83 11.55
CA ASN A 34 -2.28 -3.36 11.50
C ASN A 34 -3.27 -2.42 12.15
N VAL A 35 -4.51 -2.51 11.71
CA VAL A 35 -5.60 -1.75 12.28
C VAL A 35 -6.78 -2.70 12.54
N GLU A 36 -7.43 -2.54 13.70
CA GLU A 36 -8.55 -3.40 14.12
C GLU A 36 -8.12 -4.86 14.21
N ARG A 37 -6.81 -5.05 14.35
CA ARG A 37 -6.14 -6.36 14.43
C ARG A 37 -5.94 -6.96 13.03
N ARG A 38 -6.32 -6.23 12.00
CA ARG A 38 -6.13 -6.67 10.62
C ARG A 38 -4.88 -6.01 10.02
N ILE A 39 -4.02 -6.85 9.48
CA ILE A 39 -2.71 -6.41 8.99
C ILE A 39 -2.83 -5.81 7.58
N LEU A 40 -1.97 -4.84 7.28
CA LEU A 40 -1.96 -4.20 5.97
C LEU A 40 -1.39 -5.13 4.89
N ASP A 41 -2.28 -5.84 4.21
CA ASP A 41 -1.89 -6.74 3.12
C ASP A 41 -1.53 -5.94 1.87
N LEU A 42 -0.23 -5.82 1.61
CA LEU A 42 0.26 -5.03 0.48
C LEU A 42 -0.19 -5.66 -0.84
N TYR A 43 -0.42 -6.98 -0.83
CA TYR A 43 -0.96 -7.69 -2.00
C TYR A 43 -2.22 -6.97 -2.52
N SER A 44 -3.27 -7.00 -1.70
CA SER A 44 -4.54 -6.41 -2.07
C SER A 44 -4.38 -4.91 -2.30
N LEU A 45 -3.60 -4.26 -1.45
CA LEU A 45 -3.37 -2.82 -1.55
C LEU A 45 -2.79 -2.46 -2.92
N SER A 46 -1.79 -3.22 -3.35
CA SER A 46 -1.08 -2.91 -4.58
C SER A 46 -1.97 -3.18 -5.78
N LYS A 47 -2.65 -4.33 -5.77
CA LYS A 47 -3.53 -4.68 -6.87
C LYS A 47 -4.64 -3.65 -6.99
N ILE A 48 -5.11 -3.14 -5.84
CA ILE A 48 -6.19 -2.15 -5.82
C ILE A 48 -5.70 -0.82 -6.40
N VAL A 49 -4.50 -0.39 -6.04
CA VAL A 49 -3.94 0.84 -6.58
C VAL A 49 -3.81 0.76 -8.10
N VAL A 50 -3.30 -0.38 -8.58
CA VAL A 50 -3.15 -0.62 -10.03
C VAL A 50 -4.53 -0.79 -10.67
N GLU A 51 -5.47 -1.33 -9.90
CA GLU A 51 -6.84 -1.52 -10.35
C GLU A 51 -7.52 -0.16 -10.51
N GLU A 52 -7.20 0.74 -9.59
CA GLU A 52 -7.72 2.09 -9.58
C GLU A 52 -7.03 2.94 -10.67
N GLY A 53 -5.77 2.60 -10.95
CA GLY A 53 -5.06 3.21 -12.07
C GLY A 53 -3.94 4.15 -11.66
N GLY A 54 -3.83 4.45 -10.37
CA GLY A 54 -2.76 5.34 -9.91
C GLY A 54 -2.92 5.79 -8.47
N TYR A 55 -1.81 5.85 -7.75
CA TYR A 55 -1.79 6.31 -6.36
C TYR A 55 -2.44 7.68 -6.22
N GLU A 56 -1.97 8.65 -7.00
CA GLU A 56 -2.51 10.02 -6.93
C GLU A 56 -4.01 10.05 -7.16
N ALA A 57 -4.49 9.26 -8.11
CA ALA A 57 -5.92 9.25 -8.43
C ALA A 57 -6.75 8.91 -7.20
N ILE A 58 -6.35 7.85 -6.50
CA ILE A 58 -7.05 7.41 -5.30
C ILE A 58 -6.91 8.45 -4.21
N CYS A 59 -5.70 8.99 -4.09
CA CYS A 59 -5.37 9.94 -3.04
C CYS A 59 -6.03 11.29 -3.27
N LYS A 60 -6.24 11.63 -4.55
CA LYS A 60 -6.82 12.91 -4.92
C LYS A 60 -8.33 12.85 -4.73
N ASP A 61 -8.92 11.71 -5.09
CA ASP A 61 -10.36 11.49 -4.96
C ASP A 61 -10.70 10.97 -3.55
N ARG A 62 -9.64 10.62 -2.80
CA ARG A 62 -9.78 10.16 -1.41
C ARG A 62 -10.49 8.81 -1.35
N ARG A 63 -10.27 7.96 -2.36
CA ARG A 63 -10.97 6.68 -2.46
C ARG A 63 -10.48 5.70 -1.39
N TRP A 64 -9.36 6.01 -0.74
CA TRP A 64 -8.81 5.15 0.32
C TRP A 64 -9.90 4.82 1.35
N ALA A 65 -10.77 5.79 1.59
CA ALA A 65 -11.85 5.65 2.57
C ALA A 65 -12.76 4.47 2.20
N ARG A 66 -13.29 4.51 0.97
CA ARG A 66 -14.23 3.47 0.52
C ARG A 66 -13.50 2.14 0.39
N VAL A 67 -12.22 2.19 0.06
CA VAL A 67 -11.39 0.98 -0.01
C VAL A 67 -11.26 0.35 1.38
N ALA A 68 -10.99 1.19 2.37
CA ALA A 68 -10.85 0.75 3.75
C ALA A 68 -12.13 0.05 4.19
N GLN A 69 -13.27 0.68 3.95
CA GLN A 69 -14.56 0.10 4.31
C GLN A 69 -14.81 -1.18 3.51
N ARG A 70 -14.32 -1.20 2.27
CA ARG A 70 -14.43 -2.39 1.41
C ARG A 70 -13.66 -3.56 2.01
N LEU A 71 -12.55 -3.26 2.68
CA LEU A 71 -11.73 -4.27 3.35
C LEU A 71 -12.36 -4.70 4.69
N ASN A 72 -13.61 -4.27 4.92
CA ASN A 72 -14.38 -4.67 6.10
C ASN A 72 -13.84 -4.02 7.38
N TYR A 73 -13.17 -2.88 7.22
CA TYR A 73 -12.72 -2.11 8.38
C TYR A 73 -13.92 -1.39 9.02
N PRO A 74 -13.82 -1.05 10.32
CA PRO A 74 -14.91 -0.40 11.06
C PRO A 74 -15.32 0.93 10.44
N PRO A 75 -16.61 1.32 10.58
CA PRO A 75 -17.12 2.57 10.02
C PRO A 75 -16.37 3.79 10.59
N GLY A 76 -16.38 4.89 9.82
CA GLY A 76 -15.66 6.08 10.22
C GLY A 76 -14.64 6.49 9.19
N LYS A 77 -14.18 5.51 8.39
CA LYS A 77 -13.24 5.76 7.29
C LYS A 77 -11.90 6.32 7.77
N ASN A 78 -11.65 6.20 9.07
CA ASN A 78 -10.43 6.75 9.68
C ASN A 78 -9.19 6.08 9.10
N ILE A 79 -9.33 4.80 8.74
CA ILE A 79 -8.21 4.01 8.23
C ILE A 79 -7.63 4.63 6.94
N GLY A 80 -8.43 5.48 6.29
CA GLY A 80 -7.99 6.12 5.06
C GLY A 80 -6.69 6.91 5.23
N SER A 81 -6.65 7.75 6.26
CA SER A 81 -5.45 8.55 6.56
C SER A 81 -4.30 7.66 6.98
N LEU A 82 -4.62 6.66 7.80
CA LEU A 82 -3.64 5.66 8.25
C LEU A 82 -2.98 5.00 7.04
N LEU A 83 -3.80 4.64 6.07
CA LEU A 83 -3.34 3.95 4.86
C LEU A 83 -2.48 4.87 4.02
N ARG A 84 -2.95 6.09 3.77
CA ARG A 84 -2.21 7.06 2.96
C ARG A 84 -0.80 7.27 3.52
N SER A 85 -0.73 7.57 4.82
CA SER A 85 0.55 7.85 5.47
C SER A 85 1.44 6.60 5.46
N HIS A 86 0.83 5.42 5.64
CA HIS A 86 1.55 4.16 5.55
C HIS A 86 2.09 3.94 4.14
N TYR A 87 1.31 4.37 3.14
CA TYR A 87 1.71 4.23 1.75
C TYR A 87 2.97 5.06 1.50
N GLU A 88 2.92 6.33 1.89
CA GLU A 88 4.04 7.26 1.71
C GLU A 88 5.35 6.70 2.29
N ARG A 89 5.23 5.99 3.41
CA ARG A 89 6.41 5.46 4.10
C ARG A 89 6.86 4.12 3.53
N ILE A 90 5.91 3.28 3.14
CA ILE A 90 6.23 1.90 2.75
C ILE A 90 6.05 1.66 1.25
N VAL A 91 4.86 1.95 0.74
CA VAL A 91 4.48 1.51 -0.61
C VAL A 91 4.81 2.58 -1.66
N TYR A 92 5.14 3.79 -1.22
CA TYR A 92 5.42 4.89 -2.15
C TYR A 92 6.65 4.57 -3.01
N PRO A 93 7.75 4.06 -2.41
CA PRO A 93 8.88 3.53 -3.19
C PRO A 93 8.44 2.39 -4.11
N TYR A 94 7.49 1.60 -3.61
CA TYR A 94 6.96 0.47 -4.38
C TYR A 94 6.14 0.95 -5.57
N GLU A 95 5.57 2.15 -5.47
CA GLU A 95 4.89 2.76 -6.63
C GLU A 95 5.88 2.87 -7.79
N MET A 96 7.07 3.39 -7.49
CA MET A 96 8.12 3.54 -8.50
C MET A 96 8.72 2.19 -8.88
N TYR A 97 8.72 1.26 -7.93
CA TYR A 97 9.19 -0.11 -8.19
C TYR A 97 8.28 -0.79 -9.23
N GLN A 98 6.99 -0.85 -8.90
CA GLN A 98 6.00 -1.50 -9.76
C GLN A 98 5.87 -0.76 -11.09
N SER A 99 5.83 0.57 -11.02
CA SER A 99 5.76 1.39 -12.23
C SER A 99 7.01 1.16 -13.08
N GLY A 100 8.16 1.12 -12.43
CA GLY A 100 9.42 0.90 -13.14
C GLY A 100 9.43 -0.44 -13.85
N ALA A 101 8.84 -1.44 -13.23
CA ALA A 101 8.76 -2.78 -13.80
C ALA A 101 7.74 -2.86 -14.94
N ASN A 102 6.60 -2.19 -14.76
CA ASN A 102 5.49 -2.29 -15.70
C ASN A 102 5.44 -1.09 -16.66
N LEU A 103 5.27 0.10 -16.11
CA LEU A 103 5.16 1.33 -16.89
C LEU A 103 5.22 2.52 -15.94
N VAL A 104 6.09 3.48 -16.22
CA VAL A 104 6.37 4.56 -15.28
C VAL A 104 5.81 5.90 -15.77
N CYS A 105 4.68 6.29 -15.19
CA CYS A 105 4.10 7.60 -15.41
C CYS A 105 3.79 8.25 -14.07
N ASN A 106 3.80 7.44 -13.02
CA ASN A 106 3.34 7.84 -11.69
C ASN A 106 4.41 8.64 -10.95
N THR A 107 5.55 8.86 -11.58
CA THR A 107 6.63 9.66 -11.00
C THR A 107 6.26 11.14 -10.98
N ARG A 108 5.38 11.54 -11.90
CA ARG A 108 4.97 12.94 -12.03
C ARG A 108 3.92 13.32 -10.97
N PRO A 109 2.87 12.48 -10.76
CA PRO A 109 1.91 12.65 -9.66
C PRO A 109 2.53 13.10 -8.33
N PHE A 110 3.77 12.67 -8.08
CA PHE A 110 4.49 13.08 -6.86
C PHE A 110 4.38 14.59 -6.63
N ASP A 111 4.59 15.35 -7.70
CA ASP A 111 4.56 16.80 -7.65
C ASP A 111 3.17 17.31 -7.24
N ASN A 112 2.18 16.99 -8.04
CA ASN A 112 0.82 17.52 -7.86
C ASN A 112 0.22 17.04 -6.53
N GLU A 113 0.34 15.75 -6.27
CA GLU A 113 -0.25 15.13 -5.08
C GLU A 113 0.45 15.61 -3.81
N GLU A 114 1.77 15.39 -3.73
CA GLU A 114 2.50 15.62 -2.50
C GLU A 114 2.80 17.11 -2.29
N LYS A 115 3.18 17.81 -3.35
CA LYS A 115 3.59 19.21 -3.23
C LYS A 115 2.42 20.15 -3.55
N ASP A 116 1.73 19.90 -4.67
CA ASP A 116 0.59 20.72 -5.10
C ASP A 116 1.06 22.13 -5.48
N LYS A 117 2.36 22.24 -5.78
CA LYS A 117 2.98 23.52 -6.14
C LYS A 117 2.96 24.48 -4.95
N SER A 1 -2.97 -10.02 13.30
CA SER A 1 -1.50 -10.00 13.36
C SER A 1 -0.90 -10.35 12.00
N MET A 2 0.40 -10.62 11.95
CA MET A 2 1.07 -10.99 10.70
C MET A 2 0.41 -12.22 10.06
N ASN A 3 -0.34 -12.95 10.90
CA ASN A 3 -1.06 -14.15 10.46
C ASN A 3 -1.89 -13.89 9.21
N GLU A 4 -2.65 -12.78 9.19
CA GLU A 4 -3.52 -12.47 8.05
C GLU A 4 -2.72 -12.41 6.74
N LEU A 5 -1.45 -12.04 6.84
CA LEU A 5 -0.59 -11.96 5.68
C LEU A 5 -0.12 -13.37 5.30
N GLU A 6 0.51 -14.06 6.27
CA GLU A 6 1.15 -15.36 6.01
C GLU A 6 0.15 -16.53 6.08
N ALA A 7 -1.12 -16.23 6.34
CA ALA A 7 -2.15 -17.27 6.48
C ALA A 7 -2.26 -18.15 5.24
N GLN A 8 -2.32 -17.53 4.07
CA GLN A 8 -2.52 -18.26 2.82
C GLN A 8 -1.20 -18.89 2.36
N THR A 9 -1.27 -20.10 1.82
CA THR A 9 -0.08 -20.92 1.62
C THR A 9 0.42 -20.90 0.16
N ARG A 10 1.75 -20.86 0.02
CA ARG A 10 2.45 -20.85 -1.28
C ARG A 10 2.08 -19.66 -2.16
N VAL A 11 1.28 -18.74 -1.65
CA VAL A 11 1.00 -17.50 -2.35
C VAL A 11 1.60 -16.32 -1.60
N LYS A 12 1.31 -16.25 -0.30
CA LYS A 12 1.68 -15.09 0.49
C LYS A 12 3.13 -15.18 0.95
N LEU A 13 3.66 -16.40 1.03
CA LEU A 13 5.05 -16.58 1.45
C LEU A 13 6.01 -16.04 0.41
N ASN A 14 5.66 -16.21 -0.86
CA ASN A 14 6.45 -15.67 -1.97
C ASN A 14 6.49 -14.15 -1.85
N TYR A 15 5.30 -13.57 -1.79
CA TYR A 15 5.16 -12.12 -1.68
C TYR A 15 5.76 -11.62 -0.37
N LEU A 16 5.71 -12.44 0.67
CA LEU A 16 6.31 -12.10 1.96
C LEU A 16 7.82 -11.92 1.78
N ASP A 17 8.43 -12.88 1.10
CA ASP A 17 9.86 -12.84 0.81
C ASP A 17 10.21 -11.55 0.06
N GLN A 18 9.44 -11.27 -0.99
CA GLN A 18 9.63 -10.06 -1.79
C GLN A 18 9.46 -8.80 -0.93
N ILE A 19 8.29 -8.69 -0.29
CA ILE A 19 7.89 -7.47 0.42
C ILE A 19 8.83 -7.18 1.60
N ALA A 20 9.35 -8.24 2.18
CA ALA A 20 10.24 -8.13 3.33
C ALA A 20 11.63 -7.71 2.89
N LYS A 21 12.19 -8.43 1.91
CA LYS A 21 13.57 -8.20 1.52
C LYS A 21 13.73 -6.87 0.82
N PHE A 22 12.97 -6.65 -0.26
CA PHE A 22 13.12 -5.45 -1.08
C PHE A 22 13.12 -4.20 -0.22
N TRP A 23 12.12 -4.10 0.65
CA TRP A 23 11.93 -2.91 1.47
C TRP A 23 13.00 -2.79 2.55
N GLU A 24 13.38 -3.92 3.15
CA GLU A 24 14.36 -3.88 4.23
C GLU A 24 15.75 -3.56 3.68
N ILE A 25 16.02 -4.04 2.48
CA ILE A 25 17.30 -3.79 1.81
C ILE A 25 17.31 -2.38 1.20
N GLN A 26 16.12 -1.79 1.08
CA GLN A 26 15.97 -0.44 0.54
C GLN A 26 16.39 0.62 1.57
N GLY A 27 17.11 0.19 2.60
CA GLY A 27 17.60 1.10 3.62
C GLY A 27 16.53 1.42 4.64
N SER A 28 15.67 0.46 4.90
CA SER A 28 14.57 0.63 5.85
C SER A 28 14.25 -0.70 6.52
N SER A 29 13.14 -0.73 7.26
CA SER A 29 12.66 -1.96 7.88
C SER A 29 11.17 -2.11 7.62
N LEU A 30 10.74 -3.33 7.29
CA LEU A 30 9.34 -3.59 6.99
C LEU A 30 8.47 -3.36 8.21
N LYS A 31 7.94 -2.15 8.33
CA LYS A 31 7.06 -1.78 9.43
C LYS A 31 5.63 -1.68 8.93
N ILE A 32 4.93 -2.82 8.93
CA ILE A 32 3.53 -2.86 8.54
C ILE A 32 2.66 -3.11 9.78
N PRO A 33 2.07 -2.04 10.34
CA PRO A 33 1.25 -2.13 11.56
C PRO A 33 -0.10 -2.79 11.32
N ASN A 34 -0.95 -2.75 12.34
CA ASN A 34 -2.27 -3.35 12.27
C ASN A 34 -3.30 -2.43 12.90
N VAL A 35 -4.55 -2.64 12.50
CA VAL A 35 -5.67 -1.91 13.04
C VAL A 35 -6.85 -2.87 13.16
N GLU A 36 -7.64 -2.75 14.23
CA GLU A 36 -8.76 -3.67 14.48
C GLU A 36 -8.22 -5.09 14.66
N ARG A 37 -6.95 -5.17 15.05
CA ARG A 37 -6.20 -6.40 15.29
C ARG A 37 -5.97 -7.18 13.99
N ARG A 38 -6.20 -6.51 12.86
CA ARG A 38 -5.88 -7.07 11.56
C ARG A 38 -4.74 -6.29 10.93
N ILE A 39 -3.77 -7.02 10.40
CA ILE A 39 -2.57 -6.40 9.84
C ILE A 39 -2.88 -5.71 8.51
N LEU A 40 -2.14 -4.65 8.23
CA LEU A 40 -2.26 -3.96 6.96
C LEU A 40 -1.73 -4.86 5.84
N ASP A 41 -2.63 -5.55 5.16
CA ASP A 41 -2.25 -6.52 4.13
C ASP A 41 -1.72 -5.79 2.90
N LEU A 42 -0.40 -5.61 2.88
CA LEU A 42 0.30 -4.87 1.82
C LEU A 42 -0.06 -5.41 0.44
N TYR A 43 -0.34 -6.71 0.37
CA TYR A 43 -0.64 -7.38 -0.89
C TYR A 43 -1.89 -6.77 -1.51
N SER A 44 -2.98 -6.80 -0.75
CA SER A 44 -4.27 -6.27 -1.21
C SER A 44 -4.14 -4.78 -1.54
N LEU A 45 -3.39 -4.06 -0.71
CA LEU A 45 -3.16 -2.64 -0.93
C LEU A 45 -2.52 -2.42 -2.29
N SER A 46 -1.44 -3.16 -2.56
CA SER A 46 -0.71 -3.03 -3.81
C SER A 46 -1.61 -3.29 -5.01
N LYS A 47 -2.29 -4.44 -5.01
CA LYS A 47 -3.12 -4.83 -6.14
C LYS A 47 -4.29 -3.88 -6.32
N ILE A 48 -4.81 -3.33 -5.22
CA ILE A 48 -5.91 -2.38 -5.28
C ILE A 48 -5.44 -1.05 -5.88
N VAL A 49 -4.27 -0.58 -5.46
CA VAL A 49 -3.69 0.65 -6.02
C VAL A 49 -3.52 0.49 -7.53
N VAL A 50 -3.05 -0.68 -7.95
CA VAL A 50 -2.93 -1.01 -9.37
C VAL A 50 -4.31 -1.06 -10.03
N GLU A 51 -5.29 -1.60 -9.29
CA GLU A 51 -6.67 -1.70 -9.77
C GLU A 51 -7.28 -0.30 -9.92
N GLU A 52 -6.83 0.63 -9.07
CA GLU A 52 -7.28 2.01 -9.10
C GLU A 52 -6.54 2.79 -10.18
N GLY A 53 -5.29 2.40 -10.44
CA GLY A 53 -4.54 2.94 -11.57
C GLY A 53 -3.40 3.86 -11.16
N GLY A 54 -3.36 4.27 -9.89
CA GLY A 54 -2.27 5.13 -9.44
C GLY A 54 -2.51 5.70 -8.06
N TYR A 55 -1.46 5.74 -7.24
CA TYR A 55 -1.52 6.28 -5.89
C TYR A 55 -2.10 7.69 -5.86
N GLU A 56 -1.55 8.57 -6.70
CA GLU A 56 -1.97 9.98 -6.74
C GLU A 56 -3.48 10.10 -6.88
N ALA A 57 -4.04 9.37 -7.84
CA ALA A 57 -5.48 9.46 -8.11
C ALA A 57 -6.28 9.07 -6.89
N ILE A 58 -5.90 7.95 -6.26
CA ILE A 58 -6.60 7.46 -5.08
C ILE A 58 -6.52 8.47 -3.95
N CYS A 59 -5.37 9.13 -3.86
CA CYS A 59 -5.11 10.07 -2.77
C CYS A 59 -5.88 11.36 -2.98
N LYS A 60 -5.80 11.90 -4.19
CA LYS A 60 -6.38 13.21 -4.49
C LYS A 60 -7.87 13.09 -4.74
N ASP A 61 -8.36 11.88 -5.00
CA ASP A 61 -9.78 11.64 -5.19
C ASP A 61 -10.37 10.93 -3.97
N ARG A 62 -9.50 10.63 -2.99
CA ARG A 62 -9.92 10.07 -1.70
C ARG A 62 -10.61 8.70 -1.86
N ARG A 63 -10.08 7.88 -2.75
CA ARG A 63 -10.64 6.54 -2.98
C ARG A 63 -10.17 5.55 -1.91
N TRP A 64 -9.28 6.02 -1.03
CA TRP A 64 -8.77 5.17 0.07
C TRP A 64 -9.91 4.65 0.93
N ALA A 65 -10.98 5.43 1.03
CA ALA A 65 -12.14 5.04 1.81
C ALA A 65 -12.72 3.73 1.29
N ARG A 66 -12.94 3.66 -0.03
CA ARG A 66 -13.50 2.46 -0.64
C ARG A 66 -12.52 1.29 -0.49
N VAL A 67 -11.23 1.60 -0.51
CA VAL A 67 -10.19 0.60 -0.31
C VAL A 67 -10.30 0.00 1.10
N ALA A 68 -10.40 0.89 2.08
CA ALA A 68 -10.54 0.47 3.48
C ALA A 68 -11.77 -0.40 3.66
N GLN A 69 -12.87 0.01 3.03
CA GLN A 69 -14.12 -0.74 3.08
C GLN A 69 -13.95 -2.10 2.43
N ARG A 70 -13.16 -2.15 1.36
CA ARG A 70 -12.88 -3.41 0.67
C ARG A 70 -12.07 -4.33 1.56
N LEU A 71 -11.18 -3.74 2.38
CA LEU A 71 -10.41 -4.51 3.37
C LEU A 71 -11.23 -4.76 4.64
N ASN A 72 -12.52 -4.40 4.57
CA ASN A 72 -13.49 -4.73 5.62
C ASN A 72 -13.22 -3.94 6.89
N TYR A 73 -12.60 -2.78 6.76
CA TYR A 73 -12.38 -1.90 7.91
C TYR A 73 -13.69 -1.21 8.28
N PRO A 74 -13.90 -0.89 9.58
CA PRO A 74 -15.15 -0.29 10.07
C PRO A 74 -15.41 1.09 9.45
N PRO A 75 -16.70 1.48 9.34
CA PRO A 75 -17.08 2.79 8.79
C PRO A 75 -16.42 3.95 9.51
N GLY A 76 -16.37 5.11 8.85
CA GLY A 76 -15.73 6.29 9.40
C GLY A 76 -14.60 6.77 8.52
N LYS A 77 -14.05 5.86 7.72
CA LYS A 77 -13.02 6.18 6.72
C LYS A 77 -11.71 6.64 7.39
N ASN A 78 -11.68 6.63 8.71
CA ASN A 78 -10.52 7.09 9.48
C ASN A 78 -9.29 6.25 9.13
N ILE A 79 -9.49 4.94 8.99
CA ILE A 79 -8.41 4.01 8.68
C ILE A 79 -7.81 4.35 7.31
N GLY A 80 -8.61 4.99 6.46
CA GLY A 80 -8.14 5.39 5.14
C GLY A 80 -6.99 6.39 5.23
N SER A 81 -7.09 7.30 6.21
CA SER A 81 -6.02 8.26 6.45
C SER A 81 -4.76 7.54 6.91
N LEU A 82 -4.95 6.58 7.81
CA LEU A 82 -3.86 5.73 8.29
C LEU A 82 -3.18 5.06 7.10
N LEU A 83 -3.99 4.49 6.23
CA LEU A 83 -3.51 3.80 5.04
C LEU A 83 -2.62 4.70 4.19
N ARG A 84 -3.15 5.86 3.82
CA ARG A 84 -2.43 6.81 2.97
C ARG A 84 -1.14 7.26 3.66
N SER A 85 -1.23 7.56 4.96
CA SER A 85 -0.09 8.05 5.73
C SER A 85 1.06 7.04 5.72
N HIS A 86 0.74 5.76 5.95
CA HIS A 86 1.75 4.71 5.95
C HIS A 86 2.24 4.43 4.54
N TYR A 87 1.37 4.68 3.55
CA TYR A 87 1.73 4.51 2.15
C TYR A 87 2.93 5.41 1.82
N GLU A 88 2.80 6.69 2.16
CA GLU A 88 3.83 7.69 1.87
C GLU A 88 5.21 7.23 2.33
N ARG A 89 5.25 6.57 3.48
CA ARG A 89 6.51 6.17 4.10
C ARG A 89 7.02 4.85 3.55
N ILE A 90 6.13 3.85 3.52
CA ILE A 90 6.52 2.48 3.20
C ILE A 90 6.27 2.14 1.73
N VAL A 91 5.07 2.43 1.25
CA VAL A 91 4.62 1.91 -0.04
C VAL A 91 4.86 2.89 -1.19
N TYR A 92 5.17 4.15 -0.87
CA TYR A 92 5.39 5.15 -1.91
C TYR A 92 6.61 4.77 -2.77
N PRO A 93 7.73 4.30 -2.15
CA PRO A 93 8.84 3.71 -2.91
C PRO A 93 8.38 2.52 -3.75
N TYR A 94 7.36 1.80 -3.26
CA TYR A 94 6.80 0.66 -3.96
C TYR A 94 5.98 1.10 -5.18
N GLU A 95 5.44 2.32 -5.13
CA GLU A 95 4.79 2.91 -6.30
C GLU A 95 5.81 2.98 -7.44
N MET A 96 6.93 3.65 -7.16
CA MET A 96 8.02 3.78 -8.14
C MET A 96 8.54 2.40 -8.56
N TYR A 97 8.63 1.49 -7.60
CA TYR A 97 9.12 0.14 -7.85
C TYR A 97 8.19 -0.62 -8.80
N GLN A 98 6.95 -0.79 -8.38
CA GLN A 98 5.98 -1.60 -9.11
C GLN A 98 5.63 -0.94 -10.44
N SER A 99 5.35 0.35 -10.42
CA SER A 99 5.05 1.10 -11.64
C SER A 99 6.27 1.07 -12.55
N GLY A 100 7.46 1.24 -11.97
CA GLY A 100 8.69 1.19 -12.74
C GLY A 100 8.96 -0.19 -13.31
N ALA A 101 8.43 -1.22 -12.64
CA ALA A 101 8.60 -2.60 -13.08
C ALA A 101 7.60 -2.97 -14.17
N ASN A 102 6.41 -2.40 -14.11
CA ASN A 102 5.34 -2.72 -15.07
C ASN A 102 5.25 -1.65 -16.16
N LEU A 103 4.95 -0.43 -15.75
CA LEU A 103 4.81 0.71 -16.66
C LEU A 103 4.54 1.95 -15.81
N VAL A 104 5.25 3.06 -16.10
CA VAL A 104 5.20 4.22 -15.22
C VAL A 104 4.70 5.47 -15.95
N CYS A 105 3.57 5.98 -15.47
CA CYS A 105 3.05 7.28 -15.86
C CYS A 105 2.88 8.14 -14.61
N ASN A 106 3.00 7.47 -13.46
CA ASN A 106 2.72 8.06 -12.15
C ASN A 106 3.86 8.99 -11.71
N THR A 107 4.97 8.95 -12.44
CA THR A 107 6.16 9.71 -12.08
C THR A 107 5.94 11.22 -12.13
N ARG A 108 5.03 11.69 -13.00
CA ARG A 108 4.74 13.13 -13.07
C ARG A 108 3.78 13.56 -11.94
N PRO A 109 2.57 12.93 -11.83
CA PRO A 109 1.61 13.29 -10.78
C PRO A 109 2.16 13.01 -9.38
N PHE A 110 3.30 12.32 -9.34
CA PHE A 110 4.00 12.06 -8.08
C PHE A 110 4.10 13.35 -7.26
N ASP A 111 4.73 14.36 -7.86
CA ASP A 111 4.95 15.64 -7.19
C ASP A 111 3.65 16.40 -6.99
N ASN A 112 2.66 16.13 -7.84
CA ASN A 112 1.35 16.77 -7.72
C ASN A 112 0.70 16.37 -6.40
N GLU A 113 0.87 15.11 -6.02
CA GLU A 113 0.36 14.61 -4.74
C GLU A 113 1.34 14.99 -3.63
N GLU A 114 2.61 14.67 -3.88
CA GLU A 114 3.69 14.82 -2.90
C GLU A 114 3.80 16.28 -2.42
N LYS A 115 3.56 17.22 -3.32
CA LYS A 115 3.61 18.65 -2.98
C LYS A 115 2.19 19.23 -2.82
N ASP A 116 1.19 18.43 -3.20
CA ASP A 116 -0.21 18.87 -3.18
C ASP A 116 -0.39 20.16 -4.00
N LYS A 117 0.01 20.09 -5.26
CA LYS A 117 -0.04 21.25 -6.15
C LYS A 117 -0.75 20.88 -7.45
N SER A 1 0.95 -8.95 15.02
CA SER A 1 0.64 -10.34 14.62
C SER A 1 0.73 -10.50 13.11
N MET A 2 1.78 -11.17 12.64
CA MET A 2 2.00 -11.37 11.21
C MET A 2 1.15 -12.56 10.72
N ASN A 3 0.55 -13.25 11.68
CA ASN A 3 -0.24 -14.47 11.44
C ASN A 3 -1.13 -14.33 10.20
N GLU A 4 -1.87 -13.24 10.12
CA GLU A 4 -2.84 -13.04 9.04
C GLU A 4 -2.15 -13.09 7.67
N LEU A 5 -1.03 -12.40 7.54
CA LEU A 5 -0.32 -12.34 6.26
C LEU A 5 0.63 -13.53 6.11
N GLU A 6 0.78 -14.30 7.17
CA GLU A 6 1.58 -15.53 7.12
C GLU A 6 0.67 -16.76 7.08
N ALA A 7 -0.64 -16.52 7.22
CA ALA A 7 -1.64 -17.59 7.27
C ALA A 7 -1.71 -18.39 5.96
N GLN A 8 -2.25 -17.78 4.92
CA GLN A 8 -2.48 -18.49 3.65
C GLN A 8 -1.14 -18.86 3.00
N THR A 9 -1.09 -20.05 2.40
CA THR A 9 0.17 -20.62 1.92
C THR A 9 0.36 -20.41 0.42
N ARG A 10 1.63 -20.21 0.03
CA ARG A 10 2.05 -20.06 -1.36
C ARG A 10 1.38 -18.86 -2.07
N VAL A 11 0.59 -18.11 -1.33
CA VAL A 11 0.07 -16.83 -1.81
C VAL A 11 0.66 -15.69 -1.00
N LYS A 12 0.51 -15.77 0.31
CA LYS A 12 0.97 -14.71 1.20
C LYS A 12 2.43 -14.92 1.57
N LEU A 13 2.89 -16.17 1.55
CA LEU A 13 4.28 -16.48 1.89
C LEU A 13 5.24 -15.99 0.80
N ASN A 14 4.84 -16.18 -0.46
CA ASN A 14 5.65 -15.73 -1.58
C ASN A 14 5.74 -14.20 -1.58
N TYR A 15 4.58 -13.58 -1.40
CA TYR A 15 4.46 -12.13 -1.34
C TYR A 15 5.27 -11.60 -0.15
N LEU A 16 5.16 -12.29 0.98
CA LEU A 16 5.89 -11.94 2.20
C LEU A 16 7.39 -11.90 1.92
N ASP A 17 7.89 -12.97 1.32
CA ASP A 17 9.32 -13.10 1.03
C ASP A 17 9.80 -11.97 0.11
N GLN A 18 9.06 -11.71 -0.95
CA GLN A 18 9.45 -10.67 -1.92
C GLN A 18 9.38 -9.29 -1.26
N ILE A 19 8.21 -9.01 -0.65
CA ILE A 19 7.95 -7.71 -0.03
C ILE A 19 8.97 -7.44 1.09
N ALA A 20 9.46 -8.53 1.68
CA ALA A 20 10.47 -8.44 2.72
C ALA A 20 11.81 -8.10 2.11
N LYS A 21 12.31 -8.97 1.23
CA LYS A 21 13.66 -8.82 0.66
C LYS A 21 13.86 -7.45 0.02
N PHE A 22 12.98 -7.08 -0.91
CA PHE A 22 13.16 -5.84 -1.68
C PHE A 22 13.30 -4.63 -0.76
N TRP A 23 12.51 -4.60 0.30
CA TRP A 23 12.44 -3.44 1.18
C TRP A 23 13.41 -3.56 2.36
N GLU A 24 13.68 -4.79 2.78
CA GLU A 24 14.51 -5.03 3.95
C GLU A 24 15.98 -4.75 3.61
N ILE A 25 16.33 -5.00 2.35
CA ILE A 25 17.68 -4.75 1.86
C ILE A 25 17.79 -3.34 1.28
N GLN A 26 16.66 -2.63 1.25
CA GLN A 26 16.61 -1.27 0.72
C GLN A 26 17.06 -0.26 1.80
N GLY A 27 17.99 -0.69 2.64
CA GLY A 27 18.50 0.16 3.72
C GLY A 27 17.42 0.52 4.72
N SER A 28 16.38 -0.30 4.77
CA SER A 28 15.25 -0.06 5.66
C SER A 28 14.67 -1.39 6.14
N SER A 29 13.80 -1.33 7.14
CA SER A 29 13.14 -2.53 7.65
C SER A 29 11.68 -2.56 7.20
N LEU A 30 11.14 -3.75 7.00
CA LEU A 30 9.76 -3.91 6.58
C LEU A 30 8.82 -3.48 7.71
N LYS A 31 8.36 -2.23 7.63
CA LYS A 31 7.49 -1.66 8.65
C LYS A 31 6.03 -1.67 8.17
N ILE A 32 5.31 -2.75 8.53
CA ILE A 32 3.90 -2.86 8.22
C ILE A 32 3.09 -2.99 9.51
N PRO A 33 2.54 -1.85 10.01
CA PRO A 33 1.82 -1.78 11.29
C PRO A 33 0.45 -2.45 11.23
N ASN A 34 -0.28 -2.37 12.34
CA ASN A 34 -1.62 -2.91 12.44
C ASN A 34 -2.59 -1.82 12.85
N VAL A 35 -3.84 -2.06 12.55
CA VAL A 35 -4.90 -1.16 12.92
C VAL A 35 -6.22 -1.93 13.02
N GLU A 36 -7.00 -1.66 14.06
CA GLU A 36 -8.30 -2.30 14.28
C GLU A 36 -8.15 -3.81 14.46
N ARG A 37 -6.96 -4.22 14.87
CA ARG A 37 -6.61 -5.62 15.15
C ARG A 37 -6.31 -6.40 13.87
N ARG A 38 -6.17 -5.69 12.76
CA ARG A 38 -5.75 -6.31 11.51
C ARG A 38 -4.45 -5.70 11.02
N ILE A 39 -3.63 -6.52 10.39
CA ILE A 39 -2.37 -6.06 9.82
C ILE A 39 -2.68 -5.22 8.57
N LEU A 40 -1.82 -4.24 8.30
CA LEU A 40 -1.99 -3.38 7.12
C LEU A 40 -1.74 -4.21 5.86
N ASP A 41 -2.82 -4.70 5.26
CA ASP A 41 -2.72 -5.62 4.13
C ASP A 41 -2.26 -4.88 2.86
N LEU A 42 -0.98 -5.06 2.55
CA LEU A 42 -0.37 -4.42 1.39
C LEU A 42 -0.87 -5.09 0.09
N TYR A 43 -1.32 -6.33 0.22
CA TYR A 43 -1.79 -7.12 -0.92
C TYR A 43 -2.91 -6.39 -1.68
N SER A 44 -4.09 -6.33 -1.06
CA SER A 44 -5.24 -5.69 -1.66
C SER A 44 -4.92 -4.24 -1.98
N LEU A 45 -4.21 -3.58 -1.09
CA LEU A 45 -3.79 -2.20 -1.28
C LEU A 45 -3.11 -2.04 -2.63
N SER A 46 -2.03 -2.79 -2.84
CA SER A 46 -1.21 -2.65 -4.03
C SER A 46 -2.01 -2.97 -5.29
N LYS A 47 -2.78 -4.05 -5.25
CA LYS A 47 -3.51 -4.48 -6.44
C LYS A 47 -4.67 -3.53 -6.75
N ILE A 48 -5.23 -2.87 -5.72
CA ILE A 48 -6.26 -1.87 -5.92
C ILE A 48 -5.67 -0.59 -6.47
N VAL A 49 -4.47 -0.24 -5.99
CA VAL A 49 -3.73 0.89 -6.54
C VAL A 49 -3.46 0.66 -8.03
N VAL A 50 -3.21 -0.60 -8.38
CA VAL A 50 -3.05 -1.00 -9.78
C VAL A 50 -4.40 -0.93 -10.53
N GLU A 51 -5.48 -1.27 -9.82
CA GLU A 51 -6.83 -1.18 -10.40
C GLU A 51 -7.08 0.24 -10.90
N GLU A 52 -6.79 1.21 -10.04
CA GLU A 52 -6.93 2.62 -10.38
C GLU A 52 -5.77 3.09 -11.24
N GLY A 53 -4.60 2.50 -11.02
CA GLY A 53 -3.41 2.87 -11.76
C GLY A 53 -2.89 4.24 -11.39
N GLY A 54 -2.84 4.52 -10.08
CA GLY A 54 -2.31 5.79 -9.62
C GLY A 54 -2.54 6.01 -8.13
N TYR A 55 -1.47 5.99 -7.36
CA TYR A 55 -1.52 6.28 -5.92
C TYR A 55 -2.24 7.61 -5.66
N GLU A 56 -1.65 8.70 -6.14
CA GLU A 56 -2.24 10.03 -6.01
C GLU A 56 -3.61 10.13 -6.69
N ALA A 57 -3.88 9.22 -7.63
CA ALA A 57 -5.19 9.22 -8.30
C ALA A 57 -6.26 8.81 -7.30
N ILE A 58 -5.95 7.78 -6.52
CA ILE A 58 -6.86 7.31 -5.47
C ILE A 58 -6.92 8.34 -4.34
N CYS A 59 -5.78 8.95 -4.03
CA CYS A 59 -5.72 10.00 -3.03
C CYS A 59 -6.59 11.18 -3.44
N LYS A 60 -6.56 11.52 -4.72
CA LYS A 60 -7.31 12.65 -5.25
C LYS A 60 -8.80 12.36 -5.22
N ASP A 61 -9.16 11.11 -5.55
CA ASP A 61 -10.55 10.67 -5.54
C ASP A 61 -11.00 10.25 -4.14
N ARG A 62 -10.02 10.09 -3.25
CA ARG A 62 -10.28 9.65 -1.87
C ARG A 62 -10.90 8.24 -1.86
N ARG A 63 -10.49 7.43 -2.83
CA ARG A 63 -11.04 6.08 -2.97
C ARG A 63 -10.48 5.12 -1.92
N TRP A 64 -9.61 5.65 -1.04
CA TRP A 64 -9.08 4.84 0.06
C TRP A 64 -10.20 4.37 0.98
N ALA A 65 -11.35 5.03 0.89
CA ALA A 65 -12.55 4.57 1.60
C ALA A 65 -12.95 3.20 1.08
N ARG A 66 -13.07 3.10 -0.24
CA ARG A 66 -13.35 1.84 -0.94
C ARG A 66 -12.35 0.76 -0.52
N VAL A 67 -11.07 1.09 -0.52
CA VAL A 67 -10.03 0.11 -0.23
C VAL A 67 -10.12 -0.35 1.23
N ALA A 68 -10.42 0.60 2.13
CA ALA A 68 -10.57 0.29 3.54
C ALA A 68 -11.78 -0.62 3.76
N GLN A 69 -12.83 -0.39 2.96
CA GLN A 69 -14.04 -1.21 3.03
C GLN A 69 -13.71 -2.64 2.59
N ARG A 70 -12.87 -2.76 1.56
CA ARG A 70 -12.43 -4.07 1.07
C ARG A 70 -11.66 -4.79 2.19
N LEU A 71 -10.71 -4.08 2.81
CA LEU A 71 -9.90 -4.65 3.89
C LEU A 71 -10.72 -4.84 5.17
N ASN A 72 -12.02 -4.50 5.09
CA ASN A 72 -12.99 -4.80 6.15
C ASN A 72 -12.74 -3.96 7.40
N TYR A 73 -12.23 -2.75 7.21
CA TYR A 73 -12.02 -1.83 8.34
C TYR A 73 -13.36 -1.25 8.78
N PRO A 74 -13.56 -1.10 10.13
CA PRO A 74 -14.84 -0.66 10.72
C PRO A 74 -15.42 0.61 10.08
N PRO A 75 -16.77 0.77 10.15
CA PRO A 75 -17.50 1.91 9.58
C PRO A 75 -16.82 3.25 9.87
N GLY A 76 -16.95 4.18 8.95
CA GLY A 76 -16.26 5.45 9.02
C GLY A 76 -15.06 5.46 8.09
N LYS A 77 -14.42 4.28 7.99
CA LYS A 77 -13.30 4.07 7.05
C LYS A 77 -12.15 5.03 7.35
N ASN A 78 -12.04 5.43 8.63
CA ASN A 78 -11.02 6.38 9.07
C ASN A 78 -9.61 5.88 8.75
N ILE A 79 -9.48 4.56 8.69
CA ILE A 79 -8.19 3.91 8.45
C ILE A 79 -7.62 4.30 7.07
N GLY A 80 -8.48 4.84 6.21
CA GLY A 80 -8.04 5.29 4.90
C GLY A 80 -6.87 6.26 4.96
N SER A 81 -6.95 7.22 5.88
CA SER A 81 -5.87 8.19 6.07
C SER A 81 -4.62 7.52 6.63
N LEU A 82 -4.84 6.61 7.58
CA LEU A 82 -3.77 5.80 8.17
C LEU A 82 -2.99 5.10 7.06
N LEU A 83 -3.73 4.39 6.22
CA LEU A 83 -3.17 3.65 5.10
C LEU A 83 -2.37 4.56 4.17
N ARG A 84 -3.00 5.67 3.78
CA ARG A 84 -2.37 6.64 2.88
C ARG A 84 -1.04 7.11 3.44
N SER A 85 -1.06 7.62 4.67
CA SER A 85 0.12 8.21 5.29
C SER A 85 1.24 7.18 5.46
N HIS A 86 0.89 5.92 5.71
CA HIS A 86 1.90 4.86 5.82
C HIS A 86 2.42 4.47 4.43
N TYR A 87 1.54 4.48 3.44
CA TYR A 87 1.96 4.20 2.06
C TYR A 87 3.07 5.16 1.67
N GLU A 88 2.82 6.45 1.91
CA GLU A 88 3.70 7.54 1.53
C GLU A 88 5.13 7.33 2.04
N ARG A 89 5.29 6.66 3.18
CA ARG A 89 6.62 6.49 3.78
C ARG A 89 7.10 5.03 3.78
N ILE A 90 6.23 4.09 3.41
CA ILE A 90 6.59 2.66 3.43
C ILE A 90 6.43 2.04 2.04
N VAL A 91 5.27 2.22 1.44
CA VAL A 91 4.93 1.52 0.20
C VAL A 91 5.23 2.39 -1.03
N TYR A 92 5.54 3.67 -0.80
CA TYR A 92 5.79 4.61 -1.91
C TYR A 92 6.92 4.10 -2.84
N PRO A 93 8.03 3.54 -2.30
CA PRO A 93 9.07 2.92 -3.13
C PRO A 93 8.49 1.80 -4.01
N TYR A 94 7.45 1.14 -3.52
CA TYR A 94 6.80 0.07 -4.27
C TYR A 94 5.90 0.62 -5.37
N GLU A 95 5.40 1.84 -5.17
CA GLU A 95 4.69 2.56 -6.24
C GLU A 95 5.63 2.69 -7.44
N MET A 96 6.83 3.20 -7.17
CA MET A 96 7.88 3.32 -8.19
C MET A 96 8.30 1.95 -8.71
N TYR A 97 8.33 0.97 -7.81
CA TYR A 97 8.70 -0.40 -8.16
C TYR A 97 7.73 -0.97 -9.20
N GLN A 98 6.48 -1.17 -8.80
CA GLN A 98 5.48 -1.78 -9.66
C GLN A 98 5.20 -0.90 -10.88
N SER A 99 4.82 0.35 -10.64
CA SER A 99 4.46 1.25 -11.73
C SER A 99 5.68 1.58 -12.59
N GLY A 100 6.82 1.83 -11.94
CA GLY A 100 8.02 2.16 -12.68
C GLY A 100 8.45 1.04 -13.61
N ALA A 101 8.23 -0.20 -13.17
CA ALA A 101 8.56 -1.37 -13.98
C ALA A 101 7.46 -1.65 -15.01
N ASN A 102 6.20 -1.40 -14.64
CA ASN A 102 5.06 -1.80 -15.47
C ASN A 102 4.50 -0.62 -16.27
N LEU A 103 4.03 0.42 -15.59
CA LEU A 103 3.41 1.57 -16.26
C LEU A 103 3.68 2.85 -15.46
N VAL A 104 4.37 3.81 -16.08
CA VAL A 104 4.79 5.01 -15.38
C VAL A 104 3.78 6.14 -15.52
N CYS A 105 3.00 6.35 -14.45
CA CYS A 105 2.07 7.48 -14.36
C CYS A 105 2.26 8.20 -13.04
N ASN A 106 3.18 7.70 -12.22
CA ASN A 106 3.37 8.15 -10.84
C ASN A 106 4.41 9.27 -10.73
N THR A 107 5.41 9.25 -11.62
CA THR A 107 6.61 10.09 -11.47
C THR A 107 6.30 11.57 -11.24
N ARG A 108 5.32 12.11 -11.95
CA ARG A 108 4.99 13.53 -11.85
C ARG A 108 3.92 13.82 -10.79
N PRO A 109 2.76 13.11 -10.80
CA PRO A 109 1.72 13.29 -9.77
C PRO A 109 2.30 13.25 -8.35
N PHE A 110 3.36 12.48 -8.17
CA PHE A 110 4.11 12.43 -6.92
C PHE A 110 4.42 13.85 -6.44
N ASP A 111 5.29 14.52 -7.18
CA ASP A 111 5.77 15.85 -6.81
C ASP A 111 4.68 16.91 -7.02
N ASN A 112 3.84 16.70 -8.03
CA ASN A 112 2.79 17.65 -8.39
C ASN A 112 1.73 17.74 -7.29
N GLU A 113 1.44 16.61 -6.65
CA GLU A 113 0.45 16.58 -5.58
C GLU A 113 1.09 16.84 -4.22
N GLU A 114 2.36 16.45 -4.08
CA GLU A 114 3.10 16.75 -2.86
C GLU A 114 3.23 18.27 -2.71
N LYS A 115 3.38 18.94 -3.84
CA LYS A 115 3.43 20.40 -3.88
C LYS A 115 2.12 20.97 -4.42
N ASP A 116 1.03 20.68 -3.71
CA ASP A 116 -0.30 21.18 -4.08
C ASP A 116 -0.36 22.70 -3.96
N LYS A 117 0.57 23.26 -3.19
CA LYS A 117 0.73 24.71 -3.05
C LYS A 117 2.13 25.04 -2.51
N SER A 1 1.39 -10.78 14.42
CA SER A 1 2.22 -11.75 13.67
C SER A 1 2.15 -11.46 12.17
N MET A 2 3.03 -12.11 11.41
CA MET A 2 3.04 -11.98 9.95
C MET A 2 2.26 -13.13 9.33
N ASN A 3 1.94 -14.13 10.15
CA ASN A 3 1.10 -15.26 9.73
C ASN A 3 -0.19 -14.76 9.09
N GLU A 4 -0.67 -13.64 9.60
CA GLU A 4 -1.90 -13.01 9.12
C GLU A 4 -1.82 -12.80 7.60
N LEU A 5 -0.62 -12.44 7.13
CA LEU A 5 -0.36 -12.33 5.71
C LEU A 5 -0.15 -13.72 5.12
N GLU A 6 0.68 -14.51 5.80
CA GLU A 6 1.09 -15.84 5.33
C GLU A 6 -0.08 -16.84 5.31
N ALA A 7 -1.24 -16.41 5.78
CA ALA A 7 -2.45 -17.25 5.80
C ALA A 7 -2.58 -18.11 4.53
N GLN A 8 -2.32 -17.52 3.38
CA GLN A 8 -2.34 -18.27 2.12
C GLN A 8 -0.91 -18.69 1.75
N THR A 9 -0.75 -19.90 1.22
CA THR A 9 0.56 -20.51 1.07
C THR A 9 1.14 -20.31 -0.34
N ARG A 10 2.47 -20.17 -0.40
CA ARG A 10 3.25 -20.05 -1.64
C ARG A 10 2.84 -18.82 -2.47
N VAL A 11 1.94 -18.01 -1.95
CA VAL A 11 1.57 -16.75 -2.58
C VAL A 11 2.03 -15.58 -1.71
N LYS A 12 1.60 -15.61 -0.45
CA LYS A 12 1.86 -14.50 0.46
C LYS A 12 3.29 -14.57 0.99
N LEU A 13 3.86 -15.77 0.98
CA LEU A 13 5.21 -15.99 1.48
C LEU A 13 6.25 -15.41 0.51
N ASN A 14 6.09 -15.71 -0.77
CA ASN A 14 6.96 -15.14 -1.81
C ASN A 14 6.82 -13.62 -1.83
N TYR A 15 5.57 -13.17 -1.77
CA TYR A 15 5.28 -11.74 -1.71
C TYR A 15 5.98 -11.12 -0.50
N LEU A 16 5.97 -11.84 0.62
CA LEU A 16 6.61 -11.38 1.85
C LEU A 16 8.11 -11.23 1.63
N ASP A 17 8.72 -12.25 1.03
CA ASP A 17 10.15 -12.24 0.72
C ASP A 17 10.51 -10.98 -0.07
N GLN A 18 9.75 -10.71 -1.12
CA GLN A 18 9.97 -9.54 -1.97
C GLN A 18 9.72 -8.24 -1.18
N ILE A 19 8.51 -8.15 -0.63
CA ILE A 19 8.00 -6.93 0.01
C ILE A 19 8.80 -6.60 1.28
N ALA A 20 9.54 -7.58 1.78
CA ALA A 20 10.40 -7.35 2.94
C ALA A 20 11.81 -6.99 2.50
N LYS A 21 12.35 -7.76 1.56
CA LYS A 21 13.76 -7.65 1.17
C LYS A 21 14.05 -6.31 0.47
N PHE A 22 13.21 -5.92 -0.48
CA PHE A 22 13.42 -4.67 -1.21
C PHE A 22 13.43 -3.48 -0.25
N TRP A 23 12.37 -3.36 0.52
CA TRP A 23 12.21 -2.28 1.49
C TRP A 23 13.30 -2.33 2.56
N GLU A 24 13.71 -3.55 2.90
CA GLU A 24 14.78 -3.75 3.88
C GLU A 24 16.07 -3.07 3.41
N ILE A 25 16.50 -3.43 2.20
CA ILE A 25 17.75 -2.93 1.64
C ILE A 25 17.60 -1.46 1.21
N GLN A 26 16.37 -0.99 1.14
CA GLN A 26 16.11 0.43 0.85
C GLN A 26 16.61 1.30 2.00
N GLY A 27 17.03 0.65 3.10
CA GLY A 27 17.57 1.36 4.25
C GLY A 27 16.54 1.47 5.35
N SER A 28 15.64 0.50 5.40
CA SER A 28 14.58 0.48 6.41
C SER A 28 14.19 -0.96 6.75
N SER A 29 13.11 -1.12 7.51
CA SER A 29 12.57 -2.43 7.83
C SER A 29 11.05 -2.42 7.64
N LEU A 30 10.50 -3.58 7.29
CA LEU A 30 9.07 -3.69 6.99
C LEU A 30 8.27 -3.79 8.28
N LYS A 31 7.46 -2.76 8.56
CA LYS A 31 6.57 -2.76 9.71
C LYS A 31 5.15 -2.42 9.28
N ILE A 32 4.36 -3.45 8.96
CA ILE A 32 2.96 -3.26 8.61
C ILE A 32 2.07 -3.61 9.81
N PRO A 33 1.50 -2.58 10.47
CA PRO A 33 0.66 -2.76 11.66
C PRO A 33 -0.69 -3.41 11.35
N ASN A 34 -1.54 -3.45 12.37
CA ASN A 34 -2.89 -4.00 12.22
C ASN A 34 -3.90 -3.10 12.90
N VAL A 35 -5.09 -3.05 12.33
CA VAL A 35 -6.17 -2.27 12.87
C VAL A 35 -7.47 -3.06 12.76
N GLU A 36 -8.35 -2.93 13.76
CA GLU A 36 -9.62 -3.65 13.77
C GLU A 36 -9.39 -5.17 13.81
N ARG A 37 -8.19 -5.55 14.27
CA ARG A 37 -7.77 -6.95 14.38
C ARG A 37 -7.39 -7.51 13.00
N ARG A 38 -7.36 -6.63 12.00
CA ARG A 38 -6.96 -7.02 10.66
C ARG A 38 -5.60 -6.40 10.32
N ILE A 39 -4.67 -7.25 9.90
CA ILE A 39 -3.33 -6.80 9.51
C ILE A 39 -3.40 -5.98 8.23
N LEU A 40 -2.47 -5.04 8.08
CA LEU A 40 -2.38 -4.27 6.85
C LEU A 40 -1.88 -5.18 5.73
N ASP A 41 -2.83 -5.82 5.03
CA ASP A 41 -2.49 -6.73 3.94
C ASP A 41 -2.07 -5.93 2.72
N LEU A 42 -0.77 -5.69 2.61
CA LEU A 42 -0.19 -4.88 1.54
C LEU A 42 -0.55 -5.45 0.16
N TYR A 43 -0.79 -6.76 0.11
CA TYR A 43 -1.12 -7.44 -1.15
C TYR A 43 -2.44 -6.88 -1.71
N SER A 44 -3.46 -6.82 -0.86
CA SER A 44 -4.76 -6.28 -1.24
C SER A 44 -4.61 -4.80 -1.60
N LEU A 45 -3.78 -4.10 -0.84
CA LEU A 45 -3.50 -2.70 -1.08
C LEU A 45 -2.86 -2.53 -2.46
N SER A 46 -1.97 -3.47 -2.79
CA SER A 46 -1.27 -3.45 -4.09
C SER A 46 -2.28 -3.57 -5.22
N LYS A 47 -3.08 -4.64 -5.21
CA LYS A 47 -4.02 -4.91 -6.29
C LYS A 47 -5.03 -3.77 -6.41
N ILE A 48 -5.45 -3.22 -5.28
CA ILE A 48 -6.42 -2.13 -5.28
C ILE A 48 -5.83 -0.87 -5.91
N VAL A 49 -4.66 -0.44 -5.45
CA VAL A 49 -4.00 0.75 -6.00
C VAL A 49 -3.78 0.59 -7.51
N VAL A 50 -3.31 -0.59 -7.92
CA VAL A 50 -3.09 -0.89 -9.33
C VAL A 50 -4.40 -0.82 -10.12
N GLU A 51 -5.49 -1.28 -9.51
CA GLU A 51 -6.81 -1.20 -10.12
C GLU A 51 -7.21 0.26 -10.30
N GLU A 52 -6.89 1.07 -9.29
CA GLU A 52 -7.20 2.49 -9.28
C GLU A 52 -6.37 3.23 -10.34
N GLY A 53 -5.19 2.68 -10.63
CA GLY A 53 -4.37 3.19 -11.72
C GLY A 53 -3.24 4.12 -11.28
N GLY A 54 -3.27 4.53 -10.02
CA GLY A 54 -2.22 5.40 -9.52
C GLY A 54 -2.52 5.97 -8.15
N TYR A 55 -1.54 5.86 -7.25
CA TYR A 55 -1.62 6.40 -5.89
C TYR A 55 -2.14 7.84 -5.88
N GLU A 56 -1.49 8.71 -6.65
CA GLU A 56 -1.84 10.13 -6.72
C GLU A 56 -3.35 10.32 -6.95
N ALA A 57 -3.88 9.59 -7.93
CA ALA A 57 -5.30 9.69 -8.27
C ALA A 57 -6.17 9.28 -7.10
N ILE A 58 -5.76 8.24 -6.38
CA ILE A 58 -6.49 7.75 -5.23
C ILE A 58 -6.53 8.80 -4.13
N CYS A 59 -5.40 9.49 -3.94
CA CYS A 59 -5.29 10.55 -2.95
C CYS A 59 -6.26 11.69 -3.29
N LYS A 60 -6.32 12.05 -4.57
CA LYS A 60 -7.24 13.10 -5.03
C LYS A 60 -8.69 12.73 -4.75
N ASP A 61 -9.09 11.55 -5.20
CA ASP A 61 -10.48 11.10 -5.08
C ASP A 61 -10.76 10.57 -3.66
N ARG A 62 -9.71 10.38 -2.86
CA ARG A 62 -9.85 9.88 -1.49
C ARG A 62 -10.48 8.49 -1.50
N ARG A 63 -10.10 7.67 -2.48
CA ARG A 63 -10.71 6.35 -2.68
C ARG A 63 -10.35 5.40 -1.54
N TRP A 64 -9.39 5.81 -0.70
CA TRP A 64 -8.96 5.00 0.44
C TRP A 64 -10.14 4.61 1.31
N ALA A 65 -11.22 5.40 1.22
CA ALA A 65 -12.44 5.12 1.94
C ALA A 65 -13.00 3.73 1.59
N ARG A 66 -13.14 3.47 0.29
CA ARG A 66 -13.69 2.20 -0.18
C ARG A 66 -12.67 1.08 0.01
N VAL A 67 -11.39 1.44 -0.02
CA VAL A 67 -10.30 0.49 0.20
C VAL A 67 -10.40 -0.08 1.62
N ALA A 68 -10.38 0.81 2.60
CA ALA A 68 -10.51 0.44 4.00
C ALA A 68 -11.83 -0.30 4.21
N GLN A 69 -12.90 0.23 3.61
CA GLN A 69 -14.22 -0.39 3.68
C GLN A 69 -14.17 -1.82 3.11
N ARG A 70 -13.39 -1.99 2.04
CA ARG A 70 -13.22 -3.30 1.42
C ARG A 70 -12.58 -4.26 2.43
N LEU A 71 -11.61 -3.75 3.18
CA LEU A 71 -10.97 -4.54 4.24
C LEU A 71 -11.79 -4.51 5.54
N ASN A 72 -12.97 -3.87 5.46
CA ASN A 72 -13.96 -3.86 6.55
C ASN A 72 -13.53 -2.96 7.72
N TYR A 73 -12.67 -1.99 7.42
CA TYR A 73 -12.29 -0.98 8.41
C TYR A 73 -13.35 0.12 8.47
N PRO A 74 -13.43 0.85 9.59
CA PRO A 74 -14.32 2.01 9.71
C PRO A 74 -14.09 3.03 8.59
N PRO A 75 -15.15 3.38 7.83
CA PRO A 75 -15.08 4.38 6.76
C PRO A 75 -14.81 5.79 7.32
N GLY A 76 -15.26 6.83 6.62
CA GLY A 76 -15.06 8.19 7.08
C GLY A 76 -13.61 8.61 6.96
N LYS A 77 -12.86 7.86 6.14
CA LYS A 77 -11.43 8.08 5.92
C LYS A 77 -10.62 7.93 7.21
N ASN A 78 -11.24 7.41 8.27
CA ASN A 78 -10.57 7.27 9.57
C ASN A 78 -9.31 6.41 9.46
N ILE A 79 -9.48 5.19 8.98
CA ILE A 79 -8.33 4.29 8.78
C ILE A 79 -7.67 4.57 7.43
N GLY A 80 -8.42 5.22 6.53
CA GLY A 80 -7.87 5.61 5.24
C GLY A 80 -6.67 6.52 5.40
N SER A 81 -6.75 7.41 6.38
CA SER A 81 -5.65 8.30 6.70
C SER A 81 -4.43 7.50 7.18
N LEU A 82 -4.67 6.53 8.06
CA LEU A 82 -3.63 5.63 8.57
C LEU A 82 -2.93 4.93 7.39
N LEU A 83 -3.75 4.48 6.45
CA LEU A 83 -3.27 3.79 5.26
C LEU A 83 -2.35 4.69 4.44
N ARG A 84 -2.82 5.90 4.12
CA ARG A 84 -2.04 6.85 3.34
C ARG A 84 -0.74 7.19 4.07
N SER A 85 -0.83 7.34 5.39
CA SER A 85 0.33 7.67 6.21
C SER A 85 1.43 6.63 6.04
N HIS A 86 1.09 5.36 6.23
CA HIS A 86 2.08 4.29 6.09
C HIS A 86 2.50 4.10 4.64
N TYR A 87 1.61 4.47 3.72
CA TYR A 87 1.93 4.38 2.30
C TYR A 87 3.09 5.31 1.98
N GLU A 88 2.96 6.57 2.38
CA GLU A 88 3.97 7.60 2.07
C GLU A 88 5.38 7.11 2.40
N ARG A 89 5.53 6.47 3.55
CA ARG A 89 6.85 6.05 4.02
C ARG A 89 7.23 4.68 3.45
N ILE A 90 6.37 3.69 3.69
CA ILE A 90 6.70 2.29 3.40
C ILE A 90 6.40 1.90 1.95
N VAL A 91 5.17 2.16 1.51
CA VAL A 91 4.67 1.56 0.27
C VAL A 91 4.96 2.42 -0.96
N TYR A 92 5.16 3.72 -0.77
CA TYR A 92 5.34 4.63 -1.91
C TYR A 92 6.56 4.24 -2.78
N PRO A 93 7.70 3.85 -2.17
CA PRO A 93 8.83 3.29 -2.93
C PRO A 93 8.40 2.09 -3.79
N TYR A 94 7.40 1.35 -3.31
CA TYR A 94 6.88 0.18 -4.01
C TYR A 94 5.97 0.59 -5.16
N GLU A 95 5.44 1.80 -5.13
CA GLU A 95 4.74 2.34 -6.30
C GLU A 95 5.70 2.33 -7.48
N MET A 96 6.85 2.99 -7.29
CA MET A 96 7.88 3.06 -8.31
C MET A 96 8.40 1.67 -8.67
N TYR A 97 8.62 0.85 -7.65
CA TYR A 97 9.12 -0.52 -7.84
C TYR A 97 8.12 -1.39 -8.60
N GLN A 98 6.98 -1.66 -7.97
CA GLN A 98 5.98 -2.56 -8.53
C GLN A 98 5.48 -2.04 -9.87
N SER A 99 5.03 -0.79 -9.91
CA SER A 99 4.52 -0.22 -11.15
C SER A 99 5.65 -0.02 -12.15
N GLY A 100 6.86 0.23 -11.66
CA GLY A 100 8.02 0.29 -12.53
C GLY A 100 8.32 -1.07 -13.15
N ALA A 101 7.85 -2.13 -12.48
CA ALA A 101 7.99 -3.49 -12.98
C ALA A 101 6.82 -3.90 -13.88
N ASN A 102 5.63 -3.33 -13.61
CA ASN A 102 4.43 -3.68 -14.37
C ASN A 102 4.11 -2.62 -15.43
N LEU A 103 3.85 -1.41 -14.97
CA LEU A 103 3.49 -0.27 -15.83
C LEU A 103 3.28 0.97 -14.95
N VAL A 104 3.68 2.13 -15.45
CA VAL A 104 3.58 3.36 -14.66
C VAL A 104 3.20 4.56 -15.53
N CYS A 105 2.27 5.36 -15.04
CA CYS A 105 1.84 6.58 -15.73
C CYS A 105 1.85 7.79 -14.78
N ASN A 106 1.92 7.52 -13.48
CA ASN A 106 1.91 8.58 -12.46
C ASN A 106 3.32 9.05 -12.11
N THR A 107 4.27 8.81 -13.01
CA THR A 107 5.68 9.16 -12.79
C THR A 107 5.86 10.65 -12.44
N ARG A 108 5.11 11.53 -13.11
CA ARG A 108 5.26 12.98 -12.92
C ARG A 108 4.43 13.48 -11.72
N PRO A 109 3.11 13.16 -11.64
CA PRO A 109 2.25 13.62 -10.53
C PRO A 109 2.73 13.16 -9.15
N PHE A 110 3.75 12.30 -9.12
CA PHE A 110 4.42 11.90 -7.89
C PHE A 110 4.77 13.16 -7.07
N ASP A 111 5.57 14.03 -7.69
CA ASP A 111 5.99 15.29 -7.08
C ASP A 111 4.76 16.16 -6.76
N ASN A 112 3.74 16.06 -7.60
CA ASN A 112 2.52 16.83 -7.42
C ASN A 112 1.81 16.45 -6.14
N GLU A 113 1.85 15.17 -5.77
CA GLU A 113 1.20 14.71 -4.55
C GLU A 113 2.08 15.05 -3.34
N GLU A 114 3.40 15.02 -3.55
CA GLU A 114 4.33 15.43 -2.50
C GLU A 114 4.12 16.90 -2.13
N LYS A 115 3.84 17.73 -3.13
CA LYS A 115 3.53 19.14 -2.92
C LYS A 115 2.08 19.29 -2.46
N ASP A 116 1.22 18.42 -2.99
CA ASP A 116 -0.21 18.41 -2.68
C ASP A 116 -0.88 19.72 -3.10
N LYS A 117 -1.59 19.65 -4.23
CA LYS A 117 -2.30 20.81 -4.76
C LYS A 117 -3.75 20.81 -4.27
N SER A 1 1.41 -10.46 14.40
CA SER A 1 0.92 -9.25 13.70
C SER A 1 0.71 -9.53 12.21
N MET A 2 1.72 -10.11 11.58
CA MET A 2 1.72 -10.34 10.13
C MET A 2 0.86 -11.56 9.76
N ASN A 3 0.22 -12.15 10.76
CA ASN A 3 -0.57 -13.39 10.60
C ASN A 3 -1.28 -13.49 9.25
N GLU A 4 -1.98 -12.43 8.84
CA GLU A 4 -2.72 -12.44 7.56
C GLU A 4 -1.75 -12.53 6.38
N LEU A 5 -0.62 -11.83 6.49
CA LEU A 5 0.41 -11.87 5.46
C LEU A 5 1.15 -13.21 5.54
N GLU A 6 0.93 -13.94 6.63
CA GLU A 6 1.48 -15.28 6.81
C GLU A 6 0.40 -16.37 6.60
N ALA A 7 -0.85 -15.96 6.60
CA ALA A 7 -1.99 -16.87 6.63
C ALA A 7 -2.13 -17.71 5.36
N GLN A 8 -2.54 -17.06 4.28
CA GLN A 8 -2.82 -17.77 3.03
C GLN A 8 -1.55 -18.47 2.53
N THR A 9 -1.70 -19.68 2.00
CA THR A 9 -0.55 -20.54 1.76
C THR A 9 -0.01 -20.40 0.33
N ARG A 10 1.33 -20.31 0.24
CA ARG A 10 2.07 -20.25 -1.03
C ARG A 10 1.70 -19.01 -1.86
N VAL A 11 0.86 -18.15 -1.32
CA VAL A 11 0.59 -16.85 -1.93
C VAL A 11 1.14 -15.73 -1.04
N LYS A 12 0.81 -15.79 0.24
CA LYS A 12 1.25 -14.76 1.19
C LYS A 12 2.71 -14.99 1.56
N LEU A 13 3.09 -16.27 1.65
CA LEU A 13 4.45 -16.65 2.05
C LEU A 13 5.49 -16.09 1.08
N ASN A 14 5.31 -16.39 -0.21
CA ASN A 14 6.23 -15.95 -1.25
C ASN A 14 6.28 -14.43 -1.29
N TYR A 15 5.10 -13.82 -1.23
CA TYR A 15 4.97 -12.37 -1.22
C TYR A 15 5.68 -11.78 -0.01
N LEU A 16 5.58 -12.47 1.13
CA LEU A 16 6.22 -12.04 2.37
C LEU A 16 7.72 -11.98 2.17
N ASP A 17 8.26 -13.05 1.57
CA ASP A 17 9.70 -13.14 1.31
C ASP A 17 10.17 -11.96 0.46
N GLN A 18 9.53 -11.78 -0.69
CA GLN A 18 9.96 -10.73 -1.63
C GLN A 18 9.64 -9.32 -1.11
N ILE A 19 8.56 -9.18 -0.32
CA ILE A 19 8.17 -7.87 0.22
C ILE A 19 9.13 -7.46 1.32
N ALA A 20 9.66 -8.45 2.03
CA ALA A 20 10.63 -8.23 3.09
C ALA A 20 12.00 -7.91 2.49
N LYS A 21 12.32 -8.60 1.39
CA LYS A 21 13.60 -8.41 0.71
C LYS A 21 13.71 -7.02 0.08
N PHE A 22 12.88 -6.76 -0.93
CA PHE A 22 13.00 -5.52 -1.70
C PHE A 22 12.98 -4.30 -0.78
N TRP A 23 12.10 -4.32 0.21
CA TRP A 23 11.92 -3.18 1.08
C TRP A 23 13.06 -3.05 2.09
N GLU A 24 13.63 -4.17 2.53
CA GLU A 24 14.72 -4.12 3.51
C GLU A 24 15.96 -3.54 2.86
N ILE A 25 16.19 -3.92 1.61
CA ILE A 25 17.35 -3.45 0.86
C ILE A 25 17.13 -2.01 0.38
N GLN A 26 15.88 -1.58 0.40
CA GLN A 26 15.51 -0.22 -0.02
C GLN A 26 15.81 0.79 1.11
N GLY A 27 16.95 0.61 1.77
CA GLY A 27 17.38 1.50 2.84
C GLY A 27 16.38 1.58 3.98
N SER A 28 15.61 0.52 4.19
CA SER A 28 14.56 0.52 5.19
C SER A 28 14.36 -0.88 5.79
N SER A 29 13.32 -1.03 6.60
CA SER A 29 12.95 -2.31 7.18
C SER A 29 11.44 -2.51 7.06
N LEU A 30 11.01 -3.76 6.96
CA LEU A 30 9.60 -4.06 6.72
C LEU A 30 8.75 -3.83 7.96
N LYS A 31 7.93 -2.78 7.92
CA LYS A 31 6.98 -2.48 8.98
C LYS A 31 5.68 -1.92 8.39
N ILE A 32 4.62 -2.71 8.49
CA ILE A 32 3.27 -2.28 8.11
C ILE A 32 2.32 -2.51 9.29
N PRO A 33 1.90 -1.42 9.96
CA PRO A 33 1.08 -1.48 11.19
C PRO A 33 -0.24 -2.24 10.99
N ASN A 34 -0.92 -2.52 12.10
CA ASN A 34 -2.19 -3.22 12.08
C ASN A 34 -3.27 -2.34 12.65
N VAL A 35 -4.48 -2.54 12.15
CA VAL A 35 -5.64 -1.80 12.59
C VAL A 35 -6.84 -2.76 12.68
N GLU A 36 -7.70 -2.54 13.68
CA GLU A 36 -8.91 -3.36 13.85
C GLU A 36 -8.56 -4.83 14.12
N ARG A 37 -7.33 -5.03 14.60
CA ARG A 37 -6.81 -6.35 14.97
C ARG A 37 -6.35 -7.14 13.74
N ARG A 38 -6.27 -6.47 12.60
CA ARG A 38 -5.73 -7.08 11.38
C ARG A 38 -4.63 -6.20 10.80
N ILE A 39 -3.57 -6.85 10.32
CA ILE A 39 -2.44 -6.14 9.74
C ILE A 39 -2.83 -5.47 8.42
N LEU A 40 -2.21 -4.34 8.13
CA LEU A 40 -2.44 -3.64 6.88
C LEU A 40 -1.90 -4.49 5.73
N ASP A 41 -2.79 -5.28 5.14
CA ASP A 41 -2.39 -6.27 4.13
C ASP A 41 -1.99 -5.58 2.83
N LEU A 42 -0.69 -5.36 2.69
CA LEU A 42 -0.12 -4.66 1.53
C LEU A 42 -0.47 -5.38 0.23
N TYR A 43 -0.71 -6.67 0.31
CA TYR A 43 -0.98 -7.50 -0.87
C TYR A 43 -2.28 -7.05 -1.55
N SER A 44 -3.38 -7.18 -0.83
CA SER A 44 -4.69 -6.79 -1.32
C SER A 44 -4.68 -5.29 -1.67
N LEU A 45 -4.02 -4.52 -0.83
CA LEU A 45 -3.86 -3.09 -1.06
C LEU A 45 -3.19 -2.84 -2.40
N SER A 46 -2.11 -3.57 -2.67
CA SER A 46 -1.34 -3.39 -3.88
C SER A 46 -2.20 -3.69 -5.11
N LYS A 47 -2.86 -4.84 -5.12
CA LYS A 47 -3.68 -5.22 -6.26
C LYS A 47 -4.81 -4.23 -6.46
N ILE A 48 -5.36 -3.72 -5.36
CA ILE A 48 -6.43 -2.73 -5.42
C ILE A 48 -5.92 -1.45 -6.08
N VAL A 49 -4.76 -0.97 -5.64
CA VAL A 49 -4.15 0.23 -6.21
C VAL A 49 -3.93 0.04 -7.72
N VAL A 50 -3.50 -1.16 -8.11
CA VAL A 50 -3.32 -1.49 -9.52
C VAL A 50 -4.66 -1.42 -10.26
N GLU A 51 -5.71 -1.95 -9.63
CA GLU A 51 -7.06 -1.89 -10.20
C GLU A 51 -7.48 -0.43 -10.39
N GLU A 52 -7.22 0.36 -9.37
CA GLU A 52 -7.58 1.78 -9.36
C GLU A 52 -6.66 2.57 -10.30
N GLY A 53 -5.50 2.00 -10.59
CA GLY A 53 -4.62 2.55 -11.61
C GLY A 53 -3.48 3.38 -11.05
N GLY A 54 -3.51 3.70 -9.76
CA GLY A 54 -2.44 4.48 -9.16
C GLY A 54 -2.77 5.01 -7.78
N TYR A 55 -1.77 4.97 -6.89
CA TYR A 55 -1.89 5.52 -5.54
C TYR A 55 -2.40 6.96 -5.57
N GLU A 56 -1.79 7.75 -6.44
CA GLU A 56 -2.07 9.18 -6.54
C GLU A 56 -3.53 9.46 -6.84
N ALA A 57 -4.12 8.63 -7.71
CA ALA A 57 -5.52 8.77 -8.07
C ALA A 57 -6.38 8.54 -6.84
N ILE A 58 -6.15 7.42 -6.17
CA ILE A 58 -6.91 7.06 -4.97
C ILE A 58 -6.65 8.10 -3.87
N CYS A 59 -5.43 8.61 -3.85
CA CYS A 59 -4.98 9.56 -2.85
C CYS A 59 -5.67 10.92 -3.04
N LYS A 60 -5.78 11.36 -4.29
CA LYS A 60 -6.37 12.64 -4.58
C LYS A 60 -7.90 12.56 -4.57
N ASP A 61 -8.42 11.35 -4.76
CA ASP A 61 -9.87 11.12 -4.76
C ASP A 61 -10.36 10.51 -3.44
N ARG A 62 -9.43 10.21 -2.52
CA ARG A 62 -9.79 9.69 -1.19
C ARG A 62 -10.52 8.35 -1.27
N ARG A 63 -10.30 7.60 -2.34
CA ARG A 63 -11.04 6.35 -2.58
C ARG A 63 -10.54 5.23 -1.64
N TRP A 64 -9.64 5.57 -0.73
CA TRP A 64 -9.14 4.62 0.26
C TRP A 64 -10.28 4.10 1.13
N ALA A 65 -11.40 4.82 1.12
CA ALA A 65 -12.59 4.41 1.84
C ALA A 65 -13.05 3.03 1.37
N ARG A 66 -13.26 2.88 0.06
CA ARG A 66 -13.70 1.61 -0.51
C ARG A 66 -12.61 0.55 -0.37
N VAL A 67 -11.36 0.99 -0.38
CA VAL A 67 -10.22 0.09 -0.22
C VAL A 67 -10.27 -0.58 1.14
N ALA A 68 -10.33 0.23 2.20
CA ALA A 68 -10.41 -0.28 3.56
C ALA A 68 -11.71 -1.08 3.74
N GLN A 69 -12.76 -0.66 3.04
CA GLN A 69 -14.03 -1.39 3.04
C GLN A 69 -13.83 -2.80 2.48
N ARG A 70 -13.03 -2.89 1.41
CA ARG A 70 -12.72 -4.19 0.80
C ARG A 70 -11.87 -5.02 1.76
N LEU A 71 -10.98 -4.36 2.48
CA LEU A 71 -10.15 -5.00 3.49
C LEU A 71 -10.96 -5.27 4.77
N ASN A 72 -12.28 -5.15 4.66
CA ASN A 72 -13.25 -5.45 5.73
C ASN A 72 -12.95 -4.68 7.02
N TYR A 73 -12.38 -3.49 6.87
CA TYR A 73 -12.28 -2.55 7.98
C TYR A 73 -13.50 -1.63 7.97
N PRO A 74 -13.90 -1.06 9.12
CA PRO A 74 -14.89 0.01 9.15
C PRO A 74 -14.26 1.31 8.61
N PRO A 75 -14.60 1.69 7.36
CA PRO A 75 -13.92 2.78 6.65
C PRO A 75 -13.83 4.07 7.46
N GLY A 76 -14.95 4.82 7.52
CA GLY A 76 -14.98 6.07 8.27
C GLY A 76 -13.95 7.09 7.79
N LYS A 77 -13.23 6.74 6.72
CA LYS A 77 -12.12 7.56 6.19
C LYS A 77 -10.94 7.56 7.17
N ASN A 78 -11.10 6.91 8.32
CA ASN A 78 -10.07 6.89 9.37
C ASN A 78 -8.91 6.00 8.96
N ILE A 79 -9.22 4.73 8.67
CA ILE A 79 -8.19 3.77 8.27
C ILE A 79 -7.63 4.17 6.91
N GLY A 80 -8.45 4.88 6.12
CA GLY A 80 -8.00 5.40 4.85
C GLY A 80 -6.86 6.40 5.01
N SER A 81 -7.02 7.31 5.96
CA SER A 81 -5.97 8.29 6.27
C SER A 81 -4.74 7.58 6.84
N LEU A 82 -4.98 6.61 7.73
CA LEU A 82 -3.94 5.77 8.31
C LEU A 82 -3.10 5.14 7.18
N LEU A 83 -3.81 4.54 6.24
CA LEU A 83 -3.21 3.88 5.08
C LEU A 83 -2.37 4.87 4.27
N ARG A 84 -2.96 6.00 3.89
CA ARG A 84 -2.27 7.00 3.09
C ARG A 84 -0.99 7.46 3.78
N SER A 85 -1.10 7.85 5.05
CA SER A 85 0.03 8.39 5.79
C SER A 85 1.18 7.39 5.85
N HIS A 86 0.89 6.12 6.13
CA HIS A 86 1.94 5.11 6.19
C HIS A 86 2.44 4.75 4.79
N TYR A 87 1.57 4.87 3.80
CA TYR A 87 1.96 4.60 2.41
C TYR A 87 2.99 5.62 1.96
N GLU A 88 2.65 6.89 2.12
CA GLU A 88 3.47 8.01 1.66
C GLU A 88 4.89 7.94 2.23
N ARG A 89 5.05 7.30 3.39
CA ARG A 89 6.36 7.19 4.03
C ARG A 89 7.04 5.86 3.70
N ILE A 90 6.27 4.77 3.74
CA ILE A 90 6.81 3.42 3.62
C ILE A 90 6.60 2.83 2.21
N VAL A 91 5.35 2.78 1.77
CA VAL A 91 4.99 2.03 0.57
C VAL A 91 5.09 2.88 -0.70
N TYR A 92 5.34 4.18 -0.54
CA TYR A 92 5.40 5.08 -1.70
C TYR A 92 6.53 4.66 -2.67
N PRO A 93 7.75 4.32 -2.17
CA PRO A 93 8.81 3.77 -3.03
C PRO A 93 8.33 2.54 -3.82
N TYR A 94 7.39 1.80 -3.24
CA TYR A 94 6.83 0.62 -3.90
C TYR A 94 5.97 1.02 -5.09
N GLU A 95 5.37 2.21 -5.04
CA GLU A 95 4.65 2.75 -6.20
C GLU A 95 5.64 2.98 -7.34
N MET A 96 6.78 3.60 -7.02
CA MET A 96 7.86 3.78 -7.99
C MET A 96 8.26 2.45 -8.60
N TYR A 97 8.38 1.43 -7.76
CA TYR A 97 8.78 0.09 -8.19
C TYR A 97 7.69 -0.56 -9.05
N GLN A 98 6.46 -0.56 -8.56
CA GLN A 98 5.35 -1.26 -9.21
C GLN A 98 4.93 -0.53 -10.49
N SER A 99 4.73 0.79 -10.38
CA SER A 99 4.46 1.61 -11.56
C SER A 99 5.63 1.53 -12.53
N GLY A 100 6.84 1.59 -11.99
CA GLY A 100 8.03 1.50 -12.83
C GLY A 100 8.11 0.17 -13.56
N ALA A 101 7.58 -0.88 -12.93
CA ALA A 101 7.56 -2.21 -13.52
C ALA A 101 6.50 -2.30 -14.62
N ASN A 102 5.31 -1.76 -14.36
CA ASN A 102 4.18 -1.88 -15.28
C ASN A 102 4.19 -0.74 -16.31
N LEU A 103 4.07 0.50 -15.82
CA LEU A 103 4.10 1.69 -16.68
C LEU A 103 4.30 2.93 -15.81
N VAL A 104 5.34 3.70 -16.09
CA VAL A 104 5.70 4.84 -15.25
C VAL A 104 4.99 6.12 -15.70
N CYS A 105 4.00 6.52 -14.91
CA CYS A 105 3.29 7.79 -15.14
C CYS A 105 3.21 8.58 -13.84
N ASN A 106 3.76 8.01 -12.78
CA ASN A 106 3.66 8.59 -11.43
C ASN A 106 4.77 9.61 -11.18
N THR A 107 5.85 9.52 -11.94
CA THR A 107 7.06 10.31 -11.70
C THR A 107 6.78 11.81 -11.54
N ARG A 108 5.72 12.31 -12.16
CA ARG A 108 5.43 13.75 -12.15
C ARG A 108 4.35 14.12 -11.13
N PRO A 109 3.17 13.45 -11.12
CA PRO A 109 2.14 13.70 -10.10
C PRO A 109 2.65 13.41 -8.69
N PHE A 110 3.65 12.53 -8.61
CA PHE A 110 4.31 12.16 -7.35
C PHE A 110 4.63 13.41 -6.53
N ASP A 111 5.50 14.25 -7.08
CA ASP A 111 5.98 15.44 -6.39
C ASP A 111 4.83 16.39 -6.08
N ASN A 112 3.82 16.41 -6.95
CA ASN A 112 2.67 17.30 -6.78
C ASN A 112 1.84 16.88 -5.55
N GLU A 113 1.64 15.57 -5.41
CA GLU A 113 0.89 15.03 -4.27
C GLU A 113 1.75 15.13 -3.00
N GLU A 114 3.06 14.96 -3.18
CA GLU A 114 4.03 15.12 -2.10
C GLU A 114 4.02 16.57 -1.59
N LYS A 115 3.89 17.50 -2.52
CA LYS A 115 3.85 18.93 -2.19
C LYS A 115 2.54 19.27 -1.48
N ASP A 116 1.41 18.99 -2.13
CA ASP A 116 0.08 19.36 -1.62
C ASP A 116 0.05 20.87 -1.41
N LYS A 117 0.91 21.58 -2.14
CA LYS A 117 1.13 23.00 -1.96
C LYS A 117 1.60 23.62 -3.27
N SER A 1 2.75 -9.64 13.24
CA SER A 1 1.58 -9.41 12.36
C SER A 1 1.78 -10.10 11.00
N MET A 2 3.04 -10.19 10.55
CA MET A 2 3.36 -10.80 9.25
C MET A 2 2.80 -12.22 9.16
N ASN A 3 2.77 -12.90 10.30
CA ASN A 3 2.20 -14.25 10.41
C ASN A 3 0.75 -14.26 9.90
N GLU A 4 0.00 -13.22 10.25
CA GLU A 4 -1.41 -13.10 9.87
C GLU A 4 -1.54 -13.02 8.34
N LEU A 5 -0.48 -12.59 7.68
CA LEU A 5 -0.44 -12.59 6.21
C LEU A 5 -0.06 -13.99 5.73
N GLU A 6 0.89 -14.60 6.43
CA GLU A 6 1.36 -15.95 6.10
C GLU A 6 0.33 -17.00 6.55
N ALA A 7 -0.77 -16.51 7.13
CA ALA A 7 -1.96 -17.34 7.38
C ALA A 7 -2.27 -18.20 6.16
N GLN A 8 -2.04 -17.62 4.98
CA GLN A 8 -2.09 -18.38 3.72
C GLN A 8 -0.65 -18.78 3.35
N THR A 9 -0.47 -19.99 2.83
CA THR A 9 0.87 -20.57 2.77
C THR A 9 1.32 -20.91 1.34
N ARG A 10 2.62 -20.71 1.11
CA ARG A 10 3.32 -21.02 -0.14
C ARG A 10 2.83 -20.14 -1.30
N VAL A 11 1.94 -19.21 -1.00
CA VAL A 11 1.60 -18.13 -1.92
C VAL A 11 2.10 -16.82 -1.35
N LYS A 12 1.99 -16.70 -0.03
CA LYS A 12 2.41 -15.51 0.69
C LYS A 12 3.92 -15.54 0.92
N LEU A 13 4.53 -16.72 0.87
CA LEU A 13 5.97 -16.86 1.08
C LEU A 13 6.75 -16.04 0.05
N ASN A 14 6.48 -16.27 -1.22
CA ASN A 14 7.16 -15.54 -2.29
C ASN A 14 6.94 -14.04 -2.13
N TYR A 15 5.66 -13.64 -2.02
CA TYR A 15 5.30 -12.24 -1.90
C TYR A 15 5.96 -11.61 -0.68
N LEU A 16 5.97 -12.33 0.44
CA LEU A 16 6.49 -11.82 1.70
C LEU A 16 8.00 -11.65 1.64
N ASP A 17 8.68 -12.69 1.17
CA ASP A 17 10.13 -12.66 1.03
C ASP A 17 10.56 -11.45 0.21
N GLN A 18 9.89 -11.28 -0.93
CA GLN A 18 10.17 -10.18 -1.84
C GLN A 18 9.81 -8.82 -1.21
N ILE A 19 8.59 -8.72 -0.70
CA ILE A 19 8.04 -7.46 -0.19
C ILE A 19 8.83 -6.98 1.04
N ALA A 20 9.50 -7.92 1.69
CA ALA A 20 10.39 -7.59 2.79
C ALA A 20 11.77 -7.25 2.25
N LYS A 21 12.28 -8.11 1.37
CA LYS A 21 13.65 -8.01 0.86
C LYS A 21 13.91 -6.66 0.20
N PHE A 22 13.15 -6.35 -0.86
CA PHE A 22 13.36 -5.11 -1.62
C PHE A 22 13.31 -3.89 -0.69
N TRP A 23 12.39 -3.93 0.27
CA TRP A 23 12.16 -2.81 1.16
C TRP A 23 13.26 -2.71 2.23
N GLU A 24 13.71 -3.85 2.74
CA GLU A 24 14.73 -3.84 3.79
C GLU A 24 16.08 -3.43 3.20
N ILE A 25 16.35 -3.92 1.99
CA ILE A 25 17.60 -3.60 1.30
C ILE A 25 17.56 -2.17 0.75
N GLN A 26 16.38 -1.54 0.84
CA GLN A 26 16.23 -0.12 0.52
C GLN A 26 16.70 0.73 1.71
N GLY A 27 17.30 0.07 2.70
CA GLY A 27 17.79 0.76 3.88
C GLY A 27 16.69 0.99 4.90
N SER A 28 15.77 0.04 4.96
CA SER A 28 14.57 0.18 5.78
C SER A 28 14.17 -1.18 6.36
N SER A 29 12.99 -1.24 6.96
CA SER A 29 12.44 -2.49 7.46
C SER A 29 10.94 -2.52 7.20
N LEU A 30 10.40 -3.72 6.96
CA LEU A 30 8.99 -3.88 6.63
C LEU A 30 8.14 -3.75 7.89
N LYS A 31 7.83 -2.51 8.26
CA LYS A 31 7.02 -2.22 9.42
C LYS A 31 5.58 -1.94 8.98
N ILE A 32 4.76 -2.99 8.98
CA ILE A 32 3.36 -2.89 8.58
C ILE A 32 2.44 -2.99 9.80
N PRO A 33 1.86 -1.84 10.22
CA PRO A 33 0.97 -1.76 11.39
C PRO A 33 -0.37 -2.46 11.18
N ASN A 34 -1.26 -2.33 12.16
CA ASN A 34 -2.57 -2.97 12.12
C ASN A 34 -3.66 -2.05 12.64
N VAL A 35 -4.87 -2.30 12.17
CA VAL A 35 -6.04 -1.57 12.59
C VAL A 35 -7.24 -2.53 12.65
N GLU A 36 -8.11 -2.36 13.66
CA GLU A 36 -9.26 -3.25 13.86
C GLU A 36 -8.79 -4.67 14.19
N ARG A 37 -7.56 -4.73 14.69
CA ARG A 37 -6.88 -5.99 15.01
C ARG A 37 -6.52 -6.75 13.74
N ARG A 38 -6.66 -6.08 12.60
CA ARG A 38 -6.28 -6.65 11.30
C ARG A 38 -4.99 -6.00 10.81
N ILE A 39 -4.00 -6.82 10.47
CA ILE A 39 -2.77 -6.33 9.88
C ILE A 39 -3.05 -5.69 8.53
N LEU A 40 -2.34 -4.61 8.22
CA LEU A 40 -2.46 -3.98 6.91
C LEU A 40 -1.83 -4.91 5.87
N ASP A 41 -2.65 -5.79 5.31
CA ASP A 41 -2.19 -6.76 4.32
C ASP A 41 -1.96 -6.08 2.97
N LEU A 42 -0.72 -5.66 2.78
CA LEU A 42 -0.30 -4.91 1.59
C LEU A 42 -0.76 -5.58 0.30
N TYR A 43 -0.77 -6.90 0.31
CA TYR A 43 -1.15 -7.69 -0.86
C TYR A 43 -2.46 -7.18 -1.48
N SER A 44 -3.52 -7.15 -0.68
CA SER A 44 -4.82 -6.68 -1.15
C SER A 44 -4.74 -5.22 -1.55
N LEU A 45 -4.04 -4.43 -0.76
CA LEU A 45 -3.84 -3.01 -1.05
C LEU A 45 -3.16 -2.86 -2.40
N SER A 46 -2.24 -3.78 -2.70
CA SER A 46 -1.50 -3.75 -3.95
C SER A 46 -2.44 -3.97 -5.12
N LYS A 47 -3.22 -5.06 -5.08
CA LYS A 47 -4.12 -5.39 -6.18
C LYS A 47 -5.21 -4.33 -6.32
N ILE A 48 -5.57 -3.69 -5.22
CA ILE A 48 -6.59 -2.65 -5.23
C ILE A 48 -6.05 -1.34 -5.81
N VAL A 49 -4.85 -0.94 -5.40
CA VAL A 49 -4.22 0.27 -5.94
C VAL A 49 -3.98 0.11 -7.44
N VAL A 50 -3.62 -1.11 -7.86
CA VAL A 50 -3.44 -1.43 -9.28
C VAL A 50 -4.80 -1.41 -9.99
N GLU A 51 -5.83 -1.89 -9.30
CA GLU A 51 -7.21 -1.82 -9.79
C GLU A 51 -7.60 -0.36 -10.04
N GLU A 52 -7.21 0.50 -9.10
CA GLU A 52 -7.53 1.91 -9.16
C GLU A 52 -6.63 2.63 -10.18
N GLY A 53 -5.41 2.14 -10.34
CA GLY A 53 -4.53 2.61 -11.40
C GLY A 53 -3.36 3.46 -10.90
N GLY A 54 -3.37 3.86 -9.63
CA GLY A 54 -2.25 4.63 -9.11
C GLY A 54 -2.54 5.27 -7.76
N TYR A 55 -1.60 5.14 -6.81
CA TYR A 55 -1.71 5.73 -5.47
C TYR A 55 -2.12 7.20 -5.54
N GLU A 56 -1.38 7.97 -6.33
CA GLU A 56 -1.59 9.42 -6.44
C GLU A 56 -3.02 9.73 -6.89
N ALA A 57 -3.49 8.99 -7.89
CA ALA A 57 -4.83 9.20 -8.43
C ALA A 57 -5.89 8.89 -7.37
N ILE A 58 -5.69 7.80 -6.64
CA ILE A 58 -6.59 7.41 -5.56
C ILE A 58 -6.66 8.49 -4.51
N CYS A 59 -5.51 9.07 -4.20
CA CYS A 59 -5.39 10.07 -3.16
C CYS A 59 -6.12 11.35 -3.56
N LYS A 60 -5.86 11.83 -4.78
CA LYS A 60 -6.48 13.05 -5.28
C LYS A 60 -7.98 12.87 -5.49
N ASP A 61 -8.40 11.64 -5.80
CA ASP A 61 -9.82 11.37 -6.05
C ASP A 61 -10.50 10.85 -4.77
N ARG A 62 -9.70 10.64 -3.72
CA ARG A 62 -10.21 10.22 -2.40
C ARG A 62 -10.92 8.87 -2.47
N ARG A 63 -10.36 7.93 -3.22
CA ARG A 63 -10.95 6.60 -3.36
C ARG A 63 -10.56 5.70 -2.18
N TRP A 64 -9.66 6.21 -1.32
CA TRP A 64 -9.20 5.44 -0.16
C TRP A 64 -10.36 5.00 0.72
N ALA A 65 -11.48 5.71 0.62
CA ALA A 65 -12.66 5.37 1.39
C ALA A 65 -13.15 3.97 1.05
N ARG A 66 -13.37 3.69 -0.24
CA ARG A 66 -13.83 2.37 -0.66
C ARG A 66 -12.71 1.34 -0.55
N VAL A 67 -11.47 1.80 -0.57
CA VAL A 67 -10.32 0.90 -0.40
C VAL A 67 -10.30 0.34 1.02
N ALA A 68 -10.41 1.24 2.00
CA ALA A 68 -10.47 0.83 3.40
C ALA A 68 -11.71 -0.02 3.63
N GLN A 69 -12.83 0.40 3.04
CA GLN A 69 -14.08 -0.37 3.11
C GLN A 69 -13.89 -1.76 2.47
N ARG A 70 -13.06 -1.81 1.44
CA ARG A 70 -12.71 -3.07 0.78
C ARG A 70 -12.00 -3.99 1.77
N LEU A 71 -11.09 -3.42 2.55
CA LEU A 71 -10.38 -4.16 3.61
C LEU A 71 -11.24 -4.24 4.88
N ASN A 72 -12.53 -3.91 4.75
CA ASN A 72 -13.51 -3.98 5.84
C ASN A 72 -13.13 -3.12 7.04
N TYR A 73 -12.41 -2.04 6.78
CA TYR A 73 -12.14 -1.03 7.81
C TYR A 73 -13.35 -0.10 7.93
N PRO A 74 -13.49 0.62 9.06
CA PRO A 74 -14.53 1.63 9.22
C PRO A 74 -14.52 2.68 8.10
N PRO A 75 -15.66 2.90 7.42
CA PRO A 75 -15.78 3.90 6.35
C PRO A 75 -15.63 5.34 6.88
N GLY A 76 -16.05 6.32 6.08
CA GLY A 76 -15.90 7.71 6.47
C GLY A 76 -14.47 8.19 6.31
N LYS A 77 -13.71 7.48 5.47
CA LYS A 77 -12.28 7.75 5.19
C LYS A 77 -11.45 7.92 6.47
N ASN A 78 -11.98 7.46 7.59
CA ASN A 78 -11.28 7.59 8.88
C ASN A 78 -9.94 6.86 8.85
N ILE A 79 -9.98 5.58 8.50
CA ILE A 79 -8.75 4.79 8.40
C ILE A 79 -8.02 5.11 7.09
N GLY A 80 -8.70 5.84 6.20
CA GLY A 80 -8.10 6.24 4.94
C GLY A 80 -6.85 7.07 5.14
N SER A 81 -6.87 7.93 6.16
CA SER A 81 -5.72 8.76 6.51
C SER A 81 -4.59 7.89 7.06
N LEU A 82 -4.97 6.90 7.87
CA LEU A 82 -4.03 5.93 8.42
C LEU A 82 -3.36 5.15 7.29
N LEU A 83 -4.16 4.80 6.30
CA LEU A 83 -3.70 4.03 5.14
C LEU A 83 -2.68 4.85 4.34
N ARG A 84 -3.08 6.07 3.96
CA ARG A 84 -2.19 6.97 3.23
C ARG A 84 -0.89 7.20 4.00
N SER A 85 -1.03 7.37 5.31
CA SER A 85 0.12 7.60 6.18
C SER A 85 1.13 6.46 6.06
N HIS A 86 0.67 5.23 6.34
CA HIS A 86 1.54 4.06 6.31
C HIS A 86 2.11 3.85 4.92
N TYR A 87 1.29 4.14 3.90
CA TYR A 87 1.71 3.98 2.51
C TYR A 87 2.94 4.85 2.24
N GLU A 88 2.83 6.13 2.57
CA GLU A 88 3.89 7.10 2.29
C GLU A 88 5.22 6.68 2.90
N ARG A 89 5.16 6.11 4.11
CA ARG A 89 6.38 5.83 4.87
C ARG A 89 7.03 4.52 4.43
N ILE A 90 6.21 3.56 4.00
CA ILE A 90 6.69 2.21 3.70
C ILE A 90 6.48 1.83 2.23
N VAL A 91 5.26 2.00 1.74
CA VAL A 91 4.85 1.41 0.46
C VAL A 91 5.09 2.35 -0.72
N TYR A 92 5.28 3.63 -0.46
CA TYR A 92 5.37 4.63 -1.54
C TYR A 92 6.48 4.28 -2.55
N PRO A 93 7.69 3.86 -2.10
CA PRO A 93 8.74 3.38 -3.01
C PRO A 93 8.23 2.26 -3.94
N TYR A 94 7.30 1.46 -3.43
CA TYR A 94 6.73 0.35 -4.20
C TYR A 94 5.80 0.86 -5.30
N GLU A 95 5.21 2.03 -5.11
CA GLU A 95 4.42 2.67 -6.16
C GLU A 95 5.30 2.85 -7.40
N MET A 96 6.42 3.55 -7.21
CA MET A 96 7.39 3.77 -8.28
C MET A 96 7.95 2.44 -8.80
N TYR A 97 8.18 1.50 -7.90
CA TYR A 97 8.73 0.20 -8.24
C TYR A 97 7.76 -0.60 -9.13
N GLN A 98 6.62 -0.96 -8.55
CA GLN A 98 5.61 -1.76 -9.25
C GLN A 98 5.15 -1.06 -10.52
N SER A 99 4.66 0.16 -10.36
CA SER A 99 4.12 0.91 -11.50
C SER A 99 5.22 1.23 -12.50
N GLY A 100 6.39 1.63 -12.00
CA GLY A 100 7.50 1.95 -12.88
C GLY A 100 7.94 0.77 -13.71
N ALA A 101 7.71 -0.44 -13.19
CA ALA A 101 8.01 -1.67 -13.92
C ALA A 101 6.90 -2.03 -14.90
N ASN A 102 5.65 -1.94 -14.45
CA ASN A 102 4.50 -2.42 -15.24
C ASN A 102 3.85 -1.29 -16.04
N LEU A 103 3.40 -0.24 -15.35
CA LEU A 103 2.73 0.88 -16.00
C LEU A 103 2.67 2.06 -15.04
N VAL A 104 3.05 3.26 -15.51
CA VAL A 104 3.10 4.43 -14.64
C VAL A 104 2.60 5.68 -15.37
N CYS A 105 1.43 6.15 -14.96
CA CYS A 105 0.83 7.36 -15.50
C CYS A 105 1.02 8.53 -14.53
N ASN A 106 1.19 8.19 -13.26
CA ASN A 106 1.37 9.17 -12.18
C ASN A 106 2.85 9.49 -11.97
N THR A 107 3.66 9.24 -13.00
CA THR A 107 5.10 9.37 -12.91
C THR A 107 5.54 10.76 -12.42
N ARG A 108 4.87 11.82 -12.87
CA ARG A 108 5.28 13.18 -12.51
C ARG A 108 4.75 13.60 -11.13
N PRO A 109 3.40 13.54 -10.91
CA PRO A 109 2.79 14.03 -9.67
C PRO A 109 3.21 13.25 -8.42
N PHE A 110 4.17 12.35 -8.60
CA PHE A 110 4.76 11.61 -7.48
C PHE A 110 5.22 12.59 -6.39
N ASP A 111 5.99 13.59 -6.80
CA ASP A 111 6.47 14.61 -5.86
C ASP A 111 5.31 15.49 -5.42
N ASN A 112 4.38 15.72 -6.34
CA ASN A 112 3.20 16.53 -6.08
C ASN A 112 2.35 15.91 -4.96
N GLU A 113 2.40 14.58 -4.86
CA GLU A 113 1.66 13.87 -3.81
C GLU A 113 2.48 13.85 -2.52
N GLU A 114 3.77 13.62 -2.66
CA GLU A 114 4.69 13.68 -1.52
C GLU A 114 4.69 15.09 -0.92
N LYS A 115 4.40 16.07 -1.77
CA LYS A 115 4.35 17.47 -1.39
C LYS A 115 2.92 17.99 -1.44
N ASP A 116 1.96 17.07 -1.37
CA ASP A 116 0.53 17.43 -1.39
C ASP A 116 0.18 18.29 -0.17
N LYS A 117 0.96 18.12 0.88
CA LYS A 117 0.74 18.88 2.11
C LYS A 117 1.24 20.32 1.95
#